data_4M10
#
_entry.id   4M10
#
_cell.length_a   122.612
_cell.length_b   134.077
_cell.length_c   180.439
_cell.angle_alpha   90.00
_cell.angle_beta   90.00
_cell.angle_gamma   90.00
#
_symmetry.space_group_name_H-M   'P 2 21 21'
#
loop_
_entity.id
_entity.type
_entity.pdbx_description
1 polymer 'Prostaglandin G/H synthase 2'
2 branched 2-acetamido-2-deoxy-beta-D-glucopyranose-(1-4)-2-acetamido-2-deoxy-beta-D-glucopyranose
3 non-polymer 2-acetamido-2-deoxy-beta-D-glucopyranose
4 non-polymer 'PROTOPORPHYRIN IX CONTAINING FE'
5 non-polymer '4-hydroxy-2-methyl-N-(5-methyl-1,2-oxazol-3-yl)-2H-1,2-benzothiazine-3-carboxamide 1,1-dioxide'
6 non-polymer 'octyl beta-D-glucopyranoside'
7 water water
#
_entity_poly.entity_id   1
_entity_poly.type   'polypeptide(L)'
_entity_poly.pdbx_seq_one_letter_code
;ANPCCSNPCQNRGECMSTGFDQYKCDCTRTGFYGENCTTPEFLTRIKLLLKPTPNTVHYILTHFKGVWNIVNNIPFLRSL
IMKYVLTSRSYLIDSPPTYNVHYGYKSWEAFSNLSYYTRALPPVADDCPTPMGVKGNKELPDSKEVLEKVLLRREFIPDP
QGSNMMFAFFAQHFTHQFFKTDHKRGPGFTRGLGHGVDLNHIYGETLDRQHKLRLFKDGKLKYQVIGGEVYPPTVKDTQV
EMIYPPHIPENLQFAVGQEVFGLVPGLMMYATIWLREHNRVCDILKQEHPEWGDEQLFQTSRLILIGETIKIVIEDYVQH
LSGYHFKLKFDPELLFNQQFQYQNRIASEFNTLYHWHPLLPDTFNIEDQEYSFKQFLYNNSILLEHGLTQFVESFTRQIA
GRVAGGRNVPIAVQAVAKASIDQSREMKYQSLNEYRKRFSLKPYTSFEELTGEKEMAAELKALYSDIDVMELYPALLVEK
PRPDAIFGETMVELGAPFSLKGLMGNPICSPQYWKPSTFGGEVGFKIINTASIQSLICNNVKGCPFTSFNVQDPQPTKTA
TINASASHSRLDDINPTVLIKRRSTEL
;
_entity_poly.pdbx_strand_id   A,B,C,D
#
# COMPACT_ATOMS: atom_id res chain seq x y z
N ALA A 1 26.24 6.75 -12.38
CA ALA A 1 26.54 5.39 -11.92
C ALA A 1 26.43 4.39 -13.08
N ASN A 2 25.28 4.39 -13.75
CA ASN A 2 25.09 3.55 -14.92
C ASN A 2 26.09 3.93 -16.01
N PRO A 3 26.91 2.96 -16.45
CA PRO A 3 27.92 3.24 -17.50
C PRO A 3 27.29 3.63 -18.83
N CYS A 4 25.98 3.45 -18.98
CA CYS A 4 25.28 3.89 -20.18
C CYS A 4 24.74 5.33 -20.03
N CYS A 5 24.99 5.95 -18.88
CA CYS A 5 24.51 7.32 -18.64
C CYS A 5 24.92 8.32 -19.72
N SER A 6 26.10 8.13 -20.29
CA SER A 6 26.61 9.08 -21.28
C SER A 6 26.05 8.90 -22.69
N ASN A 7 25.11 7.96 -22.85
CA ASN A 7 24.56 7.58 -24.16
C ASN A 7 25.66 7.33 -25.19
N PRO A 8 26.61 6.42 -24.91
CA PRO A 8 27.80 6.29 -25.75
C PRO A 8 27.53 5.63 -27.11
N CYS A 9 26.54 4.75 -27.19
CA CYS A 9 26.24 4.03 -28.43
C CYS A 9 25.62 4.93 -29.50
N GLN A 10 26.22 4.96 -30.68
CA GLN A 10 25.75 5.80 -31.76
C GLN A 10 24.97 5.03 -32.83
N ASN A 11 24.26 5.78 -33.67
CA ASN A 11 23.61 5.19 -34.85
C ASN A 11 22.61 4.10 -34.49
N ARG A 12 21.96 4.29 -33.35
CA ARG A 12 20.87 3.43 -32.86
C ARG A 12 21.36 2.09 -32.31
N GLY A 13 22.66 2.01 -32.03
CA GLY A 13 23.20 0.88 -31.31
C GLY A 13 22.62 0.92 -29.91
N GLU A 14 22.45 -0.24 -29.27
CA GLU A 14 21.85 -0.25 -27.93
C GLU A 14 22.90 -0.46 -26.85
N CYS A 15 22.83 0.38 -25.81
CA CYS A 15 23.78 0.29 -24.71
C CYS A 15 23.30 -0.66 -23.62
N MET A 16 24.18 -1.59 -23.23
CA MET A 16 23.92 -2.51 -22.15
C MET A 16 25.11 -2.48 -21.20
N SER A 17 24.86 -2.41 -19.90
CA SER A 17 25.95 -2.50 -18.91
C SER A 17 26.48 -3.93 -18.85
N THR A 18 27.76 -4.09 -18.55
CA THR A 18 28.38 -5.42 -18.48
C THR A 18 29.13 -5.60 -17.16
N GLY A 19 28.81 -4.77 -16.19
CA GLY A 19 29.49 -4.71 -14.92
C GLY A 19 29.16 -3.34 -14.37
N PHE A 20 29.68 -3.00 -13.19
CA PHE A 20 29.35 -1.72 -12.59
C PHE A 20 29.88 -0.52 -13.39
N ASP A 21 30.99 -0.72 -14.10
CA ASP A 21 31.68 0.39 -14.75
C ASP A 21 32.06 0.12 -16.21
N GLN A 22 31.33 -0.77 -16.87
CA GLN A 22 31.60 -1.09 -18.27
C GLN A 22 30.30 -1.27 -19.03
N TYR A 23 30.33 -1.01 -20.33
CA TYR A 23 29.15 -1.17 -21.17
C TYR A 23 29.47 -1.92 -22.47
N LYS A 24 28.41 -2.39 -23.12
CA LYS A 24 28.54 -3.02 -24.42
C LYS A 24 27.54 -2.36 -25.36
N CYS A 25 27.97 -2.05 -26.57
CA CYS A 25 27.07 -1.55 -27.59
C CYS A 25 26.65 -2.66 -28.55
N ASP A 26 25.34 -2.86 -28.69
CA ASP A 26 24.81 -3.85 -29.61
C ASP A 26 24.54 -3.16 -30.94
N CYS A 27 25.38 -3.45 -31.94
CA CYS A 27 25.32 -2.76 -33.22
C CYS A 27 24.53 -3.52 -34.28
N THR A 28 23.85 -4.59 -33.86
CA THR A 28 23.03 -5.43 -34.76
C THR A 28 22.14 -4.63 -35.70
N ARG A 29 22.35 -4.87 -36.99
CA ARG A 29 21.57 -4.26 -38.07
C ARG A 29 21.61 -2.74 -38.14
N THR A 30 22.57 -2.10 -37.44
CA THR A 30 22.70 -0.65 -37.52
C THR A 30 23.42 -0.19 -38.79
N GLY A 31 24.27 -1.06 -39.33
CA GLY A 31 25.10 -0.69 -40.48
C GLY A 31 26.47 -0.21 -40.04
N PHE A 32 26.68 -0.20 -38.73
CA PHE A 32 27.94 0.25 -38.15
C PHE A 32 28.49 -0.81 -37.19
N TYR A 33 29.77 -0.69 -36.85
CA TYR A 33 30.36 -1.56 -35.84
C TYR A 33 31.40 -0.81 -35.02
N GLY A 34 32.09 -1.51 -34.14
CA GLY A 34 33.03 -0.88 -33.23
C GLY A 34 32.42 -0.64 -31.86
N GLU A 35 33.24 -0.23 -30.90
CA GLU A 35 32.83 -0.07 -29.51
C GLU A 35 31.57 0.77 -29.32
N ASN A 36 31.41 1.81 -30.12
CA ASN A 36 30.23 2.69 -30.02
C ASN A 36 29.37 2.70 -31.29
N CYS A 37 29.51 1.67 -32.11
CA CYS A 37 28.82 1.58 -33.41
C CYS A 37 29.03 2.83 -34.26
N THR A 38 30.28 3.25 -34.44
CA THR A 38 30.57 4.44 -35.26
C THR A 38 31.36 4.15 -36.52
N THR A 39 31.82 2.92 -36.71
CA THR A 39 32.55 2.57 -37.92
C THR A 39 31.58 2.03 -38.96
N PRO A 40 31.38 2.77 -40.05
CA PRO A 40 30.39 2.36 -41.06
C PRO A 40 30.83 1.15 -41.88
N GLU A 41 29.90 0.25 -42.15
CA GLU A 41 30.14 -0.81 -43.13
C GLU A 41 30.26 -0.14 -44.49
N PHE A 42 30.79 -0.87 -45.47
CA PHE A 42 31.05 -0.29 -46.78
C PHE A 42 29.79 0.21 -47.46
N LEU A 43 28.76 -0.63 -47.47
CA LEU A 43 27.47 -0.26 -48.02
C LEU A 43 26.91 0.97 -47.31
N THR A 44 27.24 1.10 -46.02
CA THR A 44 26.79 2.23 -45.23
C THR A 44 27.41 3.53 -45.74
N ARG A 45 28.73 3.53 -45.97
CA ARG A 45 29.37 4.73 -46.50
C ARG A 45 28.77 5.13 -47.84
N ILE A 46 28.37 4.12 -48.63
CA ILE A 46 27.71 4.37 -49.90
C ILE A 46 26.36 5.03 -49.69
N LYS A 47 25.57 4.48 -48.77
CA LYS A 47 24.27 5.06 -48.42
C LYS A 47 24.43 6.50 -47.93
N LEU A 48 25.37 6.71 -47.01
CA LEU A 48 25.57 8.00 -46.38
C LEU A 48 26.01 9.09 -47.37
N LEU A 49 26.94 8.74 -48.25
CA LEU A 49 27.42 9.65 -49.27
C LEU A 49 26.30 10.12 -50.18
N LEU A 50 25.33 9.24 -50.41
CA LEU A 50 24.25 9.54 -51.36
C LEU A 50 23.08 10.32 -50.76
N LYS A 51 22.65 9.96 -49.55
CA LYS A 51 21.45 10.57 -48.97
C LYS A 51 21.56 12.09 -48.79
N PRO A 52 20.56 12.83 -49.31
CA PRO A 52 20.47 14.28 -49.13
C PRO A 52 20.02 14.60 -47.71
N THR A 53 20.33 15.81 -47.24
CA THR A 53 19.89 16.23 -45.91
C THR A 53 18.41 16.61 -45.95
N PRO A 54 17.76 16.65 -44.77
CA PRO A 54 16.36 17.07 -44.71
C PRO A 54 16.12 18.47 -45.27
N ASN A 55 17.07 19.38 -45.13
CA ASN A 55 16.89 20.74 -45.64
C ASN A 55 16.96 20.81 -47.15
N THR A 56 17.75 19.92 -47.75
CA THR A 56 17.84 19.81 -49.20
C THR A 56 16.52 19.29 -49.77
N VAL A 57 15.98 18.26 -49.15
CA VAL A 57 14.73 17.67 -49.60
C VAL A 57 13.57 18.64 -49.39
N HIS A 58 13.62 19.40 -48.30
CA HIS A 58 12.58 20.39 -48.02
C HIS A 58 12.63 21.49 -49.08
N TYR A 59 13.83 21.87 -49.49
CA TYR A 59 13.98 22.89 -50.51
C TYR A 59 13.35 22.42 -51.81
N ILE A 60 13.65 21.17 -52.17
CA ILE A 60 13.15 20.60 -53.42
C ILE A 60 11.63 20.50 -53.43
N LEU A 61 11.07 20.11 -52.29
CA LEU A 61 9.63 19.95 -52.18
C LEU A 61 8.89 21.30 -52.17
N THR A 62 9.60 22.36 -51.79
CA THR A 62 9.01 23.69 -51.70
C THR A 62 9.41 24.63 -52.83
N HIS A 63 10.09 24.08 -53.85
CA HIS A 63 10.44 24.86 -55.03
C HIS A 63 10.11 24.06 -56.28
N PHE A 64 10.49 24.62 -57.44
CA PHE A 64 10.21 24.01 -58.74
C PHE A 64 8.72 23.73 -58.89
N LYS A 65 7.91 24.70 -58.45
CA LYS A 65 6.46 24.57 -58.44
C LYS A 65 5.89 24.19 -59.80
N GLY A 66 6.46 24.77 -60.85
CA GLY A 66 6.05 24.47 -62.21
C GLY A 66 6.21 22.99 -62.53
N VAL A 67 7.26 22.39 -61.99
CA VAL A 67 7.52 20.96 -62.16
C VAL A 67 6.55 20.12 -61.33
N TRP A 68 6.34 20.51 -60.08
CA TRP A 68 5.42 19.77 -59.22
C TRP A 68 4.01 19.77 -59.80
N ASN A 69 3.67 20.82 -60.53
CA ASN A 69 2.41 20.87 -61.26
C ASN A 69 2.31 19.78 -62.33
N ILE A 70 3.42 19.55 -63.03
CA ILE A 70 3.47 18.51 -64.05
C ILE A 70 3.23 17.17 -63.36
N VAL A 71 4.01 16.94 -62.30
CA VAL A 71 3.92 15.70 -61.52
C VAL A 71 2.52 15.47 -60.94
N ASN A 72 1.97 16.50 -60.30
CA ASN A 72 0.68 16.37 -59.62
C ASN A 72 -0.45 15.96 -60.55
N ASN A 73 -0.29 16.25 -61.83
CA ASN A 73 -1.32 16.00 -62.83
C ASN A 73 -1.10 14.72 -63.64
N ILE A 74 -0.11 13.93 -63.24
CA ILE A 74 0.13 12.65 -63.88
C ILE A 74 -0.04 11.57 -62.83
N PRO A 75 -1.24 10.98 -62.76
CA PRO A 75 -1.66 10.01 -61.74
C PRO A 75 -0.58 8.98 -61.39
N PHE A 76 -0.06 8.26 -62.36
CA PHE A 76 0.91 7.20 -62.05
C PHE A 76 2.19 7.76 -61.44
N LEU A 77 2.56 8.97 -61.83
CA LEU A 77 3.78 9.59 -61.33
C LEU A 77 3.59 10.11 -59.89
N ARG A 78 2.44 10.75 -59.65
CA ARG A 78 2.09 11.19 -58.31
C ARG A 78 2.06 10.03 -57.34
N SER A 79 1.46 8.91 -57.77
CA SER A 79 1.39 7.69 -56.97
C SER A 79 2.79 7.19 -56.66
N LEU A 80 3.64 7.19 -57.69
CA LEU A 80 5.00 6.67 -57.57
C LEU A 80 5.78 7.45 -56.51
N ILE A 81 5.69 8.77 -56.58
CA ILE A 81 6.40 9.62 -55.64
C ILE A 81 5.84 9.47 -54.22
N MET A 82 4.51 9.39 -54.11
CA MET A 82 3.90 9.20 -52.81
C MET A 82 4.31 7.87 -52.20
N LYS A 83 4.42 6.85 -53.05
CA LYS A 83 4.90 5.55 -52.60
C LYS A 83 6.30 5.68 -52.02
N TYR A 84 7.19 6.37 -52.72
CA TYR A 84 8.53 6.63 -52.18
C TYR A 84 8.48 7.44 -50.89
N VAL A 85 7.65 8.47 -50.85
CA VAL A 85 7.50 9.29 -49.66
C VAL A 85 7.17 8.39 -48.46
N LEU A 86 6.23 7.48 -48.66
CA LEU A 86 5.77 6.62 -47.60
C LEU A 86 6.89 5.74 -47.04
N THR A 87 7.61 5.06 -47.93
CA THR A 87 8.64 4.14 -47.49
C THR A 87 9.86 4.88 -46.91
N SER A 88 10.16 6.05 -47.47
CA SER A 88 11.29 6.85 -47.00
C SER A 88 11.04 7.31 -45.58
N ARG A 89 9.76 7.50 -45.24
CA ARG A 89 9.37 8.10 -43.98
C ARG A 89 9.08 7.05 -42.93
N SER A 90 9.22 5.79 -43.29
CA SER A 90 8.79 4.74 -42.39
C SER A 90 9.87 3.68 -42.12
N TYR A 91 10.94 4.10 -41.44
CA TYR A 91 11.99 3.21 -40.99
C TYR A 91 12.53 3.67 -39.64
N LEU A 92 12.08 4.83 -39.18
CA LEU A 92 12.60 5.49 -37.99
C LEU A 92 11.84 5.11 -36.73
N ILE A 93 10.63 4.57 -36.87
CA ILE A 93 9.79 4.27 -35.73
C ILE A 93 9.88 2.79 -35.34
N ASP A 94 10.11 2.53 -34.06
CA ASP A 94 10.08 1.16 -33.54
C ASP A 94 8.64 0.70 -33.54
N SER A 95 8.35 -0.33 -34.34
CA SER A 95 7.02 -0.91 -34.37
C SER A 95 7.18 -2.41 -34.65
N PRO A 96 6.82 -3.28 -33.68
CA PRO A 96 6.26 -3.09 -32.33
C PRO A 96 7.10 -2.14 -31.47
N PRO A 97 6.45 -1.46 -30.53
CA PRO A 97 7.14 -0.45 -29.74
C PRO A 97 8.09 -1.05 -28.69
N THR A 98 8.96 -0.19 -28.18
CA THR A 98 9.99 -0.65 -27.26
C THR A 98 9.87 0.07 -25.88
N TYR A 99 10.56 1.19 -25.72
CA TYR A 99 10.76 1.78 -24.39
C TYR A 99 9.56 2.56 -23.87
N ASN A 100 9.60 2.88 -22.58
CA ASN A 100 8.66 3.86 -22.04
C ASN A 100 9.26 4.62 -20.84
N VAL A 101 8.44 5.40 -20.14
CA VAL A 101 9.00 6.25 -19.10
C VAL A 101 9.66 5.44 -17.98
N HIS A 102 9.21 4.22 -17.74
CA HIS A 102 9.77 3.38 -16.67
C HIS A 102 10.74 2.32 -17.17
N TYR A 103 10.86 2.17 -18.48
CA TYR A 103 11.76 1.15 -19.00
C TYR A 103 12.74 1.66 -20.05
N GLY A 104 14.02 1.67 -19.70
CA GLY A 104 15.09 2.06 -20.59
C GLY A 104 15.77 0.85 -21.24
N TYR A 105 15.18 -0.33 -21.01
CA TYR A 105 15.54 -1.55 -21.74
C TYR A 105 14.22 -2.19 -22.18
N LYS A 106 14.26 -3.02 -23.22
CA LYS A 106 13.04 -3.67 -23.69
C LYS A 106 12.54 -4.68 -22.66
N SER A 107 11.23 -4.67 -22.39
CA SER A 107 10.62 -5.61 -21.45
C SER A 107 9.20 -5.97 -21.88
N TRP A 108 8.70 -7.11 -21.40
CA TRP A 108 7.32 -7.49 -21.69
C TRP A 108 6.34 -6.45 -21.12
N GLU A 109 6.71 -5.85 -20.01
CA GLU A 109 5.85 -4.88 -19.35
C GLU A 109 5.74 -3.64 -20.26
N ALA A 110 6.87 -3.20 -20.80
CA ALA A 110 6.89 -2.01 -21.66
C ALA A 110 6.15 -2.33 -22.95
N PHE A 111 6.30 -3.56 -23.46
CA PHE A 111 5.58 -3.90 -24.66
C PHE A 111 4.08 -3.95 -24.44
N SER A 112 3.66 -4.64 -23.38
CA SER A 112 2.27 -5.09 -23.25
C SER A 112 1.32 -4.07 -22.61
N ASN A 113 1.87 -3.19 -21.78
CA ASN A 113 1.05 -2.23 -21.03
C ASN A 113 0.66 -1.00 -21.87
N LEU A 114 -0.55 -1.02 -22.38
CA LEU A 114 -1.09 0.03 -23.24
C LEU A 114 -1.40 1.34 -22.54
N SER A 115 -1.34 1.36 -21.21
CA SER A 115 -1.54 2.61 -20.49
C SER A 115 -0.38 3.61 -20.57
N TYR A 116 0.79 3.15 -21.04
CA TYR A 116 1.93 4.04 -21.22
C TYR A 116 1.95 4.64 -22.62
N TYR A 117 2.41 5.87 -22.71
CA TYR A 117 2.92 6.36 -23.98
C TYR A 117 4.25 5.61 -24.22
N THR A 118 4.56 5.32 -25.48
CA THR A 118 5.85 4.69 -25.76
C THR A 118 6.94 5.78 -25.86
N ARG A 119 8.18 5.35 -26.02
CA ARG A 119 9.27 6.32 -26.11
C ARG A 119 10.18 6.07 -27.31
N ALA A 120 10.42 7.09 -28.12
CA ALA A 120 11.36 6.99 -29.25
C ALA A 120 12.79 6.83 -28.73
N LEU A 121 13.09 7.53 -27.64
CA LEU A 121 14.36 7.37 -26.92
C LEU A 121 14.07 7.00 -25.46
N PRO A 122 14.80 6.01 -24.93
CA PRO A 122 14.62 5.60 -23.54
C PRO A 122 14.97 6.74 -22.58
N PRO A 123 14.38 6.73 -21.37
CA PRO A 123 14.66 7.76 -20.37
C PRO A 123 16.08 7.72 -19.86
N VAL A 124 16.60 8.88 -19.48
CA VAL A 124 17.85 8.95 -18.73
C VAL A 124 17.69 8.19 -17.40
N ALA A 125 18.59 7.25 -17.12
CA ALA A 125 18.46 6.43 -15.92
C ALA A 125 18.47 7.28 -14.65
N ASP A 126 17.75 6.81 -13.64
CA ASP A 126 17.59 7.56 -12.40
C ASP A 126 18.90 7.80 -11.67
N ASP A 127 19.89 6.92 -11.87
CA ASP A 127 21.15 7.05 -11.14
C ASP A 127 22.25 7.80 -11.92
N CYS A 128 21.87 8.38 -13.05
CA CYS A 128 22.81 9.20 -13.79
C CYS A 128 23.08 10.49 -13.00
N PRO A 129 24.33 10.98 -13.04
CA PRO A 129 24.77 12.15 -12.26
C PRO A 129 24.12 13.48 -12.68
N THR A 130 23.73 13.61 -13.95
CA THR A 130 23.08 14.86 -14.39
C THR A 130 21.78 14.54 -15.12
N PRO A 131 20.85 15.51 -15.20
CA PRO A 131 19.56 15.28 -15.87
C PRO A 131 19.69 14.72 -17.30
N MET A 132 20.67 15.18 -18.06
CA MET A 132 20.85 14.72 -19.44
C MET A 132 21.77 13.50 -19.54
N GLY A 133 22.28 13.04 -18.40
CA GLY A 133 23.14 11.86 -18.38
C GLY A 133 24.41 12.15 -17.58
N VAL A 134 25.43 12.65 -18.25
CA VAL A 134 26.66 13.06 -17.56
C VAL A 134 27.06 14.51 -17.86
N LYS A 135 26.48 15.11 -18.90
CA LYS A 135 26.78 16.50 -19.26
C LYS A 135 25.92 17.51 -18.50
N GLY A 136 26.43 18.73 -18.41
CA GLY A 136 25.68 19.81 -17.77
C GLY A 136 25.75 19.79 -16.25
N ASN A 137 25.05 20.74 -15.64
CA ASN A 137 25.07 20.88 -14.20
C ASN A 137 24.07 19.97 -13.50
N LYS A 138 24.19 19.91 -12.17
CA LYS A 138 23.36 19.04 -11.33
C LYS A 138 21.86 19.19 -11.62
N GLU A 139 21.40 20.43 -11.74
CA GLU A 139 20.03 20.67 -12.17
C GLU A 139 20.02 21.44 -13.49
N LEU A 140 18.94 21.31 -14.23
CA LEU A 140 18.74 22.05 -15.47
C LEU A 140 18.37 23.49 -15.11
N PRO A 141 18.48 24.41 -16.07
CA PRO A 141 18.17 25.80 -15.72
C PRO A 141 16.70 25.96 -15.35
N ASP A 142 16.42 26.95 -14.51
CA ASP A 142 15.06 27.28 -14.07
C ASP A 142 14.09 27.32 -15.25
N SER A 143 13.04 26.51 -15.17
CA SER A 143 12.06 26.44 -16.25
C SER A 143 11.30 27.76 -16.42
N LYS A 144 11.13 28.49 -15.33
CA LYS A 144 10.49 29.80 -15.36
C LYS A 144 11.33 30.76 -16.21
N GLU A 145 12.65 30.72 -16.04
CA GLU A 145 13.56 31.59 -16.77
C GLU A 145 13.58 31.26 -18.26
N VAL A 146 13.68 29.98 -18.58
CA VAL A 146 13.59 29.53 -19.97
C VAL A 146 12.29 30.04 -20.61
N LEU A 147 11.19 29.77 -19.93
CA LEU A 147 9.87 30.19 -20.37
C LEU A 147 9.82 31.70 -20.60
N GLU A 148 10.27 32.47 -19.62
CA GLU A 148 10.16 33.92 -19.69
C GLU A 148 11.11 34.52 -20.73
N LYS A 149 12.33 34.01 -20.80
CA LYS A 149 13.32 34.59 -21.70
C LYS A 149 13.11 34.31 -23.20
N VAL A 150 12.79 33.07 -23.56
CA VAL A 150 12.76 32.72 -24.99
C VAL A 150 11.42 32.17 -25.52
N LEU A 151 10.46 31.87 -24.65
CA LEU A 151 9.18 31.32 -25.11
C LEU A 151 7.97 32.29 -25.07
N LEU A 152 7.87 33.10 -24.02
CA LEU A 152 6.70 33.98 -23.88
C LEU A 152 6.58 35.02 -24.99
N ARG A 153 5.35 35.21 -25.47
CA ARG A 153 5.08 36.14 -26.56
C ARG A 153 5.20 37.59 -26.11
N ARG A 154 5.96 38.39 -26.88
CA ARG A 154 5.99 39.84 -26.68
C ARG A 154 4.91 40.41 -27.60
N GLU A 155 5.24 40.54 -28.88
CA GLU A 155 4.26 40.87 -29.89
C GLU A 155 3.84 39.58 -30.59
N PHE A 156 2.57 39.50 -30.99
CA PHE A 156 2.04 38.33 -31.72
C PHE A 156 2.81 38.17 -33.01
N ILE A 157 3.36 36.99 -33.24
CA ILE A 157 4.06 36.74 -34.49
C ILE A 157 3.19 35.88 -35.40
N PRO A 158 2.71 36.43 -36.51
CA PRO A 158 1.81 35.63 -37.35
C PRO A 158 2.56 34.54 -38.11
N ASP A 159 1.88 33.43 -38.40
CA ASP A 159 2.49 32.39 -39.20
C ASP A 159 2.64 32.89 -40.64
N PRO A 160 3.87 32.86 -41.19
CA PRO A 160 4.12 33.27 -42.58
C PRO A 160 3.50 32.29 -43.58
N GLN A 161 3.22 31.05 -43.18
CA GLN A 161 2.57 30.08 -44.06
C GLN A 161 1.05 30.32 -44.12
N GLY A 162 0.58 31.26 -43.31
CA GLY A 162 -0.81 31.68 -43.39
C GLY A 162 -1.82 30.73 -42.74
N SER A 163 -1.36 29.84 -41.86
CA SER A 163 -2.29 29.00 -41.09
C SER A 163 -3.35 29.85 -40.39
N ASN A 164 -4.57 29.33 -40.29
CA ASN A 164 -5.67 30.09 -39.70
C ASN A 164 -6.20 29.38 -38.48
N MET A 165 -7.28 29.88 -37.91
CA MET A 165 -7.86 29.25 -36.71
C MET A 165 -8.60 27.95 -37.01
N MET A 166 -9.10 27.79 -38.23
CA MET A 166 -9.60 26.46 -38.65
C MET A 166 -8.48 25.43 -38.52
N PHE A 167 -7.26 25.82 -38.89
CA PHE A 167 -6.10 24.94 -38.79
C PHE A 167 -5.75 24.64 -37.34
N ALA A 168 -5.65 25.68 -36.52
CA ALA A 168 -5.24 25.54 -35.12
C ALA A 168 -6.18 24.64 -34.37
N PHE A 169 -7.49 24.87 -34.51
CA PHE A 169 -8.48 24.07 -33.79
C PHE A 169 -8.64 22.67 -34.37
N PHE A 170 -8.42 22.52 -35.68
CA PHE A 170 -8.43 21.17 -36.23
C PHE A 170 -7.27 20.37 -35.63
N ALA A 171 -6.10 21.01 -35.53
CA ALA A 171 -4.95 20.36 -34.93
C ALA A 171 -5.28 19.92 -33.50
N GLN A 172 -5.85 20.84 -32.74
CA GLN A 172 -6.22 20.54 -31.36
C GLN A 172 -7.26 19.39 -31.27
N HIS A 173 -8.35 19.52 -32.02
CA HIS A 173 -9.44 18.54 -32.01
C HIS A 173 -8.95 17.16 -32.45
N PHE A 174 -8.24 17.12 -33.57
CA PHE A 174 -7.75 15.85 -34.12
C PHE A 174 -6.77 15.13 -33.18
N THR A 175 -5.81 15.87 -32.65
CA THR A 175 -4.73 15.23 -31.89
C THR A 175 -5.21 14.79 -30.52
N HIS A 176 -6.22 15.49 -29.99
CA HIS A 176 -6.69 15.16 -28.65
C HIS A 176 -7.49 13.88 -28.58
N GLN A 177 -7.58 13.15 -29.68
CA GLN A 177 -8.10 11.78 -29.57
C GLN A 177 -7.00 10.81 -29.15
N PHE A 178 -5.73 11.15 -29.40
CA PHE A 178 -4.65 10.22 -29.03
C PHE A 178 -3.63 10.81 -28.03
N PHE A 179 -3.67 12.12 -27.81
CA PHE A 179 -2.93 12.74 -26.70
C PHE A 179 -3.96 12.99 -25.59
N LYS A 180 -3.99 12.11 -24.60
CA LYS A 180 -4.99 12.17 -23.53
C LYS A 180 -4.30 11.69 -22.26
N THR A 181 -3.47 12.57 -21.71
CA THR A 181 -2.64 12.17 -20.58
C THR A 181 -3.45 11.82 -19.34
N ASP A 182 -3.10 10.69 -18.73
CA ASP A 182 -3.77 10.24 -17.53
C ASP A 182 -3.06 10.88 -16.34
N HIS A 183 -3.50 12.08 -15.96
CA HIS A 183 -2.84 12.83 -14.88
C HIS A 183 -2.86 12.12 -13.54
N LYS A 184 -3.82 11.21 -13.36
CA LYS A 184 -3.83 10.36 -12.17
C LYS A 184 -2.52 9.61 -12.08
N ARG A 185 -2.14 8.97 -13.19
CA ARG A 185 -0.96 8.11 -13.23
C ARG A 185 0.34 8.90 -13.42
N GLY A 186 0.34 9.85 -14.34
CA GLY A 186 1.51 10.68 -14.56
C GLY A 186 1.64 11.04 -16.03
N PRO A 187 2.58 11.96 -16.35
CA PRO A 187 2.72 12.46 -17.73
C PRO A 187 3.11 11.36 -18.74
N GLY A 188 3.68 10.25 -18.27
CA GLY A 188 4.06 9.19 -19.18
C GLY A 188 2.94 8.19 -19.49
N PHE A 189 1.72 8.51 -19.06
CA PHE A 189 0.56 7.62 -19.22
C PHE A 189 -0.57 8.25 -20.02
N THR A 190 -1.30 7.40 -20.74
CA THR A 190 -2.34 7.87 -21.63
C THR A 190 -3.65 7.15 -21.30
N ARG A 191 -4.76 7.81 -21.59
CA ARG A 191 -6.08 7.20 -21.47
C ARG A 191 -6.59 6.78 -22.86
N GLY A 192 -5.83 7.09 -23.91
CA GLY A 192 -6.23 6.72 -25.25
C GLY A 192 -5.67 5.35 -25.64
N LEU A 193 -6.37 4.29 -25.25
CA LEU A 193 -5.81 2.94 -25.37
C LEU A 193 -5.84 2.43 -26.83
N GLY A 194 -6.54 3.16 -27.68
CA GLY A 194 -6.52 2.86 -29.11
C GLY A 194 -5.23 3.35 -29.76
N HIS A 195 -4.50 4.22 -29.05
CA HIS A 195 -3.20 4.69 -29.54
C HIS A 195 -3.21 5.16 -31.03
N GLY A 196 -4.24 5.90 -31.40
CA GLY A 196 -4.28 6.46 -32.73
C GLY A 196 -5.64 6.97 -33.13
N VAL A 197 -5.92 6.88 -34.43
CA VAL A 197 -7.08 7.52 -35.01
C VAL A 197 -8.30 6.60 -34.92
N ASP A 198 -8.90 6.52 -33.74
CA ASP A 198 -10.07 5.65 -33.60
C ASP A 198 -11.36 6.45 -33.45
N LEU A 199 -11.23 7.76 -33.43
CA LEU A 199 -12.34 8.71 -33.26
C LEU A 199 -13.06 8.55 -31.94
N ASN A 200 -12.31 8.15 -30.91
CA ASN A 200 -12.89 8.09 -29.58
C ASN A 200 -13.31 9.50 -29.11
N HIS A 201 -12.77 10.55 -29.73
CA HIS A 201 -13.12 11.93 -29.34
C HIS A 201 -14.52 12.33 -29.81
N ILE A 202 -15.08 11.47 -30.67
CA ILE A 202 -16.47 11.57 -31.11
C ILE A 202 -17.33 10.49 -30.43
N TYR A 203 -16.81 9.27 -30.40
CA TYR A 203 -17.62 8.13 -30.03
C TYR A 203 -17.44 7.69 -28.58
N GLY A 204 -16.44 8.22 -27.90
CA GLY A 204 -16.14 7.80 -26.54
C GLY A 204 -15.08 6.70 -26.47
N GLU A 205 -14.27 6.75 -25.43
CA GLU A 205 -13.18 5.80 -25.28
C GLU A 205 -13.75 4.43 -24.91
N THR A 206 -14.82 4.40 -24.13
CA THR A 206 -15.37 3.13 -23.65
C THR A 206 -16.74 2.87 -24.27
N LEU A 207 -17.15 1.62 -24.24
CA LEU A 207 -18.45 1.19 -24.76
C LEU A 207 -19.63 1.81 -24.02
N ASP A 208 -19.53 1.92 -22.69
CA ASP A 208 -20.59 2.53 -21.88
C ASP A 208 -20.84 3.98 -22.28
N ARG A 209 -19.75 4.72 -22.49
CA ARG A 209 -19.85 6.12 -22.92
C ARG A 209 -20.44 6.20 -24.33
N GLN A 210 -19.96 5.35 -25.22
CA GLN A 210 -20.48 5.32 -26.59
C GLN A 210 -21.98 5.07 -26.61
N HIS A 211 -22.43 4.12 -25.79
CA HIS A 211 -23.85 3.81 -25.77
C HIS A 211 -24.71 4.95 -25.21
N LYS A 212 -24.16 5.73 -24.29
CA LYS A 212 -24.87 6.91 -23.75
C LYS A 212 -24.97 8.01 -24.77
N LEU A 213 -24.04 8.04 -25.72
CA LEU A 213 -23.99 9.02 -26.78
C LEU A 213 -24.84 8.63 -28.01
N ARG A 214 -25.22 7.36 -28.10
CA ARG A 214 -25.90 6.86 -29.28
C ARG A 214 -27.43 6.94 -29.16
N LEU A 215 -28.08 7.24 -30.29
CA LEU A 215 -29.54 7.28 -30.34
C LEU A 215 -30.17 5.88 -30.42
N PHE A 216 -29.42 4.92 -30.96
CA PHE A 216 -29.91 3.55 -31.17
C PHE A 216 -31.07 3.47 -32.16
N LYS A 217 -31.19 4.52 -32.96
CA LYS A 217 -32.04 4.50 -34.14
C LYS A 217 -31.23 4.98 -35.32
N ASP A 218 -31.29 4.21 -36.41
CA ASP A 218 -30.63 4.56 -37.67
C ASP A 218 -29.11 4.68 -37.60
N GLY A 219 -28.50 4.12 -36.56
CA GLY A 219 -27.06 4.17 -36.40
C GLY A 219 -26.56 5.47 -35.79
N LYS A 220 -27.48 6.38 -35.50
CA LYS A 220 -27.13 7.76 -35.19
C LYS A 220 -26.65 8.05 -33.77
N LEU A 221 -25.98 9.20 -33.62
CA LEU A 221 -25.61 9.75 -32.32
C LEU A 221 -26.68 10.72 -31.89
N LYS A 222 -26.92 10.81 -30.58
CA LYS A 222 -27.88 11.74 -30.01
C LYS A 222 -27.47 13.17 -30.35
N TYR A 223 -28.46 14.03 -30.51
CA TYR A 223 -28.23 15.42 -30.80
C TYR A 223 -29.45 16.20 -30.31
N GLN A 224 -29.29 17.52 -30.20
CA GLN A 224 -30.44 18.38 -29.96
C GLN A 224 -30.52 19.39 -31.09
N VAL A 225 -31.69 19.98 -31.28
CA VAL A 225 -31.87 21.03 -32.27
C VAL A 225 -32.16 22.32 -31.52
N ILE A 226 -31.36 23.36 -31.78
CA ILE A 226 -31.48 24.64 -31.10
C ILE A 226 -31.53 25.74 -32.15
N GLY A 227 -32.67 26.43 -32.23
CA GLY A 227 -32.89 27.42 -33.27
C GLY A 227 -32.73 26.84 -34.66
N GLY A 228 -33.24 25.61 -34.87
CA GLY A 228 -33.16 24.96 -36.17
C GLY A 228 -31.79 24.34 -36.49
N GLU A 229 -30.87 24.42 -35.55
CA GLU A 229 -29.49 23.97 -35.79
C GLU A 229 -29.13 22.79 -34.91
N VAL A 230 -28.37 21.84 -35.45
CA VAL A 230 -28.03 20.60 -34.73
C VAL A 230 -26.79 20.75 -33.84
N TYR A 231 -26.94 20.43 -32.56
CA TYR A 231 -25.83 20.52 -31.60
C TYR A 231 -25.72 19.24 -30.79
N PRO A 232 -24.57 19.03 -30.12
CA PRO A 232 -24.46 17.86 -29.22
C PRO A 232 -25.53 17.89 -28.17
N PRO A 233 -25.90 16.71 -27.64
CA PRO A 233 -26.86 16.64 -26.53
C PRO A 233 -26.21 17.15 -25.24
N THR A 234 -26.97 17.24 -24.16
CA THR A 234 -26.40 17.74 -22.91
C THR A 234 -25.96 16.63 -21.96
N VAL A 235 -25.14 17.02 -21.00
CA VAL A 235 -24.76 16.13 -19.91
C VAL A 235 -26.00 15.66 -19.17
N LYS A 236 -26.89 16.62 -18.89
CA LYS A 236 -28.12 16.35 -18.18
C LYS A 236 -28.98 15.26 -18.84
N ASP A 237 -29.07 15.31 -20.16
CA ASP A 237 -29.88 14.35 -20.91
C ASP A 237 -29.22 12.98 -21.11
N THR A 238 -27.89 12.94 -21.04
CA THR A 238 -27.16 11.72 -21.44
C THR A 238 -26.39 11.02 -20.33
N GLN A 239 -26.12 11.75 -19.25
CA GLN A 239 -25.20 11.30 -18.19
C GLN A 239 -23.79 11.05 -18.69
N VAL A 240 -23.44 11.62 -19.84
CA VAL A 240 -22.05 11.53 -20.29
C VAL A 240 -21.23 12.52 -19.47
N GLU A 241 -20.23 12.01 -18.75
CA GLU A 241 -19.35 12.87 -17.96
C GLU A 241 -18.55 13.85 -18.84
N MET A 242 -18.61 15.13 -18.51
CA MET A 242 -17.81 16.15 -19.16
C MET A 242 -17.12 17.03 -18.13
N ILE A 243 -16.04 17.69 -18.54
CA ILE A 243 -15.34 18.62 -17.67
C ILE A 243 -15.85 20.03 -17.94
N TYR A 244 -16.50 20.60 -16.94
CA TYR A 244 -17.04 21.96 -17.00
C TYR A 244 -16.87 22.60 -15.63
N PRO A 245 -16.52 23.90 -15.59
CA PRO A 245 -16.51 24.61 -14.31
C PRO A 245 -17.94 24.67 -13.76
N PRO A 246 -18.09 24.81 -12.44
CA PRO A 246 -19.42 24.67 -11.81
C PRO A 246 -20.41 25.75 -12.21
N HIS A 247 -19.94 26.88 -12.74
CA HIS A 247 -20.82 27.98 -13.09
C HIS A 247 -21.51 27.81 -14.46
N ILE A 248 -21.21 26.73 -15.16
CA ILE A 248 -21.84 26.52 -16.47
C ILE A 248 -23.25 25.94 -16.35
N PRO A 249 -24.23 26.63 -16.95
CA PRO A 249 -25.63 26.20 -16.99
C PRO A 249 -25.78 24.81 -17.55
N GLU A 250 -26.72 24.03 -17.00
CA GLU A 250 -26.97 22.65 -17.48
C GLU A 250 -27.23 22.61 -18.98
N ASN A 251 -27.95 23.60 -19.49
CA ASN A 251 -28.32 23.63 -20.90
C ASN A 251 -27.16 23.98 -21.82
N LEU A 252 -26.01 24.31 -21.25
CA LEU A 252 -24.83 24.65 -22.04
C LEU A 252 -23.72 23.60 -21.91
N GLN A 253 -23.96 22.58 -21.12
CA GLN A 253 -22.96 21.53 -20.96
C GLN A 253 -23.15 20.45 -22.03
N PHE A 254 -22.56 20.69 -23.21
CA PHE A 254 -22.70 19.79 -24.35
C PHE A 254 -21.89 18.53 -24.07
N ALA A 255 -22.41 17.37 -24.44
CA ALA A 255 -21.72 16.13 -24.18
C ALA A 255 -21.21 15.51 -25.47
N VAL A 256 -19.90 15.30 -25.55
CA VAL A 256 -19.26 14.73 -26.72
C VAL A 256 -18.28 13.61 -26.32
N GLY A 257 -17.74 12.91 -27.32
CA GLY A 257 -16.89 11.75 -27.05
C GLY A 257 -15.73 12.06 -26.10
N GLN A 258 -15.07 13.20 -26.32
CA GLN A 258 -13.91 13.59 -25.52
C GLN A 258 -14.33 14.52 -24.39
N GLU A 259 -14.04 14.14 -23.15
CA GLU A 259 -14.54 14.89 -22.00
C GLU A 259 -13.99 16.33 -21.83
N VAL A 260 -12.88 16.65 -22.47
CA VAL A 260 -12.32 18.01 -22.34
C VAL A 260 -12.82 18.97 -23.42
N PHE A 261 -13.65 18.51 -24.35
CA PHE A 261 -13.99 19.35 -25.50
C PHE A 261 -14.93 20.54 -25.19
N GLY A 262 -15.48 20.58 -23.98
CA GLY A 262 -16.17 21.78 -23.55
C GLY A 262 -15.21 22.93 -23.23
N LEU A 263 -13.90 22.64 -23.20
CA LEU A 263 -12.85 23.63 -22.89
C LEU A 263 -12.92 24.92 -23.72
N VAL A 264 -13.09 24.77 -25.03
CA VAL A 264 -13.14 25.93 -25.92
C VAL A 264 -14.11 25.69 -27.06
N PRO A 265 -14.80 26.77 -27.47
CA PRO A 265 -15.86 26.70 -28.48
C PRO A 265 -15.30 26.17 -29.81
N GLY A 266 -14.01 26.36 -30.07
CA GLY A 266 -13.38 25.89 -31.29
C GLY A 266 -13.30 24.36 -31.32
N LEU A 267 -13.13 23.74 -30.17
CA LEU A 267 -13.20 22.28 -30.11
C LEU A 267 -14.64 21.82 -30.30
N MET A 268 -15.56 22.51 -29.64
CA MET A 268 -16.97 22.16 -29.72
C MET A 268 -17.52 22.37 -31.16
N MET A 269 -17.01 23.39 -31.84
CA MET A 269 -17.30 23.58 -33.26
C MET A 269 -17.00 22.33 -34.09
N TYR A 270 -15.78 21.80 -33.95
CA TYR A 270 -15.39 20.58 -34.65
C TYR A 270 -16.16 19.36 -34.18
N ALA A 271 -16.44 19.28 -32.87
CA ALA A 271 -17.24 18.19 -32.32
C ALA A 271 -18.61 18.15 -32.98
N THR A 272 -19.19 19.33 -33.19
CA THR A 272 -20.52 19.48 -33.76
C THR A 272 -20.54 19.12 -35.24
N ILE A 273 -19.51 19.55 -35.95
CA ILE A 273 -19.37 19.22 -37.35
C ILE A 273 -19.27 17.69 -37.59
N TRP A 274 -18.42 17.02 -36.81
CA TRP A 274 -18.25 15.59 -36.99
C TRP A 274 -19.48 14.81 -36.52
N LEU A 275 -20.17 15.32 -35.50
CA LEU A 275 -21.44 14.75 -35.06
C LEU A 275 -22.46 14.78 -36.22
N ARG A 276 -22.59 15.94 -36.86
CA ARG A 276 -23.46 16.07 -38.02
C ARG A 276 -23.03 15.15 -39.18
N GLU A 277 -21.73 15.02 -39.38
CA GLU A 277 -21.20 14.18 -40.44
C GLU A 277 -21.54 12.71 -40.21
N HIS A 278 -21.45 12.26 -38.95
CA HIS A 278 -21.78 10.89 -38.64
C HIS A 278 -23.24 10.58 -39.02
N ASN A 279 -24.16 11.42 -38.55
CA ASN A 279 -25.57 11.24 -38.83
C ASN A 279 -25.91 11.39 -40.33
N ARG A 280 -25.19 12.28 -41.03
CA ARG A 280 -25.31 12.42 -42.48
C ARG A 280 -24.96 11.09 -43.17
N VAL A 281 -23.81 10.52 -42.79
CA VAL A 281 -23.37 9.22 -43.33
C VAL A 281 -24.39 8.14 -42.97
N CYS A 282 -24.96 8.20 -41.77
CA CYS A 282 -26.05 7.29 -41.39
C CYS A 282 -27.25 7.37 -42.36
N ASP A 283 -27.63 8.57 -42.76
CA ASP A 283 -28.73 8.73 -43.69
C ASP A 283 -28.40 8.11 -45.04
N ILE A 284 -27.18 8.35 -45.53
CA ILE A 284 -26.71 7.80 -46.79
C ILE A 284 -26.72 6.26 -46.78
N LEU A 285 -26.15 5.69 -45.72
CA LEU A 285 -26.11 4.23 -45.61
C LEU A 285 -27.51 3.62 -45.51
N LYS A 286 -28.41 4.26 -44.77
CA LYS A 286 -29.77 3.77 -44.61
C LYS A 286 -30.48 3.74 -45.98
N GLN A 287 -30.22 4.76 -46.78
CA GLN A 287 -30.71 4.84 -48.14
C GLN A 287 -30.18 3.67 -48.96
N GLU A 288 -28.91 3.39 -48.80
CA GLU A 288 -28.24 2.33 -49.56
CA GLU A 288 -28.26 2.32 -49.57
C GLU A 288 -28.61 0.94 -49.01
N HIS A 289 -28.90 0.89 -47.71
CA HIS A 289 -29.18 -0.39 -47.05
C HIS A 289 -30.41 -0.32 -46.17
N PRO A 290 -31.62 -0.31 -46.78
CA PRO A 290 -32.82 -0.25 -45.94
C PRO A 290 -32.96 -1.50 -45.07
N GLU A 291 -32.22 -2.55 -45.41
CA GLU A 291 -32.27 -3.81 -44.67
C GLU A 291 -31.36 -3.82 -43.42
N TRP A 292 -30.52 -2.80 -43.26
CA TRP A 292 -29.59 -2.78 -42.14
C TRP A 292 -30.22 -2.31 -40.84
N GLY A 293 -29.70 -2.82 -39.73
CA GLY A 293 -30.12 -2.38 -38.41
C GLY A 293 -29.26 -1.23 -37.90
N ASP A 294 -29.63 -0.72 -36.74
CA ASP A 294 -28.95 0.39 -36.10
C ASP A 294 -27.47 0.11 -35.84
N GLU A 295 -27.17 -1.07 -35.31
CA GLU A 295 -25.79 -1.39 -34.97
C GLU A 295 -24.87 -1.33 -36.18
N GLN A 296 -25.29 -1.95 -37.28
CA GLN A 296 -24.44 -1.94 -38.48
C GLN A 296 -24.31 -0.56 -39.12
N LEU A 297 -25.38 0.24 -39.05
CA LEU A 297 -25.33 1.61 -39.57
C LEU A 297 -24.32 2.41 -38.75
N PHE A 298 -24.34 2.22 -37.44
CA PHE A 298 -23.44 2.96 -36.56
C PHE A 298 -21.99 2.60 -36.85
N GLN A 299 -21.69 1.30 -36.87
CA GLN A 299 -20.33 0.81 -36.99
C GLN A 299 -19.74 1.17 -38.33
N THR A 300 -20.56 1.02 -39.39
CA THR A 300 -20.10 1.31 -40.74
C THR A 300 -19.80 2.81 -40.90
N SER A 301 -20.68 3.64 -40.35
CA SER A 301 -20.45 5.10 -40.40
C SER A 301 -19.17 5.48 -39.67
N ARG A 302 -18.95 4.87 -38.51
CA ARG A 302 -17.71 5.11 -37.78
C ARG A 302 -16.47 4.76 -38.62
N LEU A 303 -16.51 3.61 -39.29
CA LEU A 303 -15.42 3.24 -40.19
C LEU A 303 -15.23 4.28 -41.30
N ILE A 304 -16.33 4.78 -41.82
CA ILE A 304 -16.24 5.78 -42.89
C ILE A 304 -15.60 7.09 -42.36
N LEU A 305 -16.01 7.51 -41.17
CA LEU A 305 -15.50 8.76 -40.63
C LEU A 305 -14.03 8.66 -40.25
N ILE A 306 -13.63 7.51 -39.74
CA ILE A 306 -12.20 7.23 -39.58
C ILE A 306 -11.47 7.40 -40.93
N GLY A 307 -12.04 6.82 -41.98
CA GLY A 307 -11.50 6.99 -43.32
C GLY A 307 -11.41 8.46 -43.76
N GLU A 308 -12.50 9.21 -43.57
CA GLU A 308 -12.52 10.63 -43.95
C GLU A 308 -11.48 11.42 -43.16
N THR A 309 -11.35 11.10 -41.88
CA THR A 309 -10.39 11.79 -41.03
C THR A 309 -8.95 11.61 -41.57
N ILE A 310 -8.59 10.36 -41.86
CA ILE A 310 -7.24 10.07 -42.33
C ILE A 310 -6.99 10.80 -43.66
N LYS A 311 -8.01 10.79 -44.51
CA LYS A 311 -7.98 11.44 -45.82
C LYS A 311 -7.73 12.94 -45.71
N ILE A 312 -8.55 13.61 -44.89
CA ILE A 312 -8.46 15.05 -44.70
C ILE A 312 -7.14 15.44 -44.04
N VAL A 313 -6.73 14.65 -43.05
CA VAL A 313 -5.48 14.90 -42.35
C VAL A 313 -4.28 14.92 -43.32
N ILE A 314 -4.22 13.93 -44.19
CA ILE A 314 -3.11 13.84 -45.14
C ILE A 314 -3.20 14.90 -46.24
N GLU A 315 -4.34 14.94 -46.91
CA GLU A 315 -4.44 15.72 -48.15
C GLU A 315 -4.77 17.21 -47.95
N ASP A 316 -5.25 17.59 -46.78
CA ASP A 316 -5.52 19.02 -46.50
C ASP A 316 -4.65 19.56 -45.37
N TYR A 317 -4.68 18.85 -44.25
CA TYR A 317 -4.08 19.33 -43.02
C TYR A 317 -2.57 19.20 -43.12
N VAL A 318 -2.05 17.98 -43.25
CA VAL A 318 -0.61 17.81 -43.40
C VAL A 318 -0.12 18.51 -44.70
N GLN A 319 -0.96 18.47 -45.73
CA GLN A 319 -0.61 19.16 -46.98
C GLN A 319 -0.30 20.62 -46.74
N HIS A 320 -1.14 21.28 -45.95
CA HIS A 320 -0.95 22.69 -45.69
C HIS A 320 0.29 22.94 -44.86
N LEU A 321 0.48 22.19 -43.77
CA LEU A 321 1.56 22.51 -42.84
C LEU A 321 2.95 22.20 -43.42
N SER A 322 3.01 21.18 -44.28
CA SER A 322 4.25 20.82 -44.93
C SER A 322 4.79 21.93 -45.83
N GLY A 323 3.90 22.68 -46.46
CA GLY A 323 4.28 23.67 -47.46
C GLY A 323 4.76 23.05 -48.77
N TYR A 324 4.52 21.76 -48.97
CA TYR A 324 5.03 21.12 -50.18
C TYR A 324 4.18 21.52 -51.37
N HIS A 325 4.81 21.60 -52.54
CA HIS A 325 4.07 21.80 -53.78
C HIS A 325 3.57 20.45 -54.31
N PHE A 326 4.27 19.38 -53.94
CA PHE A 326 3.79 18.03 -54.24
C PHE A 326 2.46 17.75 -53.51
N LYS A 327 1.50 17.19 -54.23
CA LYS A 327 0.18 16.91 -53.67
C LYS A 327 0.12 15.53 -52.99
N LEU A 328 0.31 15.52 -51.67
CA LEU A 328 0.22 14.28 -50.89
C LEU A 328 -1.07 13.54 -51.17
N LYS A 329 -1.01 12.21 -51.06
CA LYS A 329 -2.13 11.35 -51.41
C LYS A 329 -2.44 10.33 -50.31
N PHE A 330 -3.72 10.20 -49.96
CA PHE A 330 -4.12 9.07 -49.09
C PHE A 330 -4.49 7.86 -49.96
N ASP A 331 -3.64 6.85 -49.94
CA ASP A 331 -3.85 5.66 -50.75
C ASP A 331 -3.13 4.46 -50.13
N PRO A 332 -3.86 3.70 -49.28
CA PRO A 332 -3.38 2.51 -48.58
C PRO A 332 -2.78 1.50 -49.54
N GLU A 333 -3.29 1.47 -50.76
CA GLU A 333 -2.88 0.48 -51.75
C GLU A 333 -1.39 0.62 -52.06
N LEU A 334 -0.84 1.81 -51.87
CA LEU A 334 0.57 2.07 -52.15
C LEU A 334 1.54 1.28 -51.27
N LEU A 335 1.06 0.81 -50.11
CA LEU A 335 1.89 0.06 -49.16
C LEU A 335 1.71 -1.44 -49.27
N PHE A 336 0.76 -1.89 -50.10
CA PHE A 336 0.40 -3.31 -50.12
C PHE A 336 1.55 -4.25 -50.50
N ASN A 337 2.48 -3.78 -51.33
CA ASN A 337 3.63 -4.62 -51.68
C ASN A 337 4.92 -4.18 -50.98
N GLN A 338 4.78 -3.42 -49.91
CA GLN A 338 5.91 -2.94 -49.13
C GLN A 338 5.87 -3.59 -47.77
N GLN A 339 7.00 -3.61 -47.07
CA GLN A 339 7.01 -4.02 -45.67
C GLN A 339 6.51 -2.86 -44.84
N PHE A 340 5.54 -3.13 -43.97
CA PHE A 340 4.94 -2.10 -43.15
C PHE A 340 4.07 -2.77 -42.09
N GLN A 341 4.16 -2.31 -40.85
CA GLN A 341 3.38 -2.88 -39.77
C GLN A 341 2.13 -2.06 -39.54
N TYR A 342 0.97 -2.71 -39.71
CA TYR A 342 -0.30 -2.06 -39.46
C TYR A 342 -0.61 -2.01 -37.96
N GLN A 343 0.10 -1.15 -37.24
CA GLN A 343 -0.11 -0.97 -35.82
C GLN A 343 0.60 0.31 -35.40
N ASN A 344 0.21 0.85 -34.26
CA ASN A 344 0.84 2.09 -33.76
C ASN A 344 0.76 2.19 -32.24
N ARG A 345 1.80 2.77 -31.66
CA ARG A 345 1.78 3.09 -30.25
C ARG A 345 2.17 4.58 -30.14
N ILE A 346 1.34 5.36 -29.46
CA ILE A 346 1.58 6.81 -29.38
C ILE A 346 2.83 7.11 -28.55
N ALA A 347 3.79 7.80 -29.15
CA ALA A 347 5.01 8.21 -28.46
C ALA A 347 4.84 9.47 -27.63
N SER A 348 5.43 9.43 -26.46
CA SER A 348 5.44 10.59 -25.57
C SER A 348 6.03 11.82 -26.25
N GLU A 349 7.12 11.60 -26.99
CA GLU A 349 7.79 12.71 -27.68
C GLU A 349 6.91 13.37 -28.75
N PHE A 350 6.04 12.56 -29.37
CA PHE A 350 5.10 13.05 -30.37
C PHE A 350 4.12 14.00 -29.68
N ASN A 351 3.61 13.57 -28.52
CA ASN A 351 2.73 14.42 -27.70
C ASN A 351 3.46 15.73 -27.38
N THR A 352 4.69 15.62 -26.89
CA THR A 352 5.48 16.79 -26.46
C THR A 352 5.72 17.80 -27.57
N LEU A 353 6.11 17.33 -28.75
CA LEU A 353 6.39 18.22 -29.89
C LEU A 353 5.13 18.88 -30.42
N TYR A 354 3.98 18.27 -30.15
CA TYR A 354 2.71 18.75 -30.69
C TYR A 354 2.04 19.81 -29.82
N HIS A 355 2.74 20.29 -28.80
CA HIS A 355 2.21 21.39 -28.00
C HIS A 355 2.34 22.71 -28.77
N TRP A 356 1.46 22.92 -29.75
CA TRP A 356 1.58 24.03 -30.68
C TRP A 356 0.83 25.28 -30.21
N HIS A 357 0.91 25.56 -28.91
CA HIS A 357 0.24 26.73 -28.34
C HIS A 357 0.61 28.09 -28.95
N PRO A 358 1.83 28.24 -29.51
CA PRO A 358 2.06 29.51 -30.20
C PRO A 358 1.06 29.83 -31.32
N LEU A 359 0.34 28.80 -31.81
CA LEU A 359 -0.69 28.99 -32.84
C LEU A 359 -1.75 29.99 -32.40
N LEU A 360 -2.06 30.00 -31.10
CA LEU A 360 -3.20 30.76 -30.59
C LEU A 360 -2.97 32.28 -30.65
N PRO A 361 -4.01 33.03 -30.96
CA PRO A 361 -3.98 34.50 -31.01
C PRO A 361 -4.15 35.08 -29.61
N ASP A 362 -3.99 36.39 -29.50
CA ASP A 362 -4.20 37.04 -28.21
C ASP A 362 -5.68 37.14 -27.91
N THR A 363 -6.49 37.21 -28.96
CA THR A 363 -7.94 37.22 -28.83
C THR A 363 -8.57 36.40 -29.94
N PHE A 364 -9.74 35.83 -29.67
CA PHE A 364 -10.46 35.05 -30.66
C PHE A 364 -11.53 35.94 -31.31
N ASN A 365 -11.41 36.14 -32.62
CA ASN A 365 -12.27 37.09 -33.32
C ASN A 365 -13.37 36.40 -34.10
N ILE A 366 -14.61 36.59 -33.66
CA ILE A 366 -15.77 36.00 -34.33
C ILE A 366 -16.76 37.08 -34.70
N GLU A 367 -17.11 37.14 -35.97
CA GLU A 367 -17.93 38.21 -36.52
C GLU A 367 -17.27 39.53 -36.14
N ASP A 368 -17.99 40.39 -35.41
CA ASP A 368 -17.41 41.65 -34.99
C ASP A 368 -16.96 41.69 -33.51
N GLN A 369 -16.81 40.52 -32.88
CA GLN A 369 -16.36 40.45 -31.49
C GLN A 369 -14.90 40.00 -31.40
N GLU A 370 -14.24 40.40 -30.31
CA GLU A 370 -12.89 39.96 -30.02
C GLU A 370 -12.84 39.38 -28.61
N TYR A 371 -12.83 38.06 -28.49
CA TYR A 371 -12.93 37.44 -27.19
C TYR A 371 -11.57 37.21 -26.56
N SER A 372 -11.45 37.60 -25.31
CA SER A 372 -10.27 37.32 -24.52
C SER A 372 -10.27 35.83 -24.21
N PHE A 373 -9.13 35.33 -23.73
CA PHE A 373 -9.08 33.93 -23.31
C PHE A 373 -10.10 33.65 -22.22
N LYS A 374 -10.16 34.55 -21.23
CA LYS A 374 -11.11 34.39 -20.13
C LYS A 374 -12.57 34.33 -20.61
N GLN A 375 -12.89 35.11 -21.64
CA GLN A 375 -14.24 35.12 -22.17
C GLN A 375 -14.49 33.84 -22.99
N PHE A 376 -13.45 33.37 -23.66
CA PHE A 376 -13.58 32.31 -24.65
C PHE A 376 -13.70 30.93 -24.02
N LEU A 377 -12.85 30.62 -23.03
CA LEU A 377 -12.79 29.26 -22.48
C LEU A 377 -14.09 28.82 -21.77
N TYR A 378 -14.49 27.58 -22.01
CA TYR A 378 -15.69 26.99 -21.39
C TYR A 378 -16.96 27.76 -21.68
N ASN A 379 -17.00 28.40 -22.84
CA ASN A 379 -18.13 29.26 -23.17
C ASN A 379 -18.84 28.84 -24.43
N ASN A 380 -19.66 27.80 -24.32
CA ASN A 380 -20.45 27.32 -25.46
C ASN A 380 -21.54 28.30 -25.91
N SER A 381 -21.88 29.25 -25.04
CA SER A 381 -22.88 30.23 -25.45
C SER A 381 -22.40 31.02 -26.67
N ILE A 382 -21.09 31.15 -26.83
CA ILE A 382 -20.53 31.89 -27.97
C ILE A 382 -20.81 31.13 -29.27
N LEU A 383 -20.72 29.81 -29.21
CA LEU A 383 -21.05 29.00 -30.37
C LEU A 383 -22.55 29.15 -30.73
N LEU A 384 -23.43 29.17 -29.74
CA LEU A 384 -24.87 29.25 -29.99
C LEU A 384 -25.26 30.63 -30.50
N GLU A 385 -24.70 31.63 -29.85
CA GLU A 385 -24.85 33.02 -30.27
C GLU A 385 -24.57 33.21 -31.76
N HIS A 386 -23.40 32.78 -32.22
CA HIS A 386 -22.95 33.10 -33.56
C HIS A 386 -23.31 32.02 -34.58
N GLY A 387 -23.27 30.77 -34.16
CA GLY A 387 -23.61 29.67 -35.05
C GLY A 387 -22.39 29.13 -35.77
N LEU A 388 -22.51 27.91 -36.28
CA LEU A 388 -21.42 27.21 -36.94
C LEU A 388 -20.92 27.97 -38.17
N THR A 389 -21.84 28.51 -38.96
CA THR A 389 -21.48 29.17 -40.22
C THR A 389 -20.52 30.34 -39.96
N GLN A 390 -20.91 31.20 -39.04
CA GLN A 390 -20.12 32.35 -38.66
C GLN A 390 -18.78 31.93 -38.05
N PHE A 391 -18.78 30.88 -37.24
CA PHE A 391 -17.55 30.34 -36.65
C PHE A 391 -16.54 29.91 -37.71
N VAL A 392 -17.00 29.10 -38.66
CA VAL A 392 -16.18 28.74 -39.82
C VAL A 392 -15.69 29.97 -40.63
N GLU A 393 -16.60 30.85 -40.99
CA GLU A 393 -16.21 32.02 -41.77
C GLU A 393 -15.16 32.85 -41.03
N SER A 394 -15.35 33.02 -39.72
CA SER A 394 -14.44 33.82 -38.90
C SER A 394 -13.09 33.15 -38.69
N PHE A 395 -13.12 31.85 -38.37
CA PHE A 395 -11.88 31.11 -38.11
C PHE A 395 -11.04 30.99 -39.38
N THR A 396 -11.72 30.96 -40.53
CA THR A 396 -11.04 30.86 -41.80
C THR A 396 -10.27 32.15 -42.07
N ARG A 397 -10.81 33.27 -41.58
CA ARG A 397 -10.22 34.59 -41.78
C ARG A 397 -9.14 34.96 -40.76
N GLN A 398 -9.09 34.30 -39.61
CA GLN A 398 -8.15 34.75 -38.57
C GLN A 398 -6.84 34.00 -38.59
N ILE A 399 -5.75 34.75 -38.73
CA ILE A 399 -4.41 34.18 -38.82
C ILE A 399 -3.98 33.57 -37.49
N ALA A 400 -3.22 32.47 -37.57
CA ALA A 400 -2.66 31.82 -36.39
C ALA A 400 -1.21 32.28 -36.18
N GLY A 401 -0.65 31.99 -35.00
CA GLY A 401 0.71 32.40 -34.70
C GLY A 401 1.77 31.45 -35.24
N ARG A 402 2.99 31.95 -35.45
CA ARG A 402 4.11 31.07 -35.81
C ARG A 402 4.57 30.19 -34.62
N VAL A 403 4.91 28.93 -34.87
CA VAL A 403 5.28 28.01 -33.77
C VAL A 403 6.78 28.01 -33.47
N ALA A 404 7.61 27.78 -34.47
CA ALA A 404 9.06 27.89 -34.28
C ALA A 404 9.44 29.36 -34.28
N GLY A 405 10.73 29.68 -34.13
CA GLY A 405 11.16 31.07 -34.21
C GLY A 405 11.18 31.79 -32.87
N GLY A 406 10.65 31.15 -31.83
CA GLY A 406 10.78 31.69 -30.49
C GLY A 406 9.80 32.78 -30.08
N ARG A 407 9.62 32.94 -28.77
CA ARG A 407 8.90 34.07 -28.18
C ARG A 407 7.46 34.30 -28.70
N ASN A 408 6.67 33.25 -28.78
CA ASN A 408 5.36 33.41 -29.34
C ASN A 408 4.32 32.55 -28.61
N VAL A 409 4.62 32.15 -27.39
CA VAL A 409 3.65 31.46 -26.55
C VAL A 409 2.76 32.52 -25.88
N PRO A 410 1.43 32.44 -26.10
CA PRO A 410 0.59 33.50 -25.50
C PRO A 410 0.66 33.34 -23.98
N ILE A 411 0.63 34.47 -23.31
CA ILE A 411 0.86 34.52 -21.88
C ILE A 411 -0.27 33.86 -21.11
N ALA A 412 -1.47 33.93 -21.68
CA ALA A 412 -2.64 33.25 -21.13
C ALA A 412 -2.39 31.77 -20.83
N VAL A 413 -1.53 31.11 -21.61
CA VAL A 413 -1.21 29.71 -21.37
C VAL A 413 0.24 29.48 -20.94
N GLN A 414 0.84 30.44 -20.24
CA GLN A 414 2.23 30.29 -19.81
C GLN A 414 2.44 29.08 -18.87
N ALA A 415 1.44 28.78 -18.04
CA ALA A 415 1.51 27.61 -17.16
C ALA A 415 1.58 26.33 -17.95
N VAL A 416 0.92 26.30 -19.11
CA VAL A 416 0.93 25.10 -19.96
C VAL A 416 2.33 24.87 -20.53
N ALA A 417 2.96 25.92 -21.03
CA ALA A 417 4.31 25.84 -21.56
C ALA A 417 5.32 25.46 -20.46
N LYS A 418 5.18 26.04 -19.28
CA LYS A 418 6.07 25.69 -18.18
C LYS A 418 5.93 24.19 -17.84
N ALA A 419 4.70 23.70 -17.84
CA ALA A 419 4.41 22.29 -17.53
C ALA A 419 4.99 21.35 -18.59
N SER A 420 5.04 21.78 -19.84
CA SER A 420 5.64 20.95 -20.88
C SER A 420 7.14 20.80 -20.58
N ILE A 421 7.77 21.89 -20.13
CA ILE A 421 9.19 21.80 -19.76
C ILE A 421 9.37 20.90 -18.55
N ASP A 422 8.59 21.17 -17.50
CA ASP A 422 8.75 20.46 -16.24
C ASP A 422 8.47 18.97 -16.37
N GLN A 423 7.49 18.62 -17.19
CA GLN A 423 7.07 17.21 -17.31
C GLN A 423 7.99 16.40 -18.22
N SER A 424 8.55 17.07 -19.22
CA SER A 424 9.65 16.52 -20.01
C SER A 424 10.79 16.11 -19.08
N ARG A 425 11.14 16.99 -18.15
CA ARG A 425 12.24 16.68 -17.20
C ARG A 425 11.84 15.52 -16.27
N GLU A 426 10.60 15.58 -15.78
CA GLU A 426 10.02 14.52 -14.96
C GLU A 426 10.12 13.15 -15.65
N MET A 427 9.81 13.13 -16.94
CA MET A 427 9.88 11.90 -17.75
C MET A 427 11.31 11.55 -18.21
N LYS A 428 12.30 12.28 -17.69
CA LYS A 428 13.73 12.07 -17.99
C LYS A 428 14.06 12.03 -19.49
N TYR A 429 13.52 12.97 -20.27
CA TYR A 429 13.86 13.08 -21.69
C TYR A 429 15.38 13.26 -21.86
N GLN A 430 15.96 12.58 -22.84
CA GLN A 430 17.31 12.91 -23.29
C GLN A 430 17.29 14.29 -23.98
N SER A 431 18.46 14.80 -24.30
CA SER A 431 18.60 16.17 -24.82
C SER A 431 18.12 16.34 -26.26
N LEU A 432 17.96 17.59 -26.68
CA LEU A 432 17.66 17.91 -28.07
C LEU A 432 18.59 17.18 -29.07
N ASN A 433 19.90 17.29 -28.86
CA ASN A 433 20.86 16.67 -29.78
C ASN A 433 20.76 15.15 -29.87
N GLU A 434 20.44 14.49 -28.75
CA GLU A 434 20.24 13.04 -28.78
C GLU A 434 19.04 12.69 -29.65
N TYR A 435 17.95 13.42 -29.48
CA TYR A 435 16.77 13.23 -30.32
C TYR A 435 17.05 13.52 -31.80
N ARG A 436 17.90 14.52 -32.04
CA ARG A 436 18.28 14.85 -33.40
C ARG A 436 19.04 13.72 -34.05
N LYS A 437 20.01 13.15 -33.34
CA LYS A 437 20.75 12.00 -33.86
C LYS A 437 19.80 10.81 -34.08
N ARG A 438 18.87 10.61 -33.14
CA ARG A 438 17.94 9.50 -33.21
C ARG A 438 17.11 9.57 -34.49
N PHE A 439 16.88 10.79 -34.99
CA PHE A 439 16.13 10.97 -36.23
C PHE A 439 17.01 11.35 -37.42
N SER A 440 18.26 10.92 -37.36
CA SER A 440 19.24 11.10 -38.42
C SER A 440 19.45 12.56 -38.79
N LEU A 441 19.47 13.43 -37.78
CA LEU A 441 19.76 14.84 -38.00
C LEU A 441 21.14 15.16 -37.43
N LYS A 442 21.80 16.18 -37.95
CA LYS A 442 23.11 16.58 -37.46
C LYS A 442 22.94 17.33 -36.12
N PRO A 443 23.76 16.97 -35.12
CA PRO A 443 23.68 17.69 -33.84
C PRO A 443 24.00 19.17 -34.05
N TYR A 444 23.23 20.05 -33.42
CA TYR A 444 23.55 21.47 -33.47
C TYR A 444 24.85 21.71 -32.70
N THR A 445 25.76 22.51 -33.23
CA THR A 445 27.05 22.73 -32.56
C THR A 445 27.12 24.03 -31.76
N SER A 446 26.07 24.84 -31.84
CA SER A 446 26.00 26.06 -31.03
C SER A 446 24.55 26.47 -30.87
N PHE A 447 24.28 27.42 -29.97
CA PHE A 447 22.92 27.92 -29.77
C PHE A 447 22.49 28.84 -30.92
N GLU A 448 23.46 29.54 -31.50
CA GLU A 448 23.19 30.37 -32.68
C GLU A 448 22.77 29.53 -33.89
N GLU A 449 23.31 28.33 -34.02
CA GLU A 449 22.96 27.47 -35.13
C GLU A 449 21.54 26.97 -34.93
N LEU A 450 21.15 26.73 -33.68
CA LEU A 450 19.78 26.33 -33.35
C LEU A 450 18.75 27.41 -33.69
N THR A 451 18.98 28.66 -33.26
CA THR A 451 17.96 29.70 -33.45
C THR A 451 18.13 30.46 -34.76
N GLY A 452 19.35 30.51 -35.28
CA GLY A 452 19.60 31.27 -36.49
C GLY A 452 19.67 32.75 -36.22
N GLU A 453 19.60 33.15 -34.95
CA GLU A 453 19.81 34.53 -34.57
C GLU A 453 20.81 34.61 -33.40
N LYS A 454 20.90 35.76 -32.75
CA LYS A 454 21.93 35.97 -31.75
C LYS A 454 21.39 36.25 -30.35
N GLU A 455 20.27 36.96 -30.26
CA GLU A 455 19.72 37.39 -28.98
C GLU A 455 19.17 36.24 -28.10
N MET A 456 18.29 35.40 -28.67
CA MET A 456 17.75 34.28 -27.92
C MET A 456 18.84 33.23 -27.68
N ALA A 457 19.71 33.04 -28.66
CA ALA A 457 20.84 32.13 -28.53
C ALA A 457 21.68 32.50 -27.32
N ALA A 458 21.97 33.80 -27.20
CA ALA A 458 22.76 34.32 -26.10
C ALA A 458 22.13 34.02 -24.76
N GLU A 459 20.82 34.26 -24.65
CA GLU A 459 20.04 33.92 -23.46
C GLU A 459 20.14 32.41 -23.10
N LEU A 460 20.10 31.57 -24.11
CA LEU A 460 20.09 30.14 -23.91
C LEU A 460 21.49 29.66 -23.54
N LYS A 461 22.50 30.29 -24.13
CA LYS A 461 23.90 29.95 -23.83
C LYS A 461 24.13 30.20 -22.36
N ALA A 462 23.68 31.35 -21.88
CA ALA A 462 23.85 31.73 -20.48
C ALA A 462 23.11 30.75 -19.57
N LEU A 463 21.96 30.27 -20.03
CA LEU A 463 21.14 29.36 -19.25
C LEU A 463 21.66 27.92 -19.25
N TYR A 464 22.04 27.40 -20.42
CA TYR A 464 22.42 25.99 -20.57
C TYR A 464 23.93 25.70 -20.67
N SER A 465 24.72 26.72 -21.01
CA SER A 465 26.17 26.60 -21.25
C SER A 465 26.57 25.72 -22.45
N ASP A 466 26.01 24.52 -22.51
CA ASP A 466 26.41 23.55 -23.53
C ASP A 466 25.19 23.24 -24.41
N ILE A 467 25.35 23.35 -25.73
CA ILE A 467 24.28 23.02 -26.68
C ILE A 467 23.83 21.56 -26.50
N ASP A 468 24.75 20.71 -26.05
CA ASP A 468 24.42 19.29 -25.81
C ASP A 468 23.51 19.08 -24.59
N VAL A 469 23.21 20.17 -23.88
CA VAL A 469 22.35 20.09 -22.70
C VAL A 469 21.01 20.76 -23.01
N MET A 470 20.91 21.43 -24.15
CA MET A 470 19.64 22.02 -24.58
C MET A 470 18.52 20.97 -24.63
N GLU A 471 17.33 21.34 -24.16
CA GLU A 471 16.18 20.40 -24.13
C GLU A 471 15.34 20.45 -25.40
N LEU A 472 14.71 19.32 -25.72
CA LEU A 472 13.91 19.17 -26.93
C LEU A 472 12.75 20.16 -27.03
N TYR A 473 11.92 20.24 -25.99
CA TYR A 473 10.70 21.03 -26.10
C TYR A 473 10.90 22.53 -26.33
N PRO A 474 11.70 23.23 -25.46
CA PRO A 474 12.00 24.65 -25.74
C PRO A 474 12.72 24.83 -27.07
N ALA A 475 13.57 23.87 -27.44
CA ALA A 475 14.31 23.99 -28.70
C ALA A 475 13.38 24.03 -29.92
N LEU A 476 12.34 23.19 -29.88
CA LEU A 476 11.36 23.14 -30.94
C LEU A 476 10.69 24.51 -31.12
N LEU A 477 10.51 25.23 -30.02
CA LEU A 477 9.82 26.51 -30.11
C LEU A 477 10.74 27.68 -30.43
N VAL A 478 12.05 27.52 -30.25
CA VAL A 478 12.99 28.61 -30.60
C VAL A 478 13.78 28.32 -31.86
N GLU A 479 13.54 27.15 -32.47
CA GLU A 479 14.34 26.72 -33.62
C GLU A 479 14.17 27.67 -34.81
N LYS A 480 15.25 27.88 -35.56
CA LYS A 480 15.19 28.64 -36.79
C LYS A 480 14.19 27.96 -37.73
N PRO A 481 13.14 28.69 -38.08
CA PRO A 481 12.14 28.14 -39.00
C PRO A 481 12.80 27.92 -40.35
N ARG A 482 12.25 27.00 -41.14
CA ARG A 482 12.55 26.98 -42.58
C ARG A 482 12.10 28.33 -43.16
N PRO A 483 12.60 28.70 -44.36
CA PRO A 483 12.29 30.03 -44.89
C PRO A 483 10.78 30.26 -45.04
N ASP A 484 10.28 31.31 -44.39
CA ASP A 484 8.85 31.62 -44.36
C ASP A 484 7.99 30.42 -43.94
N ALA A 485 8.50 29.60 -43.04
CA ALA A 485 7.76 28.42 -42.60
C ALA A 485 7.35 28.51 -41.14
N ILE A 486 6.36 27.73 -40.76
CA ILE A 486 5.85 27.73 -39.39
C ILE A 486 6.74 26.93 -38.44
N PHE A 487 7.41 25.90 -38.96
CA PHE A 487 8.22 25.02 -38.11
C PHE A 487 9.67 25.00 -38.55
N GLY A 488 10.54 24.59 -37.63
CA GLY A 488 11.92 24.28 -37.97
C GLY A 488 12.14 22.82 -38.32
N GLU A 489 13.40 22.47 -38.57
CA GLU A 489 13.77 21.15 -39.04
C GLU A 489 13.40 20.04 -38.06
N THR A 490 13.72 20.24 -36.79
CA THR A 490 13.51 19.19 -35.81
C THR A 490 12.04 18.82 -35.69
N MET A 491 11.17 19.82 -35.72
CA MET A 491 9.73 19.61 -35.60
C MET A 491 9.18 18.75 -36.72
N VAL A 492 9.49 19.10 -37.97
CA VAL A 492 9.08 18.32 -39.12
C VAL A 492 9.67 16.90 -39.12
N GLU A 493 10.98 16.77 -38.90
CA GLU A 493 11.63 15.46 -39.01
C GLU A 493 11.22 14.46 -37.91
N LEU A 494 10.85 14.97 -36.74
CA LEU A 494 10.30 14.09 -35.70
C LEU A 494 8.80 13.84 -35.89
N GLY A 495 8.06 14.91 -36.18
CA GLY A 495 6.62 14.81 -36.29
C GLY A 495 6.13 13.93 -37.42
N ALA A 496 6.82 14.01 -38.56
CA ALA A 496 6.39 13.31 -39.76
C ALA A 496 6.29 11.76 -39.59
N PRO A 497 7.40 11.10 -39.20
CA PRO A 497 7.28 9.63 -39.06
C PRO A 497 6.28 9.16 -37.98
N PHE A 498 6.14 9.90 -36.86
CA PHE A 498 5.16 9.55 -35.83
C PHE A 498 3.75 9.67 -36.43
N SER A 499 3.55 10.71 -37.22
CA SER A 499 2.23 11.05 -37.76
C SER A 499 1.83 10.00 -38.80
N LEU A 500 2.77 9.66 -39.66
CA LEU A 500 2.57 8.66 -40.69
C LEU A 500 2.08 7.32 -40.09
N LYS A 501 2.81 6.84 -39.08
CA LYS A 501 2.46 5.60 -38.41
C LYS A 501 1.07 5.64 -37.80
N GLY A 502 0.68 6.79 -37.23
CA GLY A 502 -0.62 6.90 -36.59
C GLY A 502 -1.71 6.79 -37.64
N LEU A 503 -1.41 7.23 -38.87
CA LEU A 503 -2.41 7.29 -39.92
C LEU A 503 -2.43 6.02 -40.79
N MET A 504 -1.28 5.67 -41.37
CA MET A 504 -1.24 4.51 -42.24
C MET A 504 -1.33 3.20 -41.45
N GLY A 505 -0.92 3.24 -40.18
CA GLY A 505 -0.95 2.05 -39.32
C GLY A 505 -2.35 1.65 -38.91
N ASN A 506 -3.34 2.54 -39.12
CA ASN A 506 -4.72 2.18 -38.85
C ASN A 506 -5.14 0.88 -39.59
N PRO A 507 -5.91 -0.01 -38.93
CA PRO A 507 -6.29 -1.26 -39.60
C PRO A 507 -7.14 -1.04 -40.86
N ILE A 508 -7.83 0.09 -40.99
CA ILE A 508 -8.63 0.29 -42.20
C ILE A 508 -7.73 0.44 -43.41
N CYS A 509 -6.46 0.75 -43.19
CA CYS A 509 -5.48 0.80 -44.28
C CYS A 509 -4.91 -0.55 -44.69
N SER A 510 -5.18 -1.58 -43.89
CA SER A 510 -4.68 -2.91 -44.21
C SER A 510 -5.49 -3.51 -45.35
N PRO A 511 -4.87 -4.39 -46.16
CA PRO A 511 -5.52 -4.95 -47.35
C PRO A 511 -6.86 -5.63 -47.07
N GLN A 512 -7.04 -6.30 -45.93
CA GLN A 512 -8.32 -6.97 -45.71
C GLN A 512 -9.45 -6.01 -45.33
N TYR A 513 -9.09 -4.82 -44.87
CA TYR A 513 -10.08 -3.78 -44.58
C TYR A 513 -10.33 -2.82 -45.75
N TRP A 514 -9.29 -2.55 -46.54
CA TRP A 514 -9.38 -1.47 -47.53
C TRP A 514 -10.10 -1.93 -48.81
N LYS A 515 -11.41 -2.07 -48.71
CA LYS A 515 -12.23 -2.51 -49.83
C LYS A 515 -13.65 -2.00 -49.62
N PRO A 516 -14.44 -1.83 -50.69
CA PRO A 516 -15.77 -1.22 -50.63
C PRO A 516 -16.72 -1.84 -49.59
N SER A 517 -16.70 -3.18 -49.45
CA SER A 517 -17.67 -3.84 -48.57
C SER A 517 -17.50 -3.48 -47.09
N THR A 518 -16.27 -3.14 -46.71
CA THR A 518 -15.97 -2.68 -45.36
C THR A 518 -16.77 -1.42 -45.01
N PHE A 519 -16.97 -0.58 -46.02
CA PHE A 519 -17.62 0.71 -45.85
C PHE A 519 -19.03 0.76 -46.41
N GLY A 520 -19.68 -0.40 -46.52
CA GLY A 520 -21.06 -0.47 -46.96
C GLY A 520 -21.21 -0.41 -48.47
N GLY A 521 -20.12 -0.63 -49.20
CA GLY A 521 -20.15 -0.61 -50.65
C GLY A 521 -19.51 0.62 -51.27
N GLU A 522 -19.63 0.75 -52.59
CA GLU A 522 -18.94 1.82 -53.32
C GLU A 522 -19.34 3.24 -52.89
N VAL A 523 -20.60 3.43 -52.51
CA VAL A 523 -21.05 4.74 -52.06
C VAL A 523 -20.30 5.16 -50.80
N GLY A 524 -20.21 4.26 -49.82
CA GLY A 524 -19.50 4.54 -48.57
C GLY A 524 -18.00 4.71 -48.81
N PHE A 525 -17.47 3.89 -49.70
CA PHE A 525 -16.06 3.94 -50.03
C PHE A 525 -15.71 5.30 -50.65
N LYS A 526 -16.60 5.78 -51.50
CA LYS A 526 -16.39 7.06 -52.18
C LYS A 526 -16.40 8.25 -51.23
N ILE A 527 -17.21 8.17 -50.18
CA ILE A 527 -17.19 9.20 -49.14
C ILE A 527 -15.78 9.40 -48.56
N ILE A 528 -15.09 8.30 -48.28
CA ILE A 528 -13.73 8.39 -47.78
C ILE A 528 -12.81 8.96 -48.85
N ASN A 529 -12.92 8.43 -50.05
CA ASN A 529 -11.94 8.76 -51.07
C ASN A 529 -12.14 10.14 -51.71
N THR A 530 -13.30 10.78 -51.45
CA THR A 530 -13.52 12.15 -51.92
C THR A 530 -13.52 13.18 -50.79
N ALA A 531 -13.22 12.79 -49.55
CA ALA A 531 -13.34 13.70 -48.41
C ALA A 531 -12.30 14.82 -48.45
N SER A 532 -12.67 15.97 -47.90
CA SER A 532 -11.80 17.14 -47.85
C SER A 532 -12.34 18.00 -46.73
N ILE A 533 -11.52 18.94 -46.28
CA ILE A 533 -11.96 19.87 -45.24
C ILE A 533 -13.11 20.72 -45.80
N GLN A 534 -13.02 21.10 -47.07
CA GLN A 534 -14.10 21.88 -47.67
C GLN A 534 -15.42 21.11 -47.72
N SER A 535 -15.34 19.83 -48.11
CA SER A 535 -16.57 19.03 -48.24
C SER A 535 -17.20 18.73 -46.87
N LEU A 536 -16.35 18.48 -45.88
CA LEU A 536 -16.82 18.28 -44.50
C LEU A 536 -17.66 19.48 -44.02
N ILE A 537 -17.14 20.68 -44.29
CA ILE A 537 -17.85 21.90 -43.95
C ILE A 537 -19.06 22.13 -44.86
N CYS A 538 -18.90 21.90 -46.17
CA CYS A 538 -19.99 22.13 -47.11
C CYS A 538 -21.22 21.27 -46.83
N ASN A 539 -21.01 20.03 -46.42
CA ASN A 539 -22.11 19.09 -46.23
C ASN A 539 -22.84 19.27 -44.91
N ASN A 540 -22.16 19.87 -43.94
CA ASN A 540 -22.69 19.92 -42.57
C ASN A 540 -22.95 21.29 -42.01
N VAL A 541 -22.50 22.31 -42.73
CA VAL A 541 -22.61 23.67 -42.21
C VAL A 541 -23.49 24.51 -43.15
N LYS A 542 -24.51 25.17 -42.57
CA LYS A 542 -25.50 25.89 -43.35
C LYS A 542 -24.83 26.90 -44.29
N GLY A 543 -25.24 26.90 -45.55
CA GLY A 543 -24.73 27.83 -46.54
C GLY A 543 -23.46 27.40 -47.25
N CYS A 544 -22.91 26.23 -46.91
CA CYS A 544 -21.64 25.78 -47.50
C CYS A 544 -20.58 26.89 -47.54
N PRO A 545 -20.22 27.45 -46.36
CA PRO A 545 -19.24 28.53 -46.38
C PRO A 545 -17.88 28.04 -46.87
N PHE A 546 -17.20 28.87 -47.63
CA PHE A 546 -15.83 28.55 -48.00
C PHE A 546 -14.98 28.34 -46.75
N THR A 547 -14.15 27.30 -46.76
CA THR A 547 -13.16 27.18 -45.71
C THR A 547 -11.86 26.61 -46.26
N SER A 548 -10.83 26.63 -45.43
CA SER A 548 -9.46 26.36 -45.85
C SER A 548 -8.62 26.41 -44.58
N PHE A 549 -7.45 25.81 -44.61
CA PHE A 549 -6.54 25.86 -43.46
C PHE A 549 -5.63 27.09 -43.51
N ASN A 550 -5.68 27.82 -44.61
CA ASN A 550 -4.90 29.05 -44.70
C ASN A 550 -5.76 30.26 -44.99
N VAL A 551 -5.32 31.43 -44.54
CA VAL A 551 -6.02 32.67 -44.84
C VAL A 551 -5.96 32.97 -46.34
N GLN A 552 -7.03 33.55 -46.86
CA GLN A 552 -7.17 33.79 -48.30
C GLN A 552 -6.52 35.09 -48.80
N ALA B 1 -33.48 -14.63 -43.44
CA ALA B 1 -33.87 -13.48 -44.25
C ALA B 1 -32.67 -12.80 -44.90
N ASN B 2 -31.54 -12.74 -44.17
CA ASN B 2 -30.30 -12.19 -44.71
C ASN B 2 -29.92 -12.90 -46.00
N PRO B 3 -29.75 -12.14 -47.10
CA PRO B 3 -29.47 -12.77 -48.40
C PRO B 3 -28.05 -13.33 -48.49
N CYS B 4 -27.23 -13.06 -47.48
CA CYS B 4 -25.89 -13.62 -47.43
C CYS B 4 -25.88 -14.95 -46.67
N CYS B 5 -27.05 -15.37 -46.20
CA CYS B 5 -27.17 -16.57 -45.37
C CYS B 5 -26.62 -17.82 -46.03
N SER B 6 -26.69 -17.91 -47.36
CA SER B 6 -26.25 -19.12 -48.06
C SER B 6 -24.73 -19.14 -48.26
N ASN B 7 -24.05 -18.11 -47.76
CA ASN B 7 -22.61 -17.93 -48.01
C ASN B 7 -22.28 -17.94 -49.49
N PRO B 8 -22.93 -17.07 -50.29
CA PRO B 8 -22.83 -17.18 -51.75
C PRO B 8 -21.43 -16.88 -52.32
N CYS B 9 -20.69 -16.00 -51.67
CA CYS B 9 -19.40 -15.56 -52.19
C CYS B 9 -18.29 -16.58 -51.94
N GLN B 10 -17.57 -16.92 -53.01
CA GLN B 10 -16.50 -17.90 -52.93
C GLN B 10 -15.12 -17.23 -52.92
N ASN B 11 -14.08 -18.05 -52.66
CA ASN B 11 -12.69 -17.65 -52.76
C ASN B 11 -12.36 -16.40 -51.94
N ARG B 12 -12.97 -16.31 -50.76
CA ARG B 12 -12.77 -15.20 -49.82
C ARG B 12 -13.37 -13.84 -50.24
N GLY B 13 -14.22 -13.84 -51.26
CA GLY B 13 -15.02 -12.66 -51.53
C GLY B 13 -15.93 -12.33 -50.36
N GLU B 14 -16.25 -11.06 -50.20
CA GLU B 14 -17.10 -10.64 -49.08
C GLU B 14 -18.56 -10.34 -49.47
N CYS B 15 -19.49 -10.97 -48.75
CA CYS B 15 -20.91 -10.79 -49.02
C CYS B 15 -21.46 -9.61 -48.26
N MET B 16 -22.24 -8.79 -48.96
CA MET B 16 -22.91 -7.66 -48.35
C MET B 16 -24.33 -7.64 -48.89
N SER B 17 -25.32 -7.46 -48.03
CA SER B 17 -26.69 -7.24 -48.50
C SER B 17 -26.79 -5.90 -49.24
N THR B 18 -27.58 -5.83 -50.31
CA THR B 18 -27.80 -4.59 -51.04
C THR B 18 -29.27 -4.19 -51.07
N GLY B 19 -30.03 -4.76 -50.13
CA GLY B 19 -31.47 -4.63 -50.13
C GLY B 19 -31.96 -5.81 -49.34
N PHE B 20 -33.27 -6.01 -49.27
CA PHE B 20 -33.81 -7.08 -48.44
C PHE B 20 -33.58 -8.49 -48.98
N ASP B 21 -33.49 -8.62 -50.30
CA ASP B 21 -33.37 -9.93 -50.91
C ASP B 21 -32.28 -10.03 -51.96
N GLN B 22 -31.38 -9.06 -51.99
CA GLN B 22 -30.22 -9.12 -52.88
C GLN B 22 -28.96 -8.97 -52.08
N TYR B 23 -27.86 -9.51 -52.61
CA TYR B 23 -26.55 -9.35 -52.00
C TYR B 23 -25.58 -8.95 -53.10
N LYS B 24 -24.38 -8.54 -52.69
CA LYS B 24 -23.30 -8.26 -53.61
C LYS B 24 -22.03 -8.87 -53.05
N CYS B 25 -21.23 -9.48 -53.92
CA CYS B 25 -19.92 -9.99 -53.49
C CYS B 25 -18.83 -8.99 -53.82
N ASP B 26 -17.93 -8.78 -52.86
CA ASP B 26 -16.76 -7.93 -53.04
C ASP B 26 -15.60 -8.85 -53.33
N CYS B 27 -15.16 -8.85 -54.58
CA CYS B 27 -14.12 -9.79 -55.03
C CYS B 27 -12.71 -9.19 -54.98
N THR B 28 -12.61 -7.99 -54.42
CA THR B 28 -11.33 -7.26 -54.31
C THR B 28 -10.16 -8.15 -53.87
N ARG B 29 -9.12 -8.17 -54.70
CA ARG B 29 -7.89 -8.92 -54.43
C ARG B 29 -8.05 -10.43 -54.21
N THR B 30 -9.16 -11.02 -54.62
CA THR B 30 -9.33 -12.46 -54.50
C THR B 30 -8.68 -13.24 -55.65
N GLY B 31 -8.48 -12.57 -56.78
CA GLY B 31 -7.96 -13.23 -57.97
C GLY B 31 -9.08 -13.81 -58.80
N PHE B 32 -10.31 -13.58 -58.35
CA PHE B 32 -11.50 -14.06 -59.05
C PHE B 32 -12.46 -12.90 -59.28
N TYR B 33 -13.36 -13.05 -60.24
CA TYR B 33 -14.42 -12.06 -60.45
C TYR B 33 -15.75 -12.75 -60.74
N GLY B 34 -16.77 -11.96 -61.09
CA GLY B 34 -18.10 -12.49 -61.31
C GLY B 34 -18.98 -12.37 -60.08
N GLU B 35 -20.27 -12.63 -60.26
CA GLU B 35 -21.26 -12.41 -59.20
C GLU B 35 -20.86 -13.03 -57.87
N ASN B 36 -20.28 -14.23 -57.89
CA ASN B 36 -19.89 -14.90 -56.66
C ASN B 36 -18.39 -15.13 -56.50
N CYS B 37 -17.60 -14.36 -57.25
CA CYS B 37 -16.14 -14.47 -57.22
C CYS B 37 -15.69 -15.88 -57.58
N THR B 38 -16.21 -16.43 -58.67
CA THR B 38 -15.86 -17.80 -59.08
C THR B 38 -15.16 -17.88 -60.44
N THR B 39 -15.21 -16.80 -61.21
CA THR B 39 -14.47 -16.75 -62.46
C THR B 39 -13.04 -16.35 -62.17
N PRO B 40 -12.08 -17.28 -62.36
CA PRO B 40 -10.67 -16.97 -62.08
C PRO B 40 -10.11 -15.99 -63.07
N GLU B 41 -9.34 -15.01 -62.57
CA GLU B 41 -8.57 -14.15 -63.45
C GLU B 41 -7.51 -15.03 -64.10
N PHE B 42 -6.93 -14.55 -65.19
CA PHE B 42 -5.99 -15.36 -65.95
C PHE B 42 -4.78 -15.84 -65.12
N LEU B 43 -4.18 -14.93 -64.37
CA LEU B 43 -3.01 -15.26 -63.56
C LEU B 43 -3.38 -16.24 -62.45
N THR B 44 -4.63 -16.19 -62.00
CA THR B 44 -5.15 -17.12 -61.02
C THR B 44 -5.25 -18.52 -61.64
N ARG B 45 -5.61 -18.55 -62.91
CA ARG B 45 -5.65 -19.81 -63.65
C ARG B 45 -4.27 -20.48 -63.60
N ILE B 46 -3.21 -19.71 -63.77
CA ILE B 46 -1.87 -20.29 -63.70
C ILE B 46 -1.63 -20.91 -62.32
N LYS B 47 -1.67 -20.06 -61.29
CA LYS B 47 -1.46 -20.46 -59.90
C LYS B 47 -2.20 -21.73 -59.54
N LEU B 48 -3.51 -21.74 -59.79
CA LEU B 48 -4.36 -22.88 -59.50
C LEU B 48 -3.87 -24.13 -60.22
N LEU B 49 -3.90 -24.09 -61.55
CA LEU B 49 -3.60 -25.28 -62.34
C LEU B 49 -2.12 -25.66 -62.24
N LEU B 50 -1.57 -25.58 -61.02
CA LEU B 50 -0.25 -26.12 -60.65
C LEU B 50 0.09 -25.96 -59.15
N LYS B 51 -0.89 -25.59 -58.33
CA LYS B 51 -0.70 -25.59 -56.88
C LYS B 51 -0.85 -27.03 -56.37
N PRO B 52 0.17 -27.55 -55.68
CA PRO B 52 0.04 -28.92 -55.14
C PRO B 52 -0.95 -28.95 -53.98
N THR B 53 -1.62 -30.08 -53.78
CA THR B 53 -2.58 -30.23 -52.70
C THR B 53 -1.88 -30.48 -51.36
N PRO B 54 -2.52 -30.13 -50.24
CA PRO B 54 -1.95 -30.34 -48.92
C PRO B 54 -1.52 -31.79 -48.67
N ASN B 55 -2.32 -32.76 -49.12
CA ASN B 55 -1.99 -34.17 -48.91
C ASN B 55 -0.74 -34.58 -49.70
N THR B 56 -0.53 -33.91 -50.83
CA THR B 56 0.64 -34.16 -51.65
C THR B 56 1.88 -33.61 -50.94
N VAL B 57 1.78 -32.37 -50.48
CA VAL B 57 2.85 -31.74 -49.71
C VAL B 57 3.16 -32.54 -48.44
N HIS B 58 2.13 -32.96 -47.72
CA HIS B 58 2.32 -33.80 -46.54
C HIS B 58 3.00 -35.12 -46.91
N TYR B 59 2.68 -35.66 -48.07
CA TYR B 59 3.34 -36.88 -48.52
C TYR B 59 4.83 -36.64 -48.65
N ILE B 60 5.18 -35.51 -49.27
CA ILE B 60 6.57 -35.20 -49.56
C ILE B 60 7.35 -34.90 -48.29
N LEU B 61 6.70 -34.21 -47.36
CA LEU B 61 7.34 -33.86 -46.11
C LEU B 61 7.51 -35.07 -45.18
N THR B 62 6.76 -36.15 -45.43
CA THR B 62 6.82 -37.32 -44.56
C THR B 62 7.39 -38.56 -45.23
N HIS B 63 7.90 -38.40 -46.44
CA HIS B 63 8.65 -39.46 -47.11
C HIS B 63 10.00 -38.93 -47.55
N PHE B 64 10.71 -39.68 -48.39
CA PHE B 64 12.02 -39.29 -48.89
C PHE B 64 12.94 -38.88 -47.75
N LYS B 65 12.97 -39.69 -46.69
CA LYS B 65 13.72 -39.38 -45.48
C LYS B 65 15.20 -39.13 -45.75
N GLY B 66 15.75 -39.89 -46.70
CA GLY B 66 17.14 -39.76 -47.06
C GLY B 66 17.46 -38.41 -47.68
N VAL B 67 16.54 -37.90 -48.48
CA VAL B 67 16.69 -36.58 -49.09
C VAL B 67 16.64 -35.51 -48.02
N TRP B 68 15.66 -35.60 -47.12
CA TRP B 68 15.51 -34.62 -46.05
C TRP B 68 16.72 -34.61 -45.13
N ASN B 69 17.32 -35.78 -44.95
CA ASN B 69 18.53 -35.90 -44.15
C ASN B 69 19.65 -35.03 -44.70
N ILE B 70 19.83 -35.07 -46.03
CA ILE B 70 20.79 -34.18 -46.69
C ILE B 70 20.39 -32.73 -46.46
N VAL B 71 19.13 -32.41 -46.76
CA VAL B 71 18.60 -31.05 -46.61
C VAL B 71 18.83 -30.51 -45.20
N ASN B 72 18.53 -31.34 -44.18
CA ASN B 72 18.66 -30.91 -42.79
C ASN B 72 20.09 -30.59 -42.39
N ASN B 73 21.06 -31.15 -43.12
CA ASN B 73 22.46 -30.98 -42.77
C ASN B 73 23.21 -29.97 -43.62
N ILE B 74 22.48 -29.24 -44.47
CA ILE B 74 23.05 -28.13 -45.21
C ILE B 74 22.35 -26.85 -44.78
N PRO B 75 22.93 -26.13 -43.81
CA PRO B 75 22.36 -24.94 -43.19
C PRO B 75 21.65 -23.98 -44.14
N PHE B 76 22.29 -23.55 -45.21
CA PHE B 76 21.66 -22.55 -46.08
C PHE B 76 20.41 -23.11 -46.77
N LEU B 77 20.38 -24.41 -47.00
CA LEU B 77 19.27 -25.04 -47.69
C LEU B 77 18.11 -25.23 -46.74
N ARG B 78 18.42 -25.70 -45.53
CA ARG B 78 17.43 -25.82 -44.48
C ARG B 78 16.77 -24.48 -44.21
N SER B 79 17.57 -23.42 -44.17
CA SER B 79 17.08 -22.07 -43.94
C SER B 79 16.20 -21.61 -45.09
N LEU B 80 16.63 -21.92 -46.29
CA LEU B 80 15.91 -21.52 -47.49
C LEU B 80 14.51 -22.14 -47.51
N ILE B 81 14.44 -23.41 -47.15
CA ILE B 81 13.17 -24.13 -47.14
C ILE B 81 12.28 -23.62 -46.03
N MET B 82 12.85 -23.40 -44.85
CA MET B 82 12.09 -22.89 -43.72
C MET B 82 11.52 -21.52 -44.05
N LYS B 83 12.33 -20.70 -44.71
CA LYS B 83 11.88 -19.40 -45.19
C LYS B 83 10.66 -19.56 -46.10
N TYR B 84 10.73 -20.50 -47.04
CA TYR B 84 9.56 -20.79 -47.88
C TYR B 84 8.37 -21.26 -47.05
N VAL B 85 8.63 -22.19 -46.14
CA VAL B 85 7.58 -22.73 -45.27
C VAL B 85 6.86 -21.61 -44.53
N LEU B 86 7.62 -20.67 -44.00
CA LEU B 86 7.06 -19.56 -43.25
C LEU B 86 6.12 -18.70 -44.11
N THR B 87 6.58 -18.28 -45.28
CA THR B 87 5.76 -17.43 -46.13
C THR B 87 4.61 -18.18 -46.80
N SER B 88 4.82 -19.44 -47.14
CA SER B 88 3.76 -20.24 -47.76
C SER B 88 2.61 -20.46 -46.77
N ARG B 89 2.91 -20.33 -45.48
CA ARG B 89 1.95 -20.57 -44.42
C ARG B 89 1.37 -19.30 -43.84
N SER B 90 1.71 -18.14 -44.40
CA SER B 90 1.20 -16.89 -43.84
C SER B 90 0.54 -15.96 -44.85
N TYR B 91 -0.64 -16.35 -45.32
CA TYR B 91 -1.44 -15.52 -46.20
C TYR B 91 -2.91 -15.84 -45.94
N LEU B 92 -3.14 -16.81 -45.06
CA LEU B 92 -4.50 -17.29 -44.75
C LEU B 92 -5.13 -16.61 -43.55
N ILE B 93 -4.31 -16.03 -42.68
CA ILE B 93 -4.83 -15.38 -41.48
C ILE B 93 -5.07 -13.87 -41.68
N ASP B 94 -6.26 -13.39 -41.33
CA ASP B 94 -6.53 -11.96 -41.37
C ASP B 94 -5.76 -11.28 -40.24
N SER B 95 -4.82 -10.41 -40.61
CA SER B 95 -4.01 -9.71 -39.61
C SER B 95 -3.64 -8.32 -40.14
N PRO B 96 -4.21 -7.25 -39.57
CA PRO B 96 -5.10 -7.10 -38.41
C PRO B 96 -6.38 -7.93 -38.52
N PRO B 97 -6.91 -8.35 -37.37
CA PRO B 97 -8.03 -9.31 -37.33
C PRO B 97 -9.34 -8.63 -37.74
N THR B 98 -10.35 -9.45 -38.05
CA THR B 98 -11.61 -8.97 -38.59
C THR B 98 -12.79 -9.35 -37.73
N TYR B 99 -13.43 -10.48 -38.04
CA TYR B 99 -14.72 -10.83 -37.44
C TYR B 99 -14.62 -11.32 -35.99
N ASN B 100 -15.76 -11.34 -35.30
CA ASN B 100 -15.86 -12.07 -34.04
C ASN B 100 -17.27 -12.62 -33.86
N VAL B 101 -17.57 -13.19 -32.69
CA VAL B 101 -18.87 -13.85 -32.47
C VAL B 101 -20.09 -12.93 -32.71
N HIS B 102 -19.93 -11.64 -32.42
CA HIS B 102 -21.02 -10.67 -32.56
C HIS B 102 -20.98 -9.87 -33.85
N TYR B 103 -19.92 -10.02 -34.64
CA TYR B 103 -19.78 -9.22 -35.85
C TYR B 103 -19.43 -10.04 -37.09
N GLY B 104 -20.41 -10.14 -38.00
CA GLY B 104 -20.23 -10.81 -39.27
C GLY B 104 -19.81 -9.84 -40.36
N TYR B 105 -19.58 -8.59 -39.94
CA TYR B 105 -18.99 -7.58 -40.83
C TYR B 105 -17.89 -6.85 -40.01
N LYS B 106 -16.91 -6.25 -40.70
CA LYS B 106 -15.84 -5.53 -40.00
C LYS B 106 -16.38 -4.32 -39.27
N SER B 107 -15.94 -4.11 -38.04
CA SER B 107 -16.33 -2.92 -37.28
C SER B 107 -15.21 -2.49 -36.36
N TRP B 108 -15.22 -1.23 -35.92
CA TRP B 108 -14.19 -0.80 -34.98
C TRP B 108 -14.31 -1.55 -33.66
N GLU B 109 -15.50 -1.99 -33.32
CA GLU B 109 -15.70 -2.73 -32.08
C GLU B 109 -15.01 -4.09 -32.14
N ALA B 110 -15.21 -4.79 -33.26
CA ALA B 110 -14.59 -6.09 -33.48
C ALA B 110 -13.06 -5.93 -33.56
N PHE B 111 -12.55 -4.90 -34.23
CA PHE B 111 -11.12 -4.72 -34.23
C PHE B 111 -10.56 -4.41 -32.82
N SER B 112 -11.21 -3.49 -32.11
CA SER B 112 -10.57 -2.86 -30.96
C SER B 112 -10.75 -3.62 -29.65
N ASN B 113 -11.84 -4.38 -29.52
CA ASN B 113 -12.21 -5.01 -28.25
C ASN B 113 -11.43 -6.30 -28.08
N LEU B 114 -10.36 -6.22 -27.29
CA LEU B 114 -9.47 -7.38 -27.09
C LEU B 114 -10.10 -8.56 -26.29
N SER B 115 -11.27 -8.35 -25.67
CA SER B 115 -11.91 -9.42 -24.89
C SER B 115 -12.54 -10.52 -25.71
N TYR B 116 -12.69 -10.28 -27.01
CA TYR B 116 -13.24 -11.30 -27.91
C TYR B 116 -12.16 -12.22 -28.45
N TYR B 117 -12.47 -13.51 -28.67
CA TYR B 117 -11.67 -14.28 -29.62
C TYR B 117 -12.02 -13.72 -30.99
N THR B 118 -11.08 -13.69 -31.92
CA THR B 118 -11.43 -13.28 -33.28
C THR B 118 -11.99 -14.49 -34.05
N ARG B 119 -12.50 -14.25 -35.27
CA ARG B 119 -13.08 -15.32 -36.05
C ARG B 119 -12.53 -15.37 -37.47
N ALA B 120 -12.05 -16.55 -37.85
CA ALA B 120 -11.53 -16.79 -39.18
C ALA B 120 -12.66 -16.81 -40.20
N LEU B 121 -13.84 -17.25 -39.77
CA LEU B 121 -15.04 -17.10 -40.58
C LEU B 121 -16.11 -16.40 -39.74
N PRO B 122 -16.84 -15.46 -40.34
CA PRO B 122 -17.89 -14.74 -39.60
C PRO B 122 -19.01 -15.67 -39.15
N PRO B 123 -19.70 -15.33 -38.06
CA PRO B 123 -20.82 -16.17 -37.61
C PRO B 123 -21.97 -16.20 -38.63
N VAL B 124 -22.79 -17.25 -38.56
CA VAL B 124 -24.01 -17.34 -39.34
C VAL B 124 -24.98 -16.34 -38.72
N ALA B 125 -25.57 -15.49 -39.55
CA ALA B 125 -26.46 -14.43 -39.05
C ALA B 125 -27.63 -15.02 -38.25
N ASP B 126 -28.07 -14.30 -37.21
CA ASP B 126 -29.14 -14.75 -36.34
C ASP B 126 -30.40 -15.11 -37.07
N ASP B 127 -30.76 -14.35 -38.09
CA ASP B 127 -32.02 -14.56 -38.77
C ASP B 127 -31.92 -15.51 -39.96
N CYS B 128 -30.86 -16.32 -40.01
CA CYS B 128 -30.78 -17.32 -41.07
C CYS B 128 -31.76 -18.43 -40.75
N PRO B 129 -32.40 -19.02 -41.77
CA PRO B 129 -33.44 -20.01 -41.56
C PRO B 129 -32.94 -21.31 -40.92
N THR B 130 -31.66 -21.62 -41.08
CA THR B 130 -31.08 -22.84 -40.52
C THR B 130 -29.78 -22.51 -39.77
N PRO B 131 -29.34 -23.40 -38.87
CA PRO B 131 -28.08 -23.18 -38.14
C PRO B 131 -26.88 -22.93 -39.04
N MET B 132 -26.79 -23.62 -40.17
CA MET B 132 -25.63 -23.47 -41.05
C MET B 132 -25.82 -22.39 -42.13
N GLY B 133 -27.01 -21.81 -42.19
CA GLY B 133 -27.30 -20.78 -43.16
C GLY B 133 -28.64 -21.06 -43.82
N VAL B 134 -28.62 -21.84 -44.90
CA VAL B 134 -29.87 -22.25 -45.54
C VAL B 134 -29.99 -23.76 -45.66
N LYS B 135 -28.87 -24.47 -45.56
CA LYS B 135 -28.86 -25.92 -45.70
C LYS B 135 -29.23 -26.64 -44.42
N GLY B 136 -29.67 -27.88 -44.55
CA GLY B 136 -29.94 -28.73 -43.41
C GLY B 136 -31.31 -28.50 -42.80
N ASN B 137 -31.54 -29.08 -41.63
CA ASN B 137 -32.82 -28.97 -40.95
C ASN B 137 -32.87 -27.73 -40.06
N LYS B 138 -34.04 -27.47 -39.48
CA LYS B 138 -34.21 -26.31 -38.61
C LYS B 138 -33.29 -26.40 -37.40
N GLU B 139 -32.97 -27.64 -37.01
CA GLU B 139 -32.09 -27.89 -35.88
C GLU B 139 -30.97 -28.86 -36.29
N LEU B 140 -29.78 -28.62 -35.78
CA LEU B 140 -28.69 -29.58 -35.90
C LEU B 140 -29.03 -30.83 -35.07
N PRO B 141 -28.39 -31.97 -35.38
CA PRO B 141 -28.67 -33.19 -34.64
C PRO B 141 -28.31 -33.08 -33.16
N ASP B 142 -29.01 -33.86 -32.33
CA ASP B 142 -28.75 -33.93 -30.90
C ASP B 142 -27.25 -34.10 -30.65
N SER B 143 -26.68 -33.18 -29.88
CA SER B 143 -25.23 -33.20 -29.64
C SER B 143 -24.78 -34.43 -28.84
N LYS B 144 -25.62 -34.87 -27.90
CA LYS B 144 -25.37 -36.08 -27.13
C LYS B 144 -25.32 -37.30 -28.05
N GLU B 145 -26.23 -37.34 -29.03
CA GLU B 145 -26.27 -38.45 -29.98
C GLU B 145 -25.00 -38.44 -30.81
N VAL B 146 -24.59 -37.26 -31.28
CA VAL B 146 -23.36 -37.12 -32.06
C VAL B 146 -22.16 -37.56 -31.21
N LEU B 147 -22.09 -37.02 -30.00
CA LEU B 147 -21.05 -37.41 -29.03
C LEU B 147 -20.97 -38.93 -28.83
N GLU B 148 -22.09 -39.54 -28.49
CA GLU B 148 -22.09 -40.96 -28.14
C GLU B 148 -21.80 -41.88 -29.33
N LYS B 149 -22.30 -41.50 -30.51
CA LYS B 149 -22.18 -42.37 -31.68
C LYS B 149 -20.78 -42.36 -32.31
N VAL B 150 -20.09 -41.22 -32.30
CA VAL B 150 -18.82 -41.16 -33.04
C VAL B 150 -17.62 -40.53 -32.31
N LEU B 151 -17.83 -39.94 -31.14
CA LEU B 151 -16.73 -39.28 -30.41
C LEU B 151 -16.18 -40.10 -29.24
N LEU B 152 -17.07 -40.66 -28.45
CA LEU B 152 -16.70 -41.31 -27.19
C LEU B 152 -15.87 -42.57 -27.43
N ARG B 153 -14.88 -42.75 -26.56
CA ARG B 153 -14.00 -43.90 -26.60
C ARG B 153 -14.73 -45.18 -26.24
N ARG B 154 -14.52 -46.22 -27.05
CA ARG B 154 -14.88 -47.57 -26.69
C ARG B 154 -13.63 -48.17 -26.07
N GLU B 155 -12.76 -48.69 -26.92
CA GLU B 155 -11.43 -49.09 -26.51
C GLU B 155 -10.42 -47.97 -26.77
N PHE B 156 -9.44 -47.84 -25.88
CA PHE B 156 -8.38 -46.86 -26.05
C PHE B 156 -7.66 -47.05 -27.39
N ILE B 157 -7.63 -45.99 -28.19
CA ILE B 157 -6.87 -45.99 -29.44
C ILE B 157 -5.57 -45.21 -29.27
N PRO B 158 -4.44 -45.93 -29.23
CA PRO B 158 -3.13 -45.29 -29.08
C PRO B 158 -2.77 -44.44 -30.30
N ASP B 159 -2.06 -43.33 -30.10
CA ASP B 159 -1.53 -42.58 -31.21
C ASP B 159 -0.39 -43.32 -31.91
N PRO B 160 -0.58 -43.63 -33.20
CA PRO B 160 0.45 -44.32 -33.98
C PRO B 160 1.72 -43.48 -34.17
N GLN B 161 1.61 -42.15 -34.01
CA GLN B 161 2.79 -41.28 -34.08
C GLN B 161 3.63 -41.35 -32.81
N GLY B 162 3.11 -42.04 -31.79
CA GLY B 162 3.88 -42.28 -30.59
C GLY B 162 3.88 -41.12 -29.60
N SER B 163 3.01 -40.12 -29.78
CA SER B 163 2.92 -39.00 -28.84
C SER B 163 2.70 -39.56 -27.43
N ASN B 164 3.36 -38.94 -26.46
CA ASN B 164 3.33 -39.41 -25.09
C ASN B 164 2.63 -38.41 -24.17
N MET B 165 2.68 -38.67 -22.87
CA MET B 165 2.02 -37.79 -21.92
C MET B 165 2.79 -36.51 -21.65
N MET B 166 4.12 -36.52 -21.85
CA MET B 166 4.88 -35.25 -21.89
C MET B 166 4.35 -34.35 -23.00
N PHE B 167 3.97 -34.97 -24.11
CA PHE B 167 3.44 -34.20 -25.22
C PHE B 167 2.05 -33.66 -24.88
N ALA B 168 1.18 -34.54 -24.42
CA ALA B 168 -0.19 -34.17 -24.08
C ALA B 168 -0.22 -33.04 -23.04
N PHE B 169 0.58 -33.17 -21.99
CA PHE B 169 0.56 -32.13 -20.96
C PHE B 169 1.26 -30.85 -21.38
N PHE B 170 2.22 -30.97 -22.30
CA PHE B 170 2.84 -29.78 -22.86
C PHE B 170 1.81 -29.02 -23.70
N ALA B 171 1.07 -29.73 -24.54
CA ALA B 171 0.00 -29.12 -25.32
C ALA B 171 -1.00 -28.37 -24.42
N GLN B 172 -1.42 -29.00 -23.32
CA GLN B 172 -2.42 -28.40 -22.43
C GLN B 172 -1.82 -27.17 -21.73
N HIS B 173 -0.59 -27.31 -21.22
CA HIS B 173 0.08 -26.24 -20.47
C HIS B 173 0.37 -25.02 -21.36
N PHE B 174 0.99 -25.26 -22.50
CA PHE B 174 1.34 -24.20 -23.45
C PHE B 174 0.11 -23.45 -23.96
N THR B 175 -0.90 -24.19 -24.44
CA THR B 175 -2.06 -23.54 -25.05
C THR B 175 -2.92 -22.78 -24.05
N HIS B 176 -2.92 -23.23 -22.80
CA HIS B 176 -3.77 -22.59 -21.79
C HIS B 176 -3.29 -21.19 -21.32
N GLN B 177 -2.22 -20.70 -21.94
CA GLN B 177 -1.90 -19.30 -21.70
C GLN B 177 -2.71 -18.42 -22.63
N PHE B 178 -3.15 -18.94 -23.78
CA PHE B 178 -3.92 -18.08 -24.69
C PHE B 178 -5.34 -18.58 -24.95
N PHE B 179 -5.64 -19.83 -24.56
CA PHE B 179 -7.03 -20.30 -24.54
C PHE B 179 -7.49 -20.20 -23.11
N LYS B 180 -8.16 -19.10 -22.81
CA LYS B 180 -8.61 -18.80 -21.45
C LYS B 180 -10.01 -18.17 -21.54
N THR B 181 -10.99 -18.99 -21.85
CA THR B 181 -12.33 -18.50 -22.12
C THR B 181 -12.95 -17.80 -20.94
N ASP B 182 -13.48 -16.60 -21.16
CA ASP B 182 -14.15 -15.86 -20.11
C ASP B 182 -15.60 -16.32 -19.98
N HIS B 183 -15.84 -17.34 -19.16
CA HIS B 183 -17.16 -17.95 -19.07
C HIS B 183 -18.24 -17.01 -18.52
N LYS B 184 -17.84 -15.95 -17.82
CA LYS B 184 -18.79 -14.92 -17.40
C LYS B 184 -19.49 -14.36 -18.64
N ARG B 185 -18.67 -13.94 -19.60
CA ARG B 185 -19.14 -13.26 -20.79
C ARG B 185 -19.71 -14.19 -21.85
N GLY B 186 -19.10 -15.37 -22.00
CA GLY B 186 -19.54 -16.33 -23.00
C GLY B 186 -18.39 -16.98 -23.75
N PRO B 187 -18.73 -17.99 -24.57
CA PRO B 187 -17.69 -18.81 -25.20
C PRO B 187 -16.86 -18.05 -26.22
N GLY B 188 -17.36 -16.91 -26.70
CA GLY B 188 -16.63 -16.13 -27.66
C GLY B 188 -15.65 -15.13 -27.02
N PHE B 189 -15.48 -15.19 -25.70
CA PHE B 189 -14.63 -14.20 -25.03
C PHE B 189 -13.43 -14.84 -24.33
N THR B 190 -12.35 -14.09 -24.25
CA THR B 190 -11.12 -14.59 -23.65
C THR B 190 -10.67 -13.69 -22.50
N ARG B 191 -9.93 -14.27 -21.57
CA ARG B 191 -9.31 -13.52 -20.49
C ARG B 191 -7.84 -13.30 -20.82
N GLY B 192 -7.38 -13.90 -21.92
CA GLY B 192 -5.99 -13.80 -22.33
C GLY B 192 -5.75 -12.61 -23.27
N LEU B 193 -5.61 -11.44 -22.66
CA LEU B 193 -5.59 -10.19 -23.44
C LEU B 193 -4.30 -9.98 -24.24
N GLY B 194 -3.26 -10.73 -23.92
CA GLY B 194 -2.04 -10.71 -24.70
C GLY B 194 -2.18 -11.46 -26.01
N HIS B 195 -3.21 -12.30 -26.14
CA HIS B 195 -3.52 -13.00 -27.40
C HIS B 195 -2.32 -13.75 -28.00
N GLY B 196 -1.60 -14.48 -27.16
CA GLY B 196 -0.46 -15.22 -27.63
C GLY B 196 0.48 -15.68 -26.55
N VAL B 197 1.75 -15.79 -26.90
CA VAL B 197 2.75 -16.41 -26.06
C VAL B 197 3.40 -15.38 -25.15
N ASP B 198 2.68 -14.97 -24.12
CA ASP B 198 3.25 -13.97 -23.23
C ASP B 198 3.70 -14.56 -21.91
N LEU B 199 3.46 -15.86 -21.77
CA LEU B 199 3.78 -16.60 -20.53
C LEU B 199 3.03 -16.10 -19.31
N ASN B 200 1.82 -15.58 -19.52
CA ASN B 200 0.96 -15.19 -18.38
C ASN B 200 0.62 -16.40 -17.50
N HIS B 201 0.73 -17.59 -18.07
CA HIS B 201 0.44 -18.82 -17.30
C HIS B 201 1.52 -19.16 -16.26
N ILE B 202 2.63 -18.44 -16.33
CA ILE B 202 3.72 -18.52 -15.36
C ILE B 202 3.77 -17.24 -14.50
N TYR B 203 3.57 -16.10 -15.15
CA TYR B 203 3.76 -14.79 -14.51
C TYR B 203 2.48 -14.07 -14.12
N GLY B 204 1.33 -14.56 -14.58
CA GLY B 204 0.09 -13.88 -14.26
C GLY B 204 -0.36 -12.92 -15.35
N GLU B 205 -1.67 -12.78 -15.51
CA GLU B 205 -2.25 -11.97 -16.57
C GLU B 205 -2.06 -10.48 -16.26
N THR B 206 -2.12 -10.15 -14.96
CA THR B 206 -2.09 -8.77 -14.50
C THR B 206 -0.88 -8.53 -13.62
N LEU B 207 -0.53 -7.24 -13.53
CA LEU B 207 0.66 -6.81 -12.82
C LEU B 207 0.57 -7.15 -11.33
N ASP B 208 -0.60 -6.92 -10.75
CA ASP B 208 -0.75 -7.23 -9.32
C ASP B 208 -0.63 -8.74 -8.99
N ARG B 209 -1.11 -9.59 -9.88
CA ARG B 209 -0.89 -11.02 -9.72
C ARG B 209 0.58 -11.38 -9.88
N GLN B 210 1.22 -10.83 -10.89
CA GLN B 210 2.65 -10.99 -11.09
C GLN B 210 3.44 -10.58 -9.86
N HIS B 211 3.13 -9.42 -9.29
CA HIS B 211 3.85 -8.95 -8.13
C HIS B 211 3.65 -9.85 -6.90
N LYS B 212 2.52 -10.54 -6.82
CA LYS B 212 2.30 -11.50 -5.73
C LYS B 212 3.12 -12.76 -5.88
N LEU B 213 3.47 -13.10 -7.13
CA LEU B 213 4.21 -14.32 -7.42
C LEU B 213 5.72 -14.11 -7.35
N ARG B 214 6.15 -12.85 -7.33
CA ARG B 214 7.58 -12.52 -7.37
C ARG B 214 8.27 -12.42 -6.01
N LEU B 215 9.54 -12.82 -5.98
CA LEU B 215 10.31 -12.75 -4.75
C LEU B 215 10.85 -11.32 -4.48
N PHE B 216 10.98 -10.55 -5.54
CA PHE B 216 11.58 -9.21 -5.49
C PHE B 216 13.03 -9.16 -5.05
N LYS B 217 13.69 -10.31 -5.12
CA LYS B 217 15.14 -10.37 -5.01
C LYS B 217 15.67 -11.18 -6.22
N ASP B 218 16.72 -10.64 -6.86
CA ASP B 218 17.39 -11.31 -7.97
C ASP B 218 16.50 -11.65 -9.16
N GLY B 219 15.35 -10.98 -9.29
CA GLY B 219 14.47 -11.19 -10.42
C GLY B 219 13.60 -12.43 -10.28
N LYS B 220 13.71 -13.12 -9.15
CA LYS B 220 13.15 -14.48 -9.02
C LYS B 220 11.65 -14.54 -8.70
N LEU B 221 11.06 -15.70 -8.98
CA LEU B 221 9.71 -16.01 -8.55
C LEU B 221 9.75 -16.65 -7.15
N LYS B 222 8.76 -16.34 -6.32
CA LYS B 222 8.58 -17.10 -5.07
C LYS B 222 8.53 -18.61 -5.29
N TYR B 223 9.05 -19.36 -4.31
CA TYR B 223 8.98 -20.80 -4.36
C TYR B 223 9.07 -21.32 -2.95
N GLN B 224 8.83 -22.62 -2.77
CA GLN B 224 9.02 -23.26 -1.49
C GLN B 224 9.79 -24.56 -1.74
N VAL B 225 10.42 -25.06 -0.69
CA VAL B 225 11.14 -26.32 -0.82
C VAL B 225 10.40 -27.36 -0.01
N ILE B 226 10.08 -28.49 -0.64
CA ILE B 226 9.45 -29.61 0.02
C ILE B 226 10.29 -30.86 -0.27
N GLY B 227 10.78 -31.50 0.79
CA GLY B 227 11.64 -32.65 0.69
C GLY B 227 12.83 -32.39 -0.22
N GLY B 228 13.38 -31.18 -0.14
CA GLY B 228 14.60 -30.84 -0.85
C GLY B 228 14.35 -30.41 -2.28
N GLU B 229 13.09 -30.36 -2.70
CA GLU B 229 12.76 -30.04 -4.08
C GLU B 229 12.00 -28.73 -4.16
N VAL B 230 12.29 -27.96 -5.21
CA VAL B 230 11.66 -26.69 -5.42
C VAL B 230 10.29 -26.84 -6.06
N TYR B 231 9.28 -26.21 -5.45
CA TYR B 231 7.91 -26.18 -5.95
C TYR B 231 7.37 -24.75 -5.91
N PRO B 232 6.29 -24.49 -6.68
CA PRO B 232 5.64 -23.19 -6.62
C PRO B 232 5.21 -22.89 -5.18
N PRO B 233 5.03 -21.60 -4.84
CA PRO B 233 4.62 -21.23 -3.48
C PRO B 233 3.14 -21.53 -3.30
N THR B 234 2.63 -21.29 -2.10
CA THR B 234 1.22 -21.53 -1.79
C THR B 234 0.34 -20.30 -1.94
N VAL B 235 -0.97 -20.54 -1.97
CA VAL B 235 -1.96 -19.47 -1.93
C VAL B 235 -1.82 -18.66 -0.64
N LYS B 236 -1.56 -19.35 0.46
CA LYS B 236 -1.38 -18.71 1.77
C LYS B 236 -0.22 -17.70 1.73
N ASP B 237 0.92 -18.11 1.16
CA ASP B 237 2.11 -17.29 1.06
C ASP B 237 1.93 -16.10 0.11
N THR B 238 1.33 -16.33 -1.04
CA THR B 238 1.27 -15.32 -2.08
C THR B 238 -0.01 -14.47 -2.14
N GLN B 239 -1.12 -15.02 -1.65
CA GLN B 239 -2.46 -14.43 -1.80
C GLN B 239 -3.02 -14.45 -3.23
N VAL B 240 -2.41 -15.21 -4.12
CA VAL B 240 -2.99 -15.25 -5.45
C VAL B 240 -4.16 -16.24 -5.54
N GLU B 241 -5.16 -15.87 -6.31
CA GLU B 241 -6.35 -16.66 -6.45
C GLU B 241 -6.10 -17.85 -7.35
N MET B 242 -6.43 -19.03 -6.85
CA MET B 242 -6.32 -20.26 -7.62
C MET B 242 -7.67 -20.93 -7.54
N ILE B 243 -7.95 -21.80 -8.50
CA ILE B 243 -9.17 -22.61 -8.43
C ILE B 243 -8.85 -23.98 -7.81
N TYR B 244 -9.44 -24.25 -6.65
CA TYR B 244 -9.26 -25.53 -5.95
C TYR B 244 -10.58 -25.92 -5.30
N PRO B 245 -10.90 -27.22 -5.32
CA PRO B 245 -12.09 -27.68 -4.60
C PRO B 245 -11.89 -27.45 -3.10
N PRO B 246 -12.99 -27.28 -2.34
CA PRO B 246 -12.86 -26.84 -0.94
C PRO B 246 -12.12 -27.81 -0.02
N HIS B 247 -11.88 -29.04 -0.47
CA HIS B 247 -11.23 -30.03 0.38
C HIS B 247 -9.69 -30.07 0.24
N ILE B 248 -9.12 -29.21 -0.59
CA ILE B 248 -7.68 -29.20 -0.74
C ILE B 248 -7.03 -28.45 0.43
N PRO B 249 -6.16 -29.10 1.18
CA PRO B 249 -5.58 -28.40 2.33
C PRO B 249 -4.69 -27.25 1.88
N GLU B 250 -4.44 -26.30 2.77
CA GLU B 250 -3.67 -25.10 2.45
C GLU B 250 -2.27 -25.37 1.93
N ASN B 251 -1.60 -26.41 2.46
CA ASN B 251 -0.22 -26.65 2.06
C ASN B 251 -0.12 -27.22 0.64
N LEU B 252 -1.25 -27.67 0.10
CA LEU B 252 -1.28 -28.19 -1.27
C LEU B 252 -1.91 -27.25 -2.28
N GLN B 253 -2.33 -26.06 -1.85
CA GLN B 253 -2.85 -25.06 -2.76
C GLN B 253 -1.71 -24.28 -3.39
N PHE B 254 -1.09 -24.86 -4.43
CA PHE B 254 -0.01 -24.21 -5.16
C PHE B 254 -0.48 -23.01 -5.97
N ALA B 255 0.31 -21.94 -5.93
CA ALA B 255 0.00 -20.69 -6.64
C ALA B 255 0.89 -20.50 -7.85
N VAL B 256 0.29 -20.44 -9.04
CA VAL B 256 1.04 -20.23 -10.28
C VAL B 256 0.31 -19.25 -11.18
N GLY B 257 0.96 -18.86 -12.28
CA GLY B 257 0.43 -17.78 -13.09
C GLY B 257 -0.99 -18.02 -13.58
N GLN B 258 -1.29 -19.26 -13.98
CA GLN B 258 -2.61 -19.65 -14.47
C GLN B 258 -3.44 -20.29 -13.36
N GLU B 259 -4.61 -19.68 -13.11
CA GLU B 259 -5.43 -20.05 -11.97
C GLU B 259 -5.98 -21.47 -12.00
N VAL B 260 -5.98 -22.11 -13.17
CA VAL B 260 -6.54 -23.45 -13.25
C VAL B 260 -5.49 -24.55 -13.19
N PHE B 261 -4.21 -24.19 -13.10
CA PHE B 261 -3.17 -25.20 -13.24
C PHE B 261 -3.06 -26.17 -12.05
N GLY B 262 -3.82 -25.91 -11.00
CA GLY B 262 -4.00 -26.90 -9.94
C GLY B 262 -5.02 -27.98 -10.29
N LEU B 263 -5.66 -27.87 -11.47
CA LEU B 263 -6.63 -28.86 -11.96
C LEU B 263 -6.00 -30.26 -12.03
N VAL B 264 -4.74 -30.30 -12.42
CA VAL B 264 -4.14 -31.57 -12.82
C VAL B 264 -2.63 -31.55 -12.61
N PRO B 265 -2.11 -32.59 -11.96
CA PRO B 265 -0.69 -32.71 -11.60
C PRO B 265 0.21 -32.61 -12.83
N GLY B 266 -0.31 -33.00 -13.99
CA GLY B 266 0.43 -32.87 -15.23
C GLY B 266 0.71 -31.41 -15.55
N LEU B 267 -0.24 -30.52 -15.25
CA LEU B 267 -0.04 -29.09 -15.49
C LEU B 267 0.92 -28.53 -14.45
N MET B 268 0.76 -28.98 -13.21
CA MET B 268 1.60 -28.52 -12.11
C MET B 268 3.06 -28.96 -12.32
N MET B 269 3.25 -30.10 -12.98
CA MET B 269 4.60 -30.57 -13.34
C MET B 269 5.29 -29.54 -14.24
N TYR B 270 4.60 -29.11 -15.30
CA TYR B 270 5.20 -28.13 -16.20
C TYR B 270 5.32 -26.76 -15.51
N ALA B 271 4.33 -26.39 -14.71
CA ALA B 271 4.42 -25.11 -13.99
C ALA B 271 5.69 -25.06 -13.10
N THR B 272 5.98 -26.18 -12.45
CA THR B 272 7.15 -26.31 -11.58
C THR B 272 8.44 -26.20 -12.38
N ILE B 273 8.53 -26.98 -13.46
CA ILE B 273 9.66 -26.95 -14.39
C ILE B 273 9.93 -25.54 -14.88
N TRP B 274 8.91 -24.83 -15.36
CA TRP B 274 9.11 -23.47 -15.90
C TRP B 274 9.46 -22.45 -14.83
N LEU B 275 8.91 -22.64 -13.63
CA LEU B 275 9.28 -21.77 -12.51
C LEU B 275 10.78 -21.94 -12.18
N ARG B 276 11.23 -23.19 -12.15
CA ARG B 276 12.63 -23.48 -11.90
C ARG B 276 13.50 -22.89 -12.99
N GLU B 277 13.04 -22.96 -14.23
CA GLU B 277 13.78 -22.40 -15.36
C GLU B 277 13.96 -20.87 -15.25
N HIS B 278 12.87 -20.18 -14.88
CA HIS B 278 12.95 -18.74 -14.65
C HIS B 278 14.02 -18.38 -13.62
N ASN B 279 13.99 -19.06 -12.48
CA ASN B 279 14.93 -18.79 -11.42
C ASN B 279 16.37 -19.16 -11.81
N ARG B 280 16.49 -20.21 -12.64
CA ARG B 280 17.78 -20.61 -13.17
C ARG B 280 18.37 -19.49 -14.04
N VAL B 281 17.53 -18.91 -14.89
CA VAL B 281 17.98 -17.89 -15.81
C VAL B 281 18.33 -16.61 -15.04
N CYS B 282 17.58 -16.32 -13.97
CA CYS B 282 17.93 -15.20 -13.08
C CYS B 282 19.35 -15.36 -12.53
N ASP B 283 19.68 -16.57 -12.09
CA ASP B 283 21.02 -16.86 -11.61
C ASP B 283 22.07 -16.55 -12.68
N ILE B 284 21.83 -17.03 -13.90
CA ILE B 284 22.75 -16.80 -15.02
C ILE B 284 22.93 -15.29 -15.29
N LEU B 285 21.83 -14.56 -15.41
CA LEU B 285 21.89 -13.13 -15.69
C LEU B 285 22.53 -12.33 -14.57
N LYS B 286 22.26 -12.73 -13.33
CA LYS B 286 22.88 -12.04 -12.18
C LYS B 286 24.40 -12.20 -12.22
N GLN B 287 24.84 -13.39 -12.64
CA GLN B 287 26.25 -13.65 -12.86
C GLN B 287 26.81 -12.74 -13.97
N GLU B 288 26.04 -12.57 -15.04
CA GLU B 288 26.46 -11.74 -16.16
C GLU B 288 26.40 -10.27 -15.77
N HIS B 289 25.46 -9.93 -14.91
CA HIS B 289 25.17 -8.54 -14.59
C HIS B 289 25.02 -8.33 -13.09
N PRO B 290 26.15 -8.35 -12.37
CA PRO B 290 26.10 -8.00 -10.94
C PRO B 290 25.48 -6.62 -10.72
N GLU B 291 25.62 -5.73 -11.70
CA GLU B 291 25.12 -4.36 -11.58
C GLU B 291 23.60 -4.22 -11.82
N TRP B 292 22.92 -5.29 -12.19
CA TRP B 292 21.47 -5.22 -12.44
C TRP B 292 20.63 -5.35 -11.17
N GLY B 293 19.47 -4.71 -11.17
CA GLY B 293 18.51 -4.84 -10.07
C GLY B 293 17.48 -5.93 -10.33
N ASP B 294 16.66 -6.16 -9.31
CA ASP B 294 15.61 -7.17 -9.36
C ASP B 294 14.68 -7.02 -10.57
N GLU B 295 14.22 -5.80 -10.85
CA GLU B 295 13.24 -5.61 -11.93
C GLU B 295 13.83 -6.02 -13.30
N GLN B 296 15.03 -5.56 -13.61
CA GLN B 296 15.60 -5.88 -14.90
C GLN B 296 15.92 -7.41 -15.01
N LEU B 297 16.36 -8.02 -13.92
CA LEU B 297 16.61 -9.47 -13.93
C LEU B 297 15.32 -10.25 -14.19
N PHE B 298 14.23 -9.81 -13.56
CA PHE B 298 12.94 -10.43 -13.79
C PHE B 298 12.48 -10.29 -15.25
N GLN B 299 12.49 -9.06 -15.76
CA GLN B 299 11.93 -8.77 -17.08
C GLN B 299 12.75 -9.47 -18.15
N THR B 300 14.08 -9.44 -17.98
CA THR B 300 14.95 -10.04 -18.97
C THR B 300 14.78 -11.56 -18.99
N SER B 301 14.61 -12.17 -17.82
CA SER B 301 14.39 -13.61 -17.73
C SER B 301 13.10 -14.00 -18.41
N ARG B 302 12.06 -13.21 -18.18
CA ARG B 302 10.78 -13.44 -18.84
C ARG B 302 10.92 -13.40 -20.34
N LEU B 303 11.66 -12.43 -20.88
CA LEU B 303 11.88 -12.38 -22.33
C LEU B 303 12.61 -13.63 -22.83
N ILE B 304 13.60 -14.06 -22.06
CA ILE B 304 14.35 -15.25 -22.40
C ILE B 304 13.43 -16.47 -22.43
N LEU B 305 12.60 -16.63 -21.41
CA LEU B 305 11.71 -17.80 -21.34
C LEU B 305 10.68 -17.79 -22.46
N ILE B 306 10.30 -16.60 -22.90
CA ILE B 306 9.39 -16.47 -24.04
C ILE B 306 10.06 -17.05 -25.30
N GLY B 307 11.31 -16.64 -25.53
CA GLY B 307 12.11 -17.19 -26.62
C GLY B 307 12.31 -18.70 -26.51
N GLU B 308 12.64 -19.18 -25.32
CA GLU B 308 12.78 -20.63 -25.10
C GLU B 308 11.52 -21.37 -25.48
N THR B 309 10.38 -20.81 -25.06
CA THR B 309 9.09 -21.43 -25.28
C THR B 309 8.83 -21.55 -26.78
N ILE B 310 9.03 -20.44 -27.51
CA ILE B 310 8.83 -20.44 -28.96
C ILE B 310 9.77 -21.42 -29.65
N LYS B 311 11.04 -21.39 -29.25
CA LYS B 311 12.03 -22.32 -29.77
C LYS B 311 11.60 -23.78 -29.61
N ILE B 312 11.14 -24.13 -28.41
CA ILE B 312 10.79 -25.52 -28.11
C ILE B 312 9.49 -25.88 -28.80
N VAL B 313 8.54 -24.94 -28.82
CA VAL B 313 7.27 -25.20 -29.48
C VAL B 313 7.50 -25.55 -30.95
N ILE B 314 8.33 -24.78 -31.63
CA ILE B 314 8.57 -25.04 -33.04
C ILE B 314 9.44 -26.29 -33.30
N GLU B 315 10.59 -26.35 -32.63
CA GLU B 315 11.59 -27.35 -33.00
C GLU B 315 11.44 -28.72 -32.33
N ASP B 316 10.65 -28.79 -31.26
CA ASP B 316 10.41 -30.08 -30.62
C ASP B 316 8.94 -30.46 -30.72
N TYR B 317 8.07 -29.53 -30.33
CA TYR B 317 6.67 -29.83 -30.13
C TYR B 317 5.94 -29.96 -31.48
N VAL B 318 5.94 -28.89 -32.28
CA VAL B 318 5.32 -28.90 -33.59
C VAL B 318 6.10 -29.87 -34.47
N GLN B 319 7.42 -29.91 -34.27
CA GLN B 319 8.25 -30.85 -35.01
C GLN B 319 7.73 -32.27 -34.83
N HIS B 320 7.49 -32.69 -33.59
CA HIS B 320 6.96 -34.02 -33.35
C HIS B 320 5.56 -34.26 -33.95
N LEU B 321 4.65 -33.31 -33.73
CA LEU B 321 3.26 -33.53 -34.10
C LEU B 321 3.08 -33.50 -35.62
N SER B 322 3.95 -32.75 -36.30
CA SER B 322 3.86 -32.63 -37.76
C SER B 322 4.20 -33.95 -38.46
N GLY B 323 5.17 -34.69 -37.93
CA GLY B 323 5.63 -35.91 -38.53
C GLY B 323 6.54 -35.67 -39.71
N TYR B 324 6.99 -34.43 -39.87
CA TYR B 324 7.87 -34.05 -40.99
C TYR B 324 9.28 -34.54 -40.75
N HIS B 325 9.96 -34.97 -41.81
CA HIS B 325 11.37 -35.32 -41.75
C HIS B 325 12.24 -34.07 -41.87
N PHE B 326 11.67 -33.03 -42.48
CA PHE B 326 12.35 -31.73 -42.50
C PHE B 326 12.43 -31.20 -41.08
N LYS B 327 13.60 -30.69 -40.72
CA LYS B 327 13.82 -30.09 -39.40
C LYS B 327 13.40 -28.60 -39.38
N LEU B 328 12.22 -28.35 -38.82
CA LEU B 328 11.73 -26.99 -38.64
C LEU B 328 12.73 -26.17 -37.83
N LYS B 329 12.76 -24.86 -38.11
CA LYS B 329 13.74 -23.98 -37.50
C LYS B 329 13.09 -22.73 -36.92
N PHE B 330 13.43 -22.38 -35.69
CA PHE B 330 13.04 -21.10 -35.15
C PHE B 330 14.11 -20.09 -35.50
N ASP B 331 13.82 -19.25 -36.50
CA ASP B 331 14.75 -18.20 -36.89
C ASP B 331 14.02 -16.95 -37.36
N PRO B 332 13.78 -16.01 -36.45
CA PRO B 332 13.04 -14.77 -36.78
C PRO B 332 13.66 -14.03 -37.96
N GLU B 333 14.96 -14.15 -38.15
CA GLU B 333 15.63 -13.45 -39.24
C GLU B 333 15.11 -13.81 -40.62
N LEU B 334 14.60 -15.04 -40.78
CA LEU B 334 14.07 -15.48 -42.07
C LEU B 334 12.85 -14.67 -42.55
N LEU B 335 12.23 -13.93 -41.64
CA LEU B 335 11.08 -13.11 -42.01
C LEU B 335 11.45 -11.63 -42.24
N PHE B 336 12.70 -11.26 -41.96
CA PHE B 336 13.08 -9.85 -41.95
C PHE B 336 12.97 -9.11 -43.31
N ASN B 337 13.17 -9.84 -44.41
CA ASN B 337 12.96 -9.21 -45.73
C ASN B 337 11.64 -9.62 -46.37
N GLN B 338 10.75 -10.18 -45.56
CA GLN B 338 9.43 -10.61 -46.02
C GLN B 338 8.38 -9.67 -45.46
N GLN B 339 7.20 -9.67 -46.08
CA GLN B 339 6.04 -8.99 -45.52
C GLN B 339 5.44 -9.86 -44.45
N PHE B 340 5.33 -9.33 -43.25
CA PHE B 340 4.80 -10.10 -42.15
C PHE B 340 4.38 -9.13 -41.04
N GLN B 341 3.20 -9.38 -40.46
CA GLN B 341 2.67 -8.54 -39.40
C GLN B 341 3.04 -9.10 -38.04
N TYR B 342 3.83 -8.35 -37.27
CA TYR B 342 4.19 -8.79 -35.93
C TYR B 342 3.06 -8.48 -34.94
N GLN B 343 1.99 -9.26 -35.07
CA GLN B 343 0.87 -9.15 -34.16
C GLN B 343 0.01 -10.39 -34.28
N ASN B 344 -0.87 -10.58 -33.31
CA ASN B 344 -1.74 -11.76 -33.33
C ASN B 344 -2.97 -11.55 -32.49
N ARG B 345 -4.10 -12.10 -32.95
CA ARG B 345 -5.33 -12.10 -32.18
C ARG B 345 -5.78 -13.57 -32.22
N ILE B 346 -6.08 -14.13 -31.06
CA ILE B 346 -6.39 -15.55 -30.97
C ILE B 346 -7.77 -15.82 -31.56
N ALA B 347 -7.83 -16.75 -32.51
CA ALA B 347 -9.08 -17.12 -33.18
C ALA B 347 -9.87 -18.16 -32.40
N SER B 348 -11.17 -17.96 -32.30
CA SER B 348 -12.07 -18.91 -31.67
C SER B 348 -11.91 -20.33 -32.27
N GLU B 349 -11.79 -20.42 -33.59
CA GLU B 349 -11.67 -21.72 -34.25
C GLU B 349 -10.35 -22.42 -33.91
N PHE B 350 -9.30 -21.63 -33.66
CA PHE B 350 -8.04 -22.20 -33.19
C PHE B 350 -8.30 -22.85 -31.82
N ASN B 351 -9.01 -22.13 -30.96
CA ASN B 351 -9.39 -22.65 -29.65
C ASN B 351 -10.16 -23.96 -29.79
N THR B 352 -11.17 -23.94 -30.66
CA THR B 352 -12.03 -25.10 -30.86
C THR B 352 -11.27 -26.31 -31.39
N LEU B 353 -10.41 -26.12 -32.38
CA LEU B 353 -9.70 -27.25 -32.98
C LEU B 353 -8.69 -27.88 -32.01
N TYR B 354 -8.26 -27.11 -31.02
CA TYR B 354 -7.22 -27.53 -30.09
C TYR B 354 -7.77 -28.28 -28.88
N HIS B 355 -9.06 -28.59 -28.89
CA HIS B 355 -9.61 -29.47 -27.85
C HIS B 355 -9.20 -30.91 -28.14
N TRP B 356 -7.97 -31.24 -27.73
CA TRP B 356 -7.37 -32.53 -28.08
C TRP B 356 -7.54 -33.57 -26.97
N HIS B 357 -8.69 -33.59 -26.33
CA HIS B 357 -8.97 -34.54 -25.26
C HIS B 357 -8.84 -36.04 -25.59
N PRO B 358 -8.99 -36.45 -26.88
CA PRO B 358 -8.73 -37.88 -27.10
C PRO B 358 -7.29 -38.27 -26.75
N LEU B 359 -6.39 -37.29 -26.62
CA LEU B 359 -5.02 -37.57 -26.17
C LEU B 359 -4.98 -38.28 -24.83
N LEU B 360 -5.97 -38.00 -24.00
CA LEU B 360 -5.98 -38.48 -22.62
C LEU B 360 -6.13 -40.01 -22.52
N PRO B 361 -5.31 -40.64 -21.67
CA PRO B 361 -5.35 -42.09 -21.44
C PRO B 361 -6.54 -42.49 -20.56
N ASP B 362 -6.75 -43.78 -20.38
CA ASP B 362 -7.81 -44.26 -19.49
C ASP B 362 -7.38 -44.04 -18.05
N THR B 363 -6.09 -44.28 -17.81
CA THR B 363 -5.50 -44.02 -16.49
C THR B 363 -4.17 -43.29 -16.64
N PHE B 364 -3.76 -42.55 -15.61
CA PHE B 364 -2.46 -41.90 -15.62
C PHE B 364 -1.45 -42.77 -14.87
N ASN B 365 -0.43 -43.22 -15.58
CA ASN B 365 0.46 -44.23 -15.05
C ASN B 365 1.79 -43.64 -14.57
N ILE B 366 1.90 -43.50 -13.25
CA ILE B 366 3.12 -42.98 -12.66
C ILE B 366 3.80 -44.06 -11.84
N GLU B 367 5.06 -44.33 -12.19
CA GLU B 367 5.83 -45.39 -11.57
C GLU B 367 5.05 -46.70 -11.68
N ASP B 368 4.66 -47.26 -10.54
CA ASP B 368 3.91 -48.51 -10.53
C ASP B 368 2.40 -48.29 -10.43
N GLN B 369 2.01 -47.05 -10.12
CA GLN B 369 0.60 -46.75 -9.91
C GLN B 369 -0.10 -46.37 -11.21
N GLU B 370 -1.38 -46.72 -11.27
CA GLU B 370 -2.25 -46.28 -12.36
C GLU B 370 -3.38 -45.50 -11.72
N TYR B 371 -3.40 -44.20 -11.90
CA TYR B 371 -4.43 -43.37 -11.30
C TYR B 371 -5.61 -43.20 -12.25
N SER B 372 -6.81 -43.24 -11.69
CA SER B 372 -8.01 -42.91 -12.46
C SER B 372 -8.12 -41.40 -12.56
N PHE B 373 -9.08 -40.94 -13.37
CA PHE B 373 -9.34 -39.51 -13.50
C PHE B 373 -9.74 -38.90 -12.15
N LYS B 374 -10.62 -39.60 -11.43
CA LYS B 374 -11.09 -39.16 -10.13
C LYS B 374 -9.91 -39.06 -9.16
N GLN B 375 -9.00 -40.03 -9.25
CA GLN B 375 -7.81 -40.04 -8.44
C GLN B 375 -6.85 -38.93 -8.87
N PHE B 376 -6.69 -38.71 -10.16
CA PHE B 376 -5.65 -37.80 -10.65
C PHE B 376 -6.00 -36.33 -10.47
N LEU B 377 -7.25 -35.97 -10.72
CA LEU B 377 -7.67 -34.57 -10.76
C LEU B 377 -7.56 -33.84 -9.42
N TYR B 378 -6.99 -32.65 -9.45
CA TYR B 378 -6.84 -31.82 -8.25
C TYR B 378 -6.04 -32.49 -7.11
N ASN B 379 -5.14 -33.40 -7.47
CA ASN B 379 -4.39 -34.21 -6.51
C ASN B 379 -2.91 -33.90 -6.63
N ASN B 380 -2.46 -32.77 -6.10
CA ASN B 380 -1.04 -32.45 -6.21
C ASN B 380 -0.18 -33.32 -5.31
N SER B 381 -0.80 -34.03 -4.37
CA SER B 381 -0.03 -34.88 -3.48
C SER B 381 0.60 -36.03 -4.27
N ILE B 382 0.06 -36.32 -5.45
CA ILE B 382 0.65 -37.31 -6.35
C ILE B 382 2.01 -36.81 -6.86
N LEU B 383 2.05 -35.53 -7.22
CA LEU B 383 3.28 -34.91 -7.67
C LEU B 383 4.32 -34.94 -6.55
N LEU B 384 3.89 -34.63 -5.33
CA LEU B 384 4.81 -34.57 -4.20
C LEU B 384 5.28 -35.98 -3.87
N GLU B 385 4.37 -36.92 -3.91
CA GLU B 385 4.68 -38.31 -3.60
C GLU B 385 5.77 -38.88 -4.51
N HIS B 386 5.58 -38.74 -5.83
CA HIS B 386 6.48 -39.36 -6.81
C HIS B 386 7.65 -38.46 -7.19
N GLY B 387 7.38 -37.17 -7.26
CA GLY B 387 8.42 -36.23 -7.63
C GLY B 387 8.50 -36.00 -9.13
N LEU B 388 9.18 -34.91 -9.51
CA LEU B 388 9.28 -34.49 -10.90
C LEU B 388 10.02 -35.51 -11.74
N THR B 389 11.10 -36.06 -11.20
CA THR B 389 11.91 -37.00 -11.97
C THR B 389 11.05 -38.19 -12.42
N GLN B 390 10.30 -38.76 -11.48
CA GLN B 390 9.47 -39.93 -11.77
C GLN B 390 8.30 -39.56 -12.71
N PHE B 391 7.80 -38.35 -12.56
CA PHE B 391 6.78 -37.82 -13.46
C PHE B 391 7.29 -37.80 -14.90
N VAL B 392 8.47 -37.22 -15.08
CA VAL B 392 9.06 -37.13 -16.42
C VAL B 392 9.34 -38.52 -16.99
N GLU B 393 9.95 -39.39 -16.19
CA GLU B 393 10.26 -40.73 -16.66
C GLU B 393 9.01 -41.51 -17.04
N SER B 394 7.96 -41.37 -16.23
CA SER B 394 6.70 -42.09 -16.47
C SER B 394 5.92 -41.50 -17.64
N PHE B 395 5.83 -40.18 -17.71
CA PHE B 395 5.03 -39.56 -18.77
C PHE B 395 5.72 -39.68 -20.13
N THR B 396 7.03 -39.83 -20.13
CA THR B 396 7.79 -40.00 -21.37
C THR B 396 7.52 -41.36 -21.97
N ARG B 397 7.24 -42.34 -21.09
CA ARG B 397 6.96 -43.72 -21.51
C ARG B 397 5.49 -43.97 -21.87
N GLN B 398 4.57 -43.19 -21.29
CA GLN B 398 3.15 -43.47 -21.51
C GLN B 398 2.60 -42.85 -22.80
N ILE B 399 2.00 -43.73 -23.62
CA ILE B 399 1.45 -43.35 -24.92
C ILE B 399 0.15 -42.58 -24.76
N ALA B 400 -0.05 -41.57 -25.61
CA ALA B 400 -1.29 -40.81 -25.61
C ALA B 400 -2.23 -41.34 -26.70
N GLY B 401 -3.48 -40.91 -26.64
CA GLY B 401 -4.48 -41.38 -27.58
C GLY B 401 -4.50 -40.66 -28.92
N ARG B 402 -5.01 -41.33 -29.95
CA ARG B 402 -5.13 -40.72 -31.28
C ARG B 402 -6.26 -39.69 -31.29
N VAL B 403 -6.06 -38.57 -32.00
CA VAL B 403 -7.04 -37.49 -31.96
C VAL B 403 -8.04 -37.59 -33.10
N ALA B 404 -7.54 -37.76 -34.33
CA ALA B 404 -8.45 -37.98 -35.46
C ALA B 404 -8.90 -39.45 -35.47
N GLY B 405 -9.76 -39.83 -36.40
CA GLY B 405 -10.10 -41.25 -36.58
C GLY B 405 -11.31 -41.74 -35.79
N GLY B 406 -11.82 -40.88 -34.91
CA GLY B 406 -13.10 -41.12 -34.26
C GLY B 406 -13.03 -41.93 -32.97
N ARG B 407 -14.10 -41.80 -32.18
CA ARG B 407 -14.35 -42.69 -31.03
C ARG B 407 -13.14 -42.83 -30.10
N ASN B 408 -12.61 -41.71 -29.64
CA ASN B 408 -11.47 -41.78 -28.74
C ASN B 408 -11.49 -40.71 -27.65
N VAL B 409 -12.63 -40.05 -27.48
CA VAL B 409 -12.79 -39.15 -26.33
C VAL B 409 -13.09 -39.97 -25.09
N PRO B 410 -12.24 -39.85 -24.06
CA PRO B 410 -12.49 -40.58 -22.81
C PRO B 410 -13.80 -40.16 -22.15
N ILE B 411 -14.60 -41.11 -21.70
CA ILE B 411 -15.90 -40.84 -21.09
C ILE B 411 -15.81 -39.86 -19.92
N ALA B 412 -14.66 -39.87 -19.25
CA ALA B 412 -14.44 -38.98 -18.11
C ALA B 412 -14.57 -37.48 -18.47
N VAL B 413 -14.28 -37.14 -19.73
CA VAL B 413 -14.45 -35.75 -20.15
C VAL B 413 -15.54 -35.57 -21.21
N GLN B 414 -16.58 -36.43 -21.18
CA GLN B 414 -17.64 -36.36 -22.18
C GLN B 414 -18.39 -35.03 -22.15
N ALA B 415 -18.55 -34.45 -20.97
CA ALA B 415 -19.22 -33.16 -20.87
C ALA B 415 -18.42 -32.04 -21.57
N VAL B 416 -17.10 -32.17 -21.57
CA VAL B 416 -16.24 -31.21 -22.24
C VAL B 416 -16.45 -31.34 -23.74
N ALA B 417 -16.56 -32.58 -24.22
CA ALA B 417 -16.74 -32.80 -25.65
C ALA B 417 -18.12 -32.30 -26.11
N LYS B 418 -19.13 -32.53 -25.28
CA LYS B 418 -20.47 -32.08 -25.62
C LYS B 418 -20.52 -30.55 -25.66
N ALA B 419 -19.84 -29.91 -24.71
CA ALA B 419 -19.78 -28.45 -24.64
C ALA B 419 -19.10 -27.84 -25.86
N SER B 420 -18.07 -28.52 -26.39
CA SER B 420 -17.40 -28.04 -27.58
C SER B 420 -18.38 -28.00 -28.75
N ILE B 421 -19.19 -29.05 -28.86
CA ILE B 421 -20.25 -29.07 -29.88
C ILE B 421 -21.29 -27.97 -29.63
N ASP B 422 -21.78 -27.88 -28.41
CA ASP B 422 -22.87 -26.97 -28.06
C ASP B 422 -22.44 -25.52 -28.14
N GLN B 423 -21.22 -25.23 -27.73
CA GLN B 423 -20.71 -23.86 -27.79
C GLN B 423 -20.33 -23.43 -29.20
N SER B 424 -19.89 -24.37 -30.04
CA SER B 424 -19.66 -24.08 -31.45
C SER B 424 -20.95 -23.59 -32.09
N ARG B 425 -22.05 -24.23 -31.73
CA ARG B 425 -23.37 -23.87 -32.23
C ARG B 425 -23.81 -22.52 -31.68
N GLU B 426 -23.59 -22.34 -30.37
CA GLU B 426 -23.85 -21.07 -29.71
C GLU B 426 -23.17 -19.91 -30.45
N MET B 427 -21.93 -20.15 -30.86
CA MET B 427 -21.12 -19.14 -31.51
C MET B 427 -21.37 -19.08 -33.00
N LYS B 428 -22.43 -19.77 -33.42
CA LYS B 428 -22.88 -19.73 -34.82
C LYS B 428 -21.79 -20.08 -35.85
N TYR B 429 -20.99 -21.12 -35.58
CA TYR B 429 -19.97 -21.57 -36.51
C TYR B 429 -20.57 -22.00 -37.85
N GLN B 430 -19.93 -21.58 -38.93
CA GLN B 430 -20.25 -22.11 -40.24
C GLN B 430 -19.84 -23.58 -40.31
N SER B 431 -20.21 -24.26 -41.40
CA SER B 431 -20.02 -25.70 -41.52
C SER B 431 -18.56 -26.09 -41.75
N LEU B 432 -18.27 -27.37 -41.55
CA LEU B 432 -16.97 -27.96 -41.86
C LEU B 432 -16.50 -27.59 -43.26
N ASN B 433 -17.39 -27.72 -44.24
CA ASN B 433 -17.01 -27.48 -45.63
C ASN B 433 -16.78 -26.00 -45.94
N GLU B 434 -17.47 -25.11 -45.22
CA GLU B 434 -17.17 -23.70 -45.39
C GLU B 434 -15.77 -23.42 -44.82
N TYR B 435 -15.44 -24.05 -43.70
CA TYR B 435 -14.09 -23.89 -43.12
C TYR B 435 -13.03 -24.50 -44.02
N ARG B 436 -13.30 -25.66 -44.63
CA ARG B 436 -12.35 -26.22 -45.58
C ARG B 436 -12.07 -25.28 -46.75
N LYS B 437 -13.13 -24.73 -47.33
CA LYS B 437 -12.94 -23.76 -48.43
C LYS B 437 -12.16 -22.53 -47.98
N ARG B 438 -12.48 -22.02 -46.79
CA ARG B 438 -11.79 -20.88 -46.21
C ARG B 438 -10.26 -21.09 -46.13
N PHE B 439 -9.86 -22.33 -45.91
CA PHE B 439 -8.44 -22.66 -45.81
C PHE B 439 -7.91 -23.40 -47.04
N SER B 440 -8.51 -23.13 -48.20
CA SER B 440 -8.08 -23.67 -49.50
C SER B 440 -8.12 -25.20 -49.56
N LEU B 441 -9.11 -25.80 -48.92
CA LEU B 441 -9.26 -27.26 -48.96
C LEU B 441 -10.48 -27.62 -49.77
N LYS B 442 -10.42 -28.78 -50.41
CA LYS B 442 -11.54 -29.31 -51.18
C LYS B 442 -12.64 -29.76 -50.22
N PRO B 443 -13.88 -29.28 -50.43
CA PRO B 443 -15.02 -29.72 -49.61
C PRO B 443 -15.23 -31.25 -49.72
N TYR B 444 -15.51 -31.89 -48.59
CA TYR B 444 -15.86 -33.32 -48.62
C TYR B 444 -17.21 -33.52 -49.31
N THR B 445 -17.28 -34.53 -50.17
CA THR B 445 -18.48 -34.81 -50.96
C THR B 445 -19.36 -35.90 -50.34
N SER B 446 -18.87 -36.51 -49.26
CA SER B 446 -19.66 -37.51 -48.53
C SER B 446 -19.06 -37.78 -47.15
N PHE B 447 -19.86 -38.39 -46.27
CA PHE B 447 -19.38 -38.71 -44.93
C PHE B 447 -18.32 -39.83 -44.97
N GLU B 448 -18.43 -40.74 -45.92
CA GLU B 448 -17.41 -41.77 -46.08
C GLU B 448 -16.06 -41.17 -46.47
N GLU B 449 -16.06 -40.17 -47.34
CA GLU B 449 -14.83 -39.46 -47.67
C GLU B 449 -14.21 -38.76 -46.46
N LEU B 450 -15.06 -38.21 -45.58
CA LEU B 450 -14.58 -37.54 -44.38
C LEU B 450 -13.87 -38.50 -43.42
N THR B 451 -14.47 -39.66 -43.19
CA THR B 451 -13.96 -40.61 -42.19
C THR B 451 -13.02 -41.64 -42.80
N GLY B 452 -13.20 -41.96 -44.07
CA GLY B 452 -12.40 -42.98 -44.71
C GLY B 452 -12.84 -44.38 -44.30
N GLU B 453 -14.01 -44.45 -43.68
CA GLU B 453 -14.59 -45.74 -43.27
C GLU B 453 -16.10 -45.72 -43.50
N LYS B 454 -16.79 -46.74 -43.01
CA LYS B 454 -18.19 -46.90 -43.36
C LYS B 454 -19.18 -46.82 -42.19
N GLU B 455 -18.80 -47.33 -41.02
CA GLU B 455 -19.72 -47.35 -39.88
C GLU B 455 -20.01 -45.97 -39.27
N MET B 456 -18.97 -45.24 -38.90
CA MET B 456 -19.15 -43.88 -38.37
C MET B 456 -19.81 -42.95 -39.39
N ALA B 457 -19.36 -43.06 -40.64
CA ALA B 457 -19.94 -42.31 -41.76
C ALA B 457 -21.45 -42.50 -41.85
N ALA B 458 -21.91 -43.76 -41.76
CA ALA B 458 -23.33 -44.05 -41.82
C ALA B 458 -24.12 -43.42 -40.67
N GLU B 459 -23.60 -43.45 -39.45
CA GLU B 459 -24.28 -42.80 -38.34
C GLU B 459 -24.39 -41.28 -38.57
N LEU B 460 -23.29 -40.68 -39.01
CA LEU B 460 -23.26 -39.23 -39.31
C LEU B 460 -24.23 -38.86 -40.42
N LYS B 461 -24.30 -39.71 -41.45
CA LYS B 461 -25.22 -39.48 -42.57
C LYS B 461 -26.66 -39.50 -42.05
N ALA B 462 -26.96 -40.46 -41.18
CA ALA B 462 -28.29 -40.52 -40.57
C ALA B 462 -28.58 -39.30 -39.70
N LEU B 463 -27.55 -38.81 -38.99
CA LEU B 463 -27.72 -37.66 -38.10
C LEU B 463 -27.80 -36.34 -38.87
N TYR B 464 -26.91 -36.15 -39.84
CA TYR B 464 -26.74 -34.85 -40.49
C TYR B 464 -27.40 -34.73 -41.87
N SER B 465 -27.65 -35.87 -42.53
CA SER B 465 -28.28 -35.93 -43.86
C SER B 465 -27.41 -35.44 -45.01
N ASP B 466 -26.76 -34.30 -44.83
CA ASP B 466 -26.01 -33.65 -45.89
C ASP B 466 -24.60 -33.32 -45.38
N ILE B 467 -23.57 -33.75 -46.12
CA ILE B 467 -22.17 -33.48 -45.77
C ILE B 467 -21.87 -31.98 -45.64
N ASP B 468 -22.62 -31.16 -46.38
CA ASP B 468 -22.42 -29.70 -46.32
C ASP B 468 -22.95 -29.08 -45.02
N VAL B 469 -23.54 -29.89 -44.17
CA VAL B 469 -24.11 -29.43 -42.91
C VAL B 469 -23.29 -29.99 -41.72
N MET B 470 -22.33 -30.85 -42.05
CA MET B 470 -21.45 -31.41 -41.02
C MET B 470 -20.70 -30.28 -40.28
N GLU B 471 -20.55 -30.44 -38.96
CA GLU B 471 -19.96 -29.39 -38.13
C GLU B 471 -18.46 -29.57 -38.01
N LEU B 472 -17.74 -28.47 -37.78
CA LEU B 472 -16.28 -28.47 -37.75
C LEU B 472 -15.70 -29.34 -36.63
N TYR B 473 -16.14 -29.11 -35.40
CA TYR B 473 -15.49 -29.76 -34.27
C TYR B 473 -15.58 -31.31 -34.28
N PRO B 474 -16.79 -31.87 -34.43
CA PRO B 474 -16.81 -33.34 -34.46
C PRO B 474 -16.16 -33.91 -35.73
N ALA B 475 -16.17 -33.15 -36.82
CA ALA B 475 -15.49 -33.58 -38.03
C ALA B 475 -14.00 -33.78 -37.79
N LEU B 476 -13.38 -32.87 -37.04
CA LEU B 476 -11.96 -32.94 -36.74
C LEU B 476 -11.60 -34.24 -36.00
N LEU B 477 -12.47 -34.65 -35.07
CA LEU B 477 -12.22 -35.87 -34.29
C LEU B 477 -12.60 -37.17 -34.99
N VAL B 478 -13.41 -37.10 -36.06
CA VAL B 478 -13.79 -38.32 -36.77
C VAL B 478 -13.08 -38.43 -38.11
N GLU B 479 -12.37 -37.37 -38.50
CA GLU B 479 -11.73 -37.30 -39.81
C GLU B 479 -10.73 -38.44 -40.05
N LYS B 480 -10.63 -38.91 -41.30
CA LYS B 480 -9.60 -39.89 -41.63
C LYS B 480 -8.23 -39.31 -41.31
N PRO B 481 -7.44 -40.01 -40.48
CA PRO B 481 -6.11 -39.49 -40.19
C PRO B 481 -5.22 -39.64 -41.41
N ARG B 482 -4.16 -38.84 -41.51
CA ARG B 482 -3.08 -39.14 -42.45
C ARG B 482 -2.52 -40.52 -42.10
N PRO B 483 -1.79 -41.18 -43.04
CA PRO B 483 -1.31 -42.54 -42.76
C PRO B 483 -0.48 -42.66 -41.48
N ASP B 484 -0.97 -43.47 -40.54
CA ASP B 484 -0.35 -43.60 -39.22
C ASP B 484 -0.07 -42.27 -38.52
N ALA B 485 -0.95 -41.30 -38.74
CA ALA B 485 -0.78 -40.00 -38.13
C ALA B 485 -1.82 -39.77 -37.03
N ILE B 486 -1.58 -38.74 -36.22
CA ILE B 486 -2.47 -38.43 -35.12
C ILE B 486 -3.64 -37.53 -35.57
N PHE B 487 -3.43 -36.78 -36.66
CA PHE B 487 -4.39 -35.81 -37.14
C PHE B 487 -4.76 -36.06 -38.60
N GLY B 488 -5.92 -35.55 -39.02
CA GLY B 488 -6.29 -35.55 -40.43
C GLY B 488 -5.96 -34.20 -41.05
N GLU B 489 -6.29 -34.06 -42.33
CA GLU B 489 -5.95 -32.87 -43.13
C GLU B 489 -6.48 -31.55 -42.56
N THR B 490 -7.77 -31.53 -42.19
CA THR B 490 -8.40 -30.28 -41.74
C THR B 490 -7.76 -29.70 -40.48
N MET B 491 -7.40 -30.59 -39.56
CA MET B 491 -6.74 -30.22 -38.30
C MET B 491 -5.42 -29.50 -38.57
N VAL B 492 -4.60 -30.12 -39.42
CA VAL B 492 -3.27 -29.60 -39.71
C VAL B 492 -3.37 -28.29 -40.49
N GLU B 493 -4.25 -28.24 -41.49
CA GLU B 493 -4.34 -27.08 -42.40
C GLU B 493 -4.95 -25.84 -41.74
N LEU B 494 -5.78 -26.04 -40.73
CA LEU B 494 -6.31 -24.91 -39.97
C LEU B 494 -5.35 -24.54 -38.84
N GLY B 495 -4.87 -25.56 -38.13
CA GLY B 495 -4.03 -25.36 -36.95
C GLY B 495 -2.73 -24.63 -37.28
N ALA B 496 -2.08 -25.04 -38.36
CA ALA B 496 -0.76 -24.54 -38.72
C ALA B 496 -0.69 -23.01 -38.90
N PRO B 497 -1.58 -22.42 -39.73
CA PRO B 497 -1.42 -20.97 -39.88
C PRO B 497 -1.71 -20.17 -38.58
N PHE B 498 -2.70 -20.61 -37.79
CA PHE B 498 -2.99 -19.96 -36.52
C PHE B 498 -1.77 -20.06 -35.59
N SER B 499 -1.20 -21.26 -35.50
CA SER B 499 -0.05 -21.50 -34.63
C SER B 499 1.13 -20.65 -35.03
N LEU B 500 1.43 -20.61 -36.32
CA LEU B 500 2.52 -19.80 -36.85
C LEU B 500 2.40 -18.32 -36.41
N LYS B 501 1.21 -17.76 -36.55
CA LYS B 501 1.02 -16.36 -36.19
C LYS B 501 1.22 -16.10 -34.69
N GLY B 502 0.79 -17.03 -33.85
CA GLY B 502 0.90 -16.85 -32.41
C GLY B 502 2.36 -16.84 -31.98
N LEU B 503 3.18 -17.59 -32.70
CA LEU B 503 4.59 -17.74 -32.36
C LEU B 503 5.45 -16.67 -33.00
N MET B 504 5.38 -16.55 -34.33
CA MET B 504 6.26 -15.61 -35.06
C MET B 504 5.76 -14.17 -34.99
N GLY B 505 4.50 -13.99 -34.62
CA GLY B 505 3.89 -12.67 -34.49
C GLY B 505 4.29 -12.01 -33.19
N ASN B 506 4.92 -12.77 -32.30
CA ASN B 506 5.37 -12.24 -31.00
C ASN B 506 6.39 -11.11 -31.23
N PRO B 507 6.35 -10.04 -30.41
CA PRO B 507 7.26 -8.92 -30.64
C PRO B 507 8.74 -9.31 -30.51
N ILE B 508 9.07 -10.34 -29.74
CA ILE B 508 10.47 -10.71 -29.62
C ILE B 508 11.06 -11.16 -30.94
N CYS B 509 10.21 -11.48 -31.92
CA CYS B 509 10.65 -11.92 -33.25
C CYS B 509 10.84 -10.77 -34.23
N SER B 510 10.40 -9.59 -33.84
CA SER B 510 10.56 -8.41 -34.68
C SER B 510 12.03 -7.95 -34.66
N PRO B 511 12.49 -7.28 -35.72
CA PRO B 511 13.92 -6.94 -35.84
C PRO B 511 14.49 -6.12 -34.69
N GLN B 512 13.70 -5.20 -34.14
CA GLN B 512 14.17 -4.34 -33.07
C GLN B 512 14.33 -5.09 -31.76
N TYR B 513 13.66 -6.24 -31.64
CA TYR B 513 13.75 -7.07 -30.44
C TYR B 513 14.77 -8.19 -30.60
N TRP B 514 14.88 -8.73 -31.82
CA TRP B 514 15.64 -9.96 -31.98
C TRP B 514 17.13 -9.67 -32.05
N LYS B 515 17.69 -9.24 -30.92
CA LYS B 515 19.11 -8.96 -30.83
C LYS B 515 19.61 -9.32 -29.43
N PRO B 516 20.91 -9.59 -29.28
CA PRO B 516 21.41 -10.09 -28.00
C PRO B 516 21.11 -9.21 -26.78
N SER B 517 21.20 -7.89 -26.95
CA SER B 517 21.02 -6.99 -25.81
C SER B 517 19.62 -7.04 -25.22
N THR B 518 18.63 -7.36 -26.05
CA THR B 518 17.27 -7.54 -25.55
C THR B 518 17.22 -8.61 -24.45
N PHE B 519 18.10 -9.60 -24.56
CA PHE B 519 18.11 -10.74 -23.65
C PHE B 519 19.31 -10.72 -22.70
N GLY B 520 19.90 -9.54 -22.53
CA GLY B 520 21.01 -9.35 -21.60
C GLY B 520 22.37 -9.78 -22.14
N GLY B 521 22.49 -9.86 -23.47
CA GLY B 521 23.74 -10.25 -24.10
C GLY B 521 23.72 -11.63 -24.74
N GLU B 522 24.87 -12.00 -25.30
CA GLU B 522 25.00 -13.26 -26.01
C GLU B 522 24.66 -14.48 -25.14
N VAL B 523 24.90 -14.38 -23.84
CA VAL B 523 24.58 -15.50 -22.95
C VAL B 523 23.07 -15.75 -22.87
N GLY B 524 22.33 -14.67 -22.68
CA GLY B 524 20.89 -14.76 -22.65
C GLY B 524 20.35 -15.23 -23.98
N PHE B 525 20.93 -14.69 -25.05
CA PHE B 525 20.53 -15.02 -26.41
C PHE B 525 20.77 -16.51 -26.71
N LYS B 526 21.88 -17.04 -26.22
CA LYS B 526 22.26 -18.43 -26.49
C LYS B 526 21.27 -19.38 -25.81
N ILE B 527 20.73 -18.98 -24.67
CA ILE B 527 19.75 -19.79 -23.95
C ILE B 527 18.51 -20.02 -24.80
N ILE B 528 18.09 -19.01 -25.54
CA ILE B 528 16.95 -19.16 -26.43
C ILE B 528 17.30 -20.06 -27.60
N ASN B 529 18.40 -19.71 -28.28
CA ASN B 529 18.76 -20.38 -29.52
C ASN B 529 19.29 -21.82 -29.38
N THR B 530 19.53 -22.25 -28.15
CA THR B 530 19.91 -23.64 -27.90
C THR B 530 18.88 -24.38 -27.06
N ALA B 531 17.72 -23.76 -26.82
CA ALA B 531 16.72 -24.38 -25.99
C ALA B 531 16.11 -25.62 -26.65
N SER B 532 15.63 -26.54 -25.82
CA SER B 532 15.01 -27.77 -26.29
C SER B 532 14.22 -28.36 -25.15
N ILE B 533 13.23 -29.20 -25.45
CA ILE B 533 12.49 -29.86 -24.40
C ILE B 533 13.43 -30.73 -23.54
N GLN B 534 14.43 -31.36 -24.16
CA GLN B 534 15.36 -32.16 -23.36
C GLN B 534 16.21 -31.33 -22.37
N SER B 535 16.72 -30.19 -22.84
CA SER B 535 17.58 -29.38 -21.99
C SER B 535 16.76 -28.62 -20.91
N LEU B 536 15.51 -28.29 -21.24
CA LEU B 536 14.59 -27.73 -20.24
C LEU B 536 14.46 -28.70 -19.05
N ILE B 537 14.25 -29.97 -19.38
CA ILE B 537 14.10 -30.98 -18.35
C ILE B 537 15.45 -31.27 -17.70
N CYS B 538 16.51 -31.34 -18.51
CA CYS B 538 17.82 -31.68 -18.01
C CYS B 538 18.31 -30.68 -16.97
N ASN B 539 18.06 -29.39 -17.23
CA ASN B 539 18.47 -28.31 -16.33
C ASN B 539 17.66 -28.17 -15.05
N ASN B 540 16.42 -28.67 -15.06
CA ASN B 540 15.49 -28.35 -13.97
C ASN B 540 14.88 -29.54 -13.25
N VAL B 541 15.24 -30.74 -13.69
CA VAL B 541 14.72 -31.94 -13.06
C VAL B 541 15.88 -32.76 -12.55
N LYS B 542 15.79 -33.18 -11.29
CA LYS B 542 16.90 -33.86 -10.64
C LYS B 542 17.23 -35.15 -11.40
N GLY B 543 18.52 -35.34 -11.67
CA GLY B 543 18.98 -36.54 -12.34
C GLY B 543 19.04 -36.39 -13.84
N CYS B 544 18.51 -35.28 -14.36
CA CYS B 544 18.48 -35.03 -15.80
C CYS B 544 17.96 -36.28 -16.54
N PRO B 545 16.69 -36.64 -16.30
CA PRO B 545 16.19 -37.83 -17.01
C PRO B 545 16.01 -37.54 -18.49
N PHE B 546 16.18 -38.55 -19.32
CA PHE B 546 15.92 -38.42 -20.75
C PHE B 546 14.44 -38.06 -20.95
N THR B 547 14.14 -37.21 -21.92
CA THR B 547 12.75 -36.98 -22.24
C THR B 547 12.54 -36.67 -23.71
N SER B 548 11.30 -36.79 -24.16
CA SER B 548 10.97 -36.65 -25.56
C SER B 548 9.47 -36.50 -25.62
N PHE B 549 8.94 -36.15 -26.78
CA PHE B 549 7.49 -36.12 -26.98
C PHE B 549 6.98 -37.41 -27.61
N ASN B 550 7.87 -38.37 -27.84
CA ASN B 550 7.55 -39.62 -28.53
C ASN B 550 7.93 -40.80 -27.63
N VAL B 551 7.05 -41.80 -27.51
CA VAL B 551 7.40 -43.01 -26.74
C VAL B 551 8.55 -43.75 -27.42
N GLN B 552 8.68 -43.56 -28.73
CA GLN B 552 9.91 -43.88 -29.47
C GLN B 552 10.26 -45.35 -29.54
N ALA C 1 24.95 18.23 8.90
CA ALA C 1 24.94 17.21 7.87
C ALA C 1 23.57 16.54 7.77
N ASN C 2 22.92 16.33 8.92
CA ASN C 2 21.57 15.77 8.93
C ASN C 2 20.64 16.67 8.11
N PRO C 3 20.03 16.11 7.06
CA PRO C 3 19.19 16.94 6.17
C PRO C 3 17.95 17.47 6.87
N CYS C 4 17.66 17.01 8.08
CA CYS C 4 16.53 17.53 8.85
C CYS C 4 16.94 18.66 9.79
N CYS C 5 18.22 19.04 9.75
CA CYS C 5 18.76 20.06 10.64
C CYS C 5 18.04 21.41 10.57
N SER C 6 17.52 21.75 9.40
CA SER C 6 16.87 23.05 9.23
C SER C 6 15.40 23.04 9.72
N ASN C 7 14.96 21.90 10.29
CA ASN C 7 13.56 21.72 10.69
C ASN C 7 12.60 22.07 9.56
N PRO C 8 12.70 21.38 8.42
CA PRO C 8 11.96 21.84 7.24
C PRO C 8 10.45 21.55 7.29
N CYS C 9 10.04 20.51 8.01
CA CYS C 9 8.62 20.14 8.07
C CYS C 9 7.84 21.05 9.01
N GLN C 10 6.73 21.59 8.53
CA GLN C 10 5.93 22.52 9.30
C GLN C 10 4.66 21.83 9.78
N ASN C 11 3.91 22.52 10.65
CA ASN C 11 2.58 22.08 11.05
C ASN C 11 2.53 20.70 11.68
N ARG C 12 3.60 20.36 12.40
CA ARG C 12 3.77 19.11 13.14
C ARG C 12 4.00 17.88 12.26
N GLY C 13 4.36 18.10 11.00
CA GLY C 13 4.85 17.02 10.16
C GLY C 13 6.19 16.56 10.70
N GLU C 14 6.51 15.28 10.45
CA GLU C 14 7.74 14.69 10.97
C GLU C 14 8.82 14.49 9.91
N CYS C 15 10.02 15.00 10.19
CA CYS C 15 11.12 14.93 9.24
C CYS C 15 11.95 13.65 9.40
N MET C 16 12.29 13.02 8.28
CA MET C 16 13.07 11.80 8.28
C MET C 16 14.04 11.90 7.11
N SER C 17 15.31 11.61 7.34
CA SER C 17 16.28 11.58 6.25
C SER C 17 15.97 10.42 5.32
N THR C 18 16.24 10.59 4.02
CA THR C 18 16.01 9.52 3.04
C THR C 18 17.27 9.20 2.27
N GLY C 19 18.31 9.99 2.54
CA GLY C 19 19.63 9.77 2.00
C GLY C 19 20.58 10.58 2.86
N PHE C 20 21.82 10.73 2.42
CA PHE C 20 22.74 11.60 3.13
C PHE C 20 22.35 13.07 3.03
N ASP C 21 21.62 13.43 1.97
CA ASP C 21 21.30 14.84 1.74
C ASP C 21 19.85 15.10 1.34
N GLN C 22 18.95 14.16 1.62
CA GLN C 22 17.55 14.38 1.33
C GLN C 22 16.71 14.01 2.51
N TYR C 23 15.52 14.62 2.60
CA TYR C 23 14.59 14.32 3.69
C TYR C 23 13.18 14.11 3.15
N LYS C 24 12.33 13.60 4.02
CA LYS C 24 10.91 13.42 3.69
C LYS C 24 10.09 13.88 4.87
N CYS C 25 9.04 14.64 4.60
CA CYS C 25 8.10 15.02 5.66
C CYS C 25 6.90 14.07 5.71
N ASP C 26 6.57 13.62 6.90
CA ASP C 26 5.39 12.80 7.09
C ASP C 26 4.26 13.71 7.57
N CYS C 27 3.28 13.95 6.70
CA CYS C 27 2.24 14.93 6.96
C CYS C 27 0.98 14.27 7.50
N THR C 28 1.09 12.97 7.82
CA THR C 28 -0.01 12.18 8.38
C THR C 28 -0.81 12.91 9.46
N ARG C 29 -2.10 13.15 9.20
CA ARG C 29 -3.02 13.72 10.19
C ARG C 29 -2.67 15.15 10.64
N THR C 30 -1.86 15.86 9.87
CA THR C 30 -1.52 17.26 10.20
C THR C 30 -2.56 18.24 9.65
N GLY C 31 -3.35 17.79 8.69
CA GLY C 31 -4.27 18.65 7.95
C GLY C 31 -3.59 19.40 6.81
N PHE C 32 -2.33 19.06 6.55
CA PHE C 32 -1.54 19.70 5.48
C PHE C 32 -0.85 18.64 4.62
N TYR C 33 -0.42 19.05 3.43
CA TYR C 33 0.35 18.16 2.56
C TYR C 33 1.41 18.96 1.80
N GLY C 34 2.12 18.31 0.89
CA GLY C 34 3.20 18.95 0.18
C GLY C 34 4.55 18.64 0.82
N GLU C 35 5.64 18.93 0.11
CA GLU C 35 6.99 18.59 0.55
C GLU C 35 7.27 18.88 2.01
N ASN C 36 6.87 20.07 2.47
CA ASN C 36 7.12 20.48 3.86
C ASN C 36 5.87 20.56 4.74
N CYS C 37 4.79 19.91 4.31
CA CYS C 37 3.48 19.99 5.00
C CYS C 37 2.97 21.41 5.18
N THR C 38 2.95 22.19 4.10
CA THR C 38 2.50 23.58 4.23
C THR C 38 1.26 23.88 3.40
N THR C 39 0.81 22.94 2.58
CA THR C 39 -0.41 23.15 1.81
C THR C 39 -1.61 22.66 2.62
N PRO C 40 -2.47 23.57 3.07
CA PRO C 40 -3.62 23.18 3.88
C PRO C 40 -4.65 22.39 3.07
N GLU C 41 -5.23 21.38 3.68
CA GLU C 41 -6.40 20.72 3.12
C GLU C 41 -7.56 21.68 3.24
N PHE C 42 -8.60 21.49 2.42
CA PHE C 42 -9.68 22.46 2.37
C PHE C 42 -10.31 22.72 3.74
N LEU C 43 -10.51 21.65 4.50
CA LEU C 43 -11.11 21.74 5.82
C LEU C 43 -10.17 22.46 6.80
N THR C 44 -8.87 22.39 6.52
CA THR C 44 -7.88 23.08 7.34
C THR C 44 -7.98 24.58 7.10
N ARG C 45 -8.25 24.97 5.86
CA ARG C 45 -8.43 26.37 5.49
C ARG C 45 -9.55 26.99 6.29
N ILE C 46 -10.65 26.25 6.42
CA ILE C 46 -11.80 26.71 7.19
C ILE C 46 -11.44 26.88 8.66
N LYS C 47 -10.84 25.84 9.24
CA LYS C 47 -10.41 25.86 10.63
C LYS C 47 -9.57 27.08 10.96
N LEU C 48 -8.50 27.28 10.19
CA LEU C 48 -7.61 28.41 10.37
C LEU C 48 -8.36 29.75 10.37
N LEU C 49 -9.30 29.91 9.45
CA LEU C 49 -10.00 31.18 9.30
C LEU C 49 -10.92 31.53 10.49
N LEU C 50 -11.48 30.52 11.14
CA LEU C 50 -12.40 30.76 12.25
C LEU C 50 -11.69 30.72 13.60
N LYS C 51 -10.38 30.47 13.59
CA LYS C 51 -9.64 30.30 14.83
C LYS C 51 -9.13 31.63 15.40
N PRO C 52 -9.59 31.98 16.61
CA PRO C 52 -9.10 33.19 17.30
C PRO C 52 -7.68 32.99 17.80
N THR C 53 -6.91 34.08 17.84
CA THR C 53 -5.55 34.05 18.38
C THR C 53 -5.58 33.92 19.89
N PRO C 54 -4.50 33.35 20.47
CA PRO C 54 -4.40 33.28 21.95
C PRO C 54 -4.59 34.63 22.62
N ASN C 55 -4.08 35.71 22.01
CA ASN C 55 -4.21 37.04 22.61
C ASN C 55 -5.64 37.53 22.61
N THR C 56 -6.40 37.09 21.61
CA THR C 56 -7.82 37.45 21.50
C THR C 56 -8.63 36.72 22.57
N VAL C 57 -8.36 35.44 22.73
CA VAL C 57 -9.00 34.64 23.77
C VAL C 57 -8.63 35.15 25.16
N HIS C 58 -7.37 35.53 25.33
CA HIS C 58 -6.91 36.06 26.60
C HIS C 58 -7.63 37.35 26.94
N TYR C 59 -7.86 38.18 25.93
CA TYR C 59 -8.54 39.45 26.13
C TYR C 59 -9.96 39.16 26.61
N ILE C 60 -10.63 38.25 25.93
CA ILE C 60 -12.00 37.90 26.24
C ILE C 60 -12.14 37.32 27.64
N LEU C 61 -11.19 36.49 28.02
CA LEU C 61 -11.19 35.88 29.35
C LEU C 61 -10.85 36.87 30.49
N THR C 62 -10.26 38.02 30.14
CA THR C 62 -9.84 38.99 31.15
C THR C 62 -10.60 40.30 31.04
N HIS C 63 -11.69 40.31 30.30
CA HIS C 63 -12.58 41.47 30.27
C HIS C 63 -14.00 40.94 30.41
N PHE C 64 -14.99 41.83 30.26
CA PHE C 64 -16.40 41.46 30.35
C PHE C 64 -16.70 40.79 31.69
N LYS C 65 -16.13 41.33 32.75
CA LYS C 65 -16.25 40.77 34.09
C LYS C 65 -17.70 40.55 34.51
N GLY C 66 -18.57 41.49 34.15
CA GLY C 66 -19.98 41.40 34.47
C GLY C 66 -20.62 40.20 33.80
N VAL C 67 -20.23 39.95 32.57
CA VAL C 67 -20.68 38.76 31.85
C VAL C 67 -20.16 37.46 32.51
N TRP C 68 -18.87 37.43 32.83
CA TRP C 68 -18.30 36.25 33.50
C TRP C 68 -18.94 35.99 34.83
N ASN C 69 -19.29 37.05 35.53
CA ASN C 69 -20.00 36.97 36.79
C ASN C 69 -21.28 36.16 36.67
N ILE C 70 -22.03 36.40 35.59
CA ILE C 70 -23.27 35.70 35.33
C ILE C 70 -22.99 34.24 35.04
N VAL C 71 -22.05 34.03 34.13
CA VAL C 71 -21.61 32.68 33.77
C VAL C 71 -21.17 31.87 34.99
N ASN C 72 -20.37 32.48 35.87
CA ASN C 72 -19.82 31.79 37.04
C ASN C 72 -20.90 31.31 38.01
N ASN C 73 -22.05 31.98 37.99
CA ASN C 73 -23.12 31.67 38.93
C ASN C 73 -24.26 30.86 38.30
N ILE C 74 -24.02 30.36 37.08
CA ILE C 74 -24.94 29.44 36.44
C ILE C 74 -24.19 28.13 36.25
N PRO C 75 -24.39 27.16 37.17
CA PRO C 75 -23.61 25.92 37.22
C PRO C 75 -23.49 25.22 35.86
N PHE C 76 -24.58 25.05 35.12
CA PHE C 76 -24.52 24.30 33.87
C PHE C 76 -23.66 25.03 32.82
N LEU C 77 -23.70 26.36 32.85
CA LEU C 77 -22.93 27.17 31.91
C LEU C 77 -21.45 27.11 32.23
N ARG C 78 -21.10 27.29 33.51
CA ARG C 78 -19.73 27.19 33.97
C ARG C 78 -19.14 25.81 33.64
N SER C 79 -19.93 24.75 33.80
CA SER C 79 -19.49 23.39 33.44
C SER C 79 -19.25 23.27 31.96
N LEU C 80 -20.19 23.79 31.18
CA LEU C 80 -20.11 23.76 29.73
C LEU C 80 -18.84 24.44 29.21
N ILE C 81 -18.53 25.59 29.78
CA ILE C 81 -17.35 26.34 29.36
C ILE C 81 -16.09 25.61 29.79
N MET C 82 -16.08 25.13 31.04
CA MET C 82 -14.94 24.38 31.54
C MET C 82 -14.71 23.10 30.71
N LYS C 83 -15.78 22.40 30.36
CA LYS C 83 -15.65 21.23 29.48
C LYS C 83 -14.94 21.65 28.20
N TYR C 84 -15.36 22.78 27.63
CA TYR C 84 -14.75 23.30 26.42
C TYR C 84 -13.29 23.67 26.64
N VAL C 85 -13.01 24.42 27.70
CA VAL C 85 -11.64 24.83 28.03
C VAL C 85 -10.73 23.61 28.09
N LEU C 86 -11.20 22.57 28.77
CA LEU C 86 -10.45 21.33 28.89
C LEU C 86 -10.10 20.77 27.50
N THR C 87 -11.11 20.62 26.65
CA THR C 87 -10.89 20.01 25.34
C THR C 87 -10.06 20.91 24.39
N SER C 88 -10.24 22.22 24.49
CA SER C 88 -9.46 23.13 23.65
C SER C 88 -7.98 23.11 24.05
N ARG C 89 -7.73 22.83 25.33
CA ARG C 89 -6.37 22.74 25.82
C ARG C 89 -5.85 21.31 25.84
N SER C 90 -6.42 20.43 25.01
CA SER C 90 -6.08 19.01 25.06
C SER C 90 -5.71 18.35 23.73
N TYR C 91 -4.95 19.02 22.86
CA TYR C 91 -4.57 18.41 21.60
C TYR C 91 -3.08 18.59 21.27
N LEU C 92 -2.40 19.39 22.08
CA LEU C 92 -1.02 19.78 21.81
C LEU C 92 0.03 18.84 22.35
N ILE C 93 -0.31 18.05 23.37
CA ILE C 93 0.70 17.26 24.06
C ILE C 93 0.71 15.82 23.53
N ASP C 94 1.90 15.31 23.20
CA ASP C 94 2.04 13.91 22.79
C ASP C 94 1.84 13.01 24.00
N SER C 95 0.79 12.20 23.96
CA SER C 95 0.51 11.27 25.06
C SER C 95 -0.11 10.00 24.49
N PRO C 96 0.60 8.86 24.50
CA PRO C 96 1.92 8.54 25.03
C PRO C 96 3.03 9.45 24.48
N PRO C 97 4.06 9.68 25.31
CA PRO C 97 5.13 10.63 24.99
C PRO C 97 6.07 10.08 23.92
N THR C 98 6.82 10.98 23.32
CA THR C 98 7.63 10.60 22.20
C THR C 98 9.13 10.85 22.48
N TYR C 99 9.62 12.05 22.13
CA TYR C 99 11.05 12.32 22.15
C TYR C 99 11.64 12.54 23.54
N ASN C 100 12.97 12.50 23.62
CA ASN C 100 13.67 12.95 24.83
C ASN C 100 15.04 13.50 24.43
N VAL C 101 15.88 13.86 25.40
CA VAL C 101 17.17 14.48 25.09
C VAL C 101 18.06 13.64 24.16
N HIS C 102 17.97 12.32 24.25
CA HIS C 102 18.84 11.45 23.43
C HIS C 102 18.16 10.92 22.18
N TYR C 103 16.86 11.13 22.07
CA TYR C 103 16.16 10.60 20.90
C TYR C 103 15.35 11.64 20.14
N GLY C 104 15.82 11.98 18.93
CA GLY C 104 15.11 12.87 18.05
C GLY C 104 14.19 12.11 17.08
N TYR C 105 14.10 10.79 17.24
CA TYR C 105 13.13 9.97 16.53
C TYR C 105 12.45 9.09 17.60
N LYS C 106 11.22 8.65 17.34
CA LYS C 106 10.51 7.78 18.29
C LYS C 106 11.24 6.46 18.42
N SER C 107 11.34 5.93 19.65
CA SER C 107 12.01 4.65 19.92
C SER C 107 11.42 4.01 21.17
N TRP C 108 11.53 2.69 21.29
CA TRP C 108 11.08 2.03 22.51
C TRP C 108 11.86 2.54 23.74
N GLU C 109 13.12 2.89 23.54
CA GLU C 109 13.95 3.37 24.65
C GLU C 109 13.40 4.71 25.17
N ALA C 110 13.06 5.60 24.25
CA ALA C 110 12.51 6.89 24.65
C ALA C 110 11.13 6.73 25.27
N PHE C 111 10.32 5.82 24.74
CA PHE C 111 9.02 5.63 25.33
C PHE C 111 9.13 5.03 26.74
N SER C 112 9.95 4.00 26.89
CA SER C 112 9.87 3.12 28.06
C SER C 112 10.67 3.61 29.26
N ASN C 113 11.72 4.39 29.01
CA ASN C 113 12.66 4.76 30.07
C ASN C 113 12.14 5.97 30.81
N LEU C 114 11.62 5.72 32.01
CA LEU C 114 10.97 6.76 32.80
C LEU C 114 11.94 7.72 33.48
N SER C 115 13.24 7.42 33.40
CA SER C 115 14.24 8.29 34.00
C SER C 115 14.47 9.57 33.20
N TYR C 116 13.97 9.62 31.97
CA TYR C 116 14.09 10.82 31.15
C TYR C 116 12.92 11.77 31.36
N TYR C 117 13.18 13.07 31.32
CA TYR C 117 12.12 14.01 30.99
C TYR C 117 11.86 13.79 29.52
N THR C 118 10.59 13.91 29.12
CA THR C 118 10.23 13.80 27.71
C THR C 118 10.42 15.16 27.04
N ARG C 119 10.22 15.21 25.73
CA ARG C 119 10.47 16.44 24.99
C ARG C 119 9.33 16.73 24.04
N ALA C 120 8.78 17.95 24.13
CA ALA C 120 7.73 18.43 23.24
C ALA C 120 8.29 18.64 21.83
N LEU C 121 9.55 19.06 21.76
CA LEU C 121 10.27 19.15 20.48
C LEU C 121 11.56 18.35 20.58
N PRO C 122 11.88 17.60 19.53
CA PRO C 122 13.09 16.76 19.57
C PRO C 122 14.33 17.65 19.61
N PRO C 123 15.41 17.11 20.18
CA PRO C 123 16.67 17.87 20.20
C PRO C 123 17.26 18.13 18.81
N VAL C 124 18.05 19.18 18.68
CA VAL C 124 18.79 19.43 17.46
C VAL C 124 19.86 18.35 17.35
N ALA C 125 19.96 17.70 16.20
CA ALA C 125 20.92 16.60 16.02
C ALA C 125 22.36 17.05 16.28
N ASP C 126 23.18 16.13 16.77
CA ASP C 126 24.54 16.47 17.19
C ASP C 126 25.39 17.01 16.03
N ASP C 127 25.08 16.56 14.81
CA ASP C 127 25.90 16.89 13.65
C ASP C 127 25.37 18.09 12.86
N CYS C 128 24.44 18.84 13.43
CA CYS C 128 23.96 20.04 12.77
C CYS C 128 25.03 21.13 12.84
N PRO C 129 25.20 21.90 11.77
CA PRO C 129 26.27 22.90 11.71
C PRO C 129 26.16 24.02 12.75
N THR C 130 24.96 24.34 13.23
CA THR C 130 24.79 25.38 14.24
C THR C 130 23.95 24.84 15.41
N PRO C 131 24.06 25.50 16.61
CA PRO C 131 23.26 25.10 17.77
C PRO C 131 21.76 25.00 17.48
N MET C 132 21.21 25.95 16.74
CA MET C 132 19.79 25.93 16.44
C MET C 132 19.43 25.09 15.21
N GLY C 133 20.44 24.54 14.54
CA GLY C 133 20.20 23.71 13.38
C GLY C 133 21.05 24.15 12.19
N VAL C 134 20.56 25.12 11.43
CA VAL C 134 21.36 25.72 10.36
C VAL C 134 21.51 27.23 10.50
N LYS C 135 20.60 27.88 11.22
CA LYS C 135 20.63 29.34 11.35
C LYS C 135 21.58 29.82 12.45
N GLY C 136 21.97 31.09 12.36
CA GLY C 136 22.79 31.71 13.39
C GLY C 136 24.25 31.37 13.28
N ASN C 137 25.03 31.83 14.25
CA ASN C 137 26.47 31.62 14.24
C ASN C 137 26.80 30.23 14.74
N LYS C 138 28.07 29.86 14.61
CA LYS C 138 28.55 28.55 15.05
C LYS C 138 28.39 28.38 16.57
N GLU C 139 28.30 29.51 17.26
CA GLU C 139 28.12 29.50 18.70
C GLU C 139 27.05 30.51 19.12
N LEU C 140 26.19 30.11 20.04
CA LEU C 140 25.23 31.02 20.66
C LEU C 140 25.96 32.09 21.45
N PRO C 141 25.31 33.24 21.68
CA PRO C 141 25.99 34.30 22.43
C PRO C 141 26.31 33.85 23.85
N ASP C 142 27.35 34.45 24.42
CA ASP C 142 27.80 34.19 25.78
C ASP C 142 26.61 34.25 26.74
N SER C 143 26.40 33.16 27.47
CA SER C 143 25.23 33.11 28.38
C SER C 143 25.34 34.16 29.51
N LYS C 144 26.57 34.47 29.93
CA LYS C 144 26.77 35.46 30.98
C LYS C 144 26.36 36.85 30.48
N GLU C 145 26.59 37.10 29.20
CA GLU C 145 26.21 38.37 28.57
C GLU C 145 24.71 38.49 28.48
N VAL C 146 24.05 37.44 28.00
CA VAL C 146 22.59 37.38 27.94
C VAL C 146 22.01 37.62 29.33
N LEU C 147 22.54 36.87 30.29
CA LEU C 147 22.13 36.99 31.68
C LEU C 147 22.20 38.44 32.17
N GLU C 148 23.41 39.00 32.10
CA GLU C 148 23.65 40.34 32.62
C GLU C 148 22.89 41.42 31.85
N LYS C 149 22.84 41.31 30.52
CA LYS C 149 22.23 42.38 29.73
C LYS C 149 20.70 42.44 29.84
N VAL C 150 20.01 41.29 29.93
CA VAL C 150 18.55 41.29 29.89
C VAL C 150 17.79 40.53 30.97
N LEU C 151 18.47 39.68 31.75
CA LEU C 151 17.76 38.89 32.77
C LEU C 151 17.89 39.43 34.22
N LEU C 152 19.09 39.89 34.58
CA LEU C 152 19.34 40.30 35.97
C LEU C 152 18.57 41.53 36.43
N ARG C 153 18.07 41.46 37.66
CA ARG C 153 17.32 42.54 38.25
C ARG C 153 18.21 43.78 38.47
N ARG C 154 17.69 44.95 38.08
CA ARG C 154 18.27 46.23 38.47
C ARG C 154 17.47 46.65 39.69
N GLU C 155 16.32 47.27 39.45
CA GLU C 155 15.35 47.55 40.50
C GLU C 155 14.31 46.44 40.53
N PHE C 156 13.80 46.11 41.71
CA PHE C 156 12.73 45.12 41.86
C PHE C 156 11.47 45.52 41.09
N ILE C 157 11.05 44.68 40.15
CA ILE C 157 9.82 44.92 39.42
C ILE C 157 8.70 44.06 40.03
N PRO C 158 7.74 44.69 40.71
CA PRO C 158 6.66 43.92 41.35
C PRO C 158 5.69 43.39 40.33
N ASP C 159 5.07 42.26 40.65
CA ASP C 159 4.06 41.70 39.78
C ASP C 159 2.80 42.57 39.82
N PRO C 160 2.34 43.08 38.65
CA PRO C 160 1.13 43.89 38.65
C PRO C 160 -0.12 43.06 38.90
N GLN C 161 -0.04 41.73 38.76
CA GLN C 161 -1.18 40.86 39.08
C GLN C 161 -1.28 40.65 40.59
N GLY C 162 -0.27 41.10 41.32
CA GLY C 162 -0.37 41.09 42.77
C GLY C 162 -0.04 39.75 43.41
N SER C 163 0.61 38.84 42.68
CA SER C 163 1.08 37.57 43.24
C SER C 163 1.93 37.83 44.49
N ASN C 164 1.72 37.01 45.51
CA ASN C 164 2.43 37.22 46.76
C ASN C 164 3.41 36.10 47.03
N MET C 165 4.02 36.09 48.20
CA MET C 165 4.97 35.03 48.54
C MET C 165 4.31 33.69 48.86
N MET C 166 3.04 33.71 49.28
CA MET C 166 2.30 32.45 49.39
C MET C 166 2.24 31.79 48.01
N PHE C 167 1.99 32.61 46.99
CA PHE C 167 1.96 32.10 45.60
C PHE C 167 3.30 31.55 45.17
N ALA C 168 4.36 32.32 45.40
CA ALA C 168 5.69 31.96 44.94
C ALA C 168 6.16 30.66 45.58
N PHE C 169 6.00 30.53 46.88
CA PHE C 169 6.44 29.32 47.56
C PHE C 169 5.53 28.11 47.29
N PHE C 170 4.26 28.35 47.01
CA PHE C 170 3.38 27.26 46.58
C PHE C 170 3.83 26.76 45.22
N ALA C 171 4.18 27.68 44.33
CA ALA C 171 4.67 27.29 43.01
C ALA C 171 5.90 26.41 43.17
N GLN C 172 6.83 26.85 44.02
CA GLN C 172 8.05 26.09 44.26
C GLN C 172 7.76 24.72 44.91
N HIS C 173 6.98 24.72 45.98
CA HIS C 173 6.65 23.49 46.71
C HIS C 173 5.92 22.46 45.81
N PHE C 174 4.88 22.91 45.11
CA PHE C 174 4.06 22.03 44.28
C PHE C 174 4.83 21.45 43.09
N THR C 175 5.61 22.28 42.38
CA THR C 175 6.28 21.80 41.17
C THR C 175 7.49 20.94 41.49
N HIS C 176 8.09 21.15 42.66
CA HIS C 176 9.25 20.35 43.01
C HIS C 176 8.95 18.88 43.38
N GLN C 177 7.70 18.46 43.24
CA GLN C 177 7.42 17.02 43.32
C GLN C 177 7.64 16.37 41.95
N PHE C 178 7.56 17.14 40.87
CA PHE C 178 7.76 16.55 39.54
C PHE C 178 8.94 17.14 38.75
N PHE C 179 9.44 18.29 39.18
CA PHE C 179 10.74 18.77 38.68
C PHE C 179 11.82 18.41 39.69
N LYS C 180 12.50 17.31 39.41
CA LYS C 180 13.48 16.73 40.34
C LYS C 180 14.62 16.15 39.50
N THR C 181 15.44 17.04 38.98
CA THR C 181 16.46 16.68 38.02
C THR C 181 17.54 15.82 38.64
N ASP C 182 17.83 14.69 37.98
CA ASP C 182 18.89 13.81 38.44
C ASP C 182 20.23 14.35 37.93
N HIS C 183 20.86 15.22 38.71
CA HIS C 183 22.10 15.85 38.29
C HIS C 183 23.24 14.86 38.08
N LYS C 184 23.16 13.68 38.71
CA LYS C 184 24.13 12.62 38.47
C LYS C 184 24.15 12.25 36.99
N ARG C 185 22.97 12.10 36.41
CA ARG C 185 22.82 11.64 35.03
C ARG C 185 22.89 12.76 34.01
N GLY C 186 22.30 13.91 34.32
CA GLY C 186 22.28 15.01 33.37
C GLY C 186 20.97 15.78 33.45
N PRO C 187 20.90 16.95 32.79
CA PRO C 187 19.75 17.86 32.90
C PRO C 187 18.49 17.29 32.25
N GLY C 188 18.65 16.36 31.34
CA GLY C 188 17.51 15.73 30.71
C GLY C 188 16.92 14.55 31.49
N PHE C 189 17.39 14.34 32.72
CA PHE C 189 16.93 13.20 33.54
C PHE C 189 16.21 13.65 34.81
N THR C 190 15.29 12.81 35.27
CA THR C 190 14.47 13.13 36.42
C THR C 190 14.49 12.01 37.44
N ARG C 191 14.35 12.38 38.71
CA ARG C 191 14.20 11.42 39.80
C ARG C 191 12.73 11.21 40.17
N GLY C 192 11.84 12.00 39.54
CA GLY C 192 10.41 11.92 39.83
C GLY C 192 9.72 10.94 38.87
N LEU C 193 9.82 9.67 39.21
CA LEU C 193 9.35 8.60 38.33
C LEU C 193 7.84 8.50 38.24
N GLY C 194 7.15 9.21 39.14
CA GLY C 194 5.70 9.27 39.06
C GLY C 194 5.26 10.24 37.95
N HIS C 195 6.20 11.09 37.50
CA HIS C 195 5.94 12.06 36.42
C HIS C 195 4.66 12.87 36.62
N GLY C 196 4.43 13.34 37.83
CA GLY C 196 3.25 14.15 38.06
C GLY C 196 2.93 14.36 39.52
N VAL C 197 1.62 14.50 39.81
CA VAL C 197 1.17 14.88 41.13
C VAL C 197 0.94 13.65 42.01
N ASP C 198 2.02 13.09 42.54
CA ASP C 198 1.88 11.91 43.38
C ASP C 198 2.17 12.22 44.84
N LEU C 199 2.48 13.49 45.11
CA LEU C 199 2.80 13.96 46.46
C LEU C 199 4.00 13.25 47.09
N ASN C 200 4.93 12.81 46.25
CA ASN C 200 6.17 12.25 46.75
C ASN C 200 6.94 13.29 47.56
N HIS C 201 6.69 14.57 47.32
CA HIS C 201 7.39 15.61 48.10
C HIS C 201 6.92 15.68 49.57
N ILE C 202 5.81 14.99 49.86
CA ILE C 202 5.34 14.77 51.23
C ILE C 202 5.64 13.33 51.72
N TYR C 203 5.40 12.36 50.84
CA TYR C 203 5.43 10.95 51.25
C TYR C 203 6.72 10.23 50.92
N GLY C 204 7.56 10.84 50.08
CA GLY C 204 8.82 10.21 49.67
C GLY C 204 8.69 9.48 48.34
N GLU C 205 9.75 9.48 47.54
CA GLU C 205 9.70 8.92 46.21
C GLU C 205 9.61 7.41 46.27
N THR C 206 10.26 6.81 47.27
CA THR C 206 10.34 5.36 47.39
C THR C 206 9.61 4.87 48.64
N LEU C 207 9.28 3.59 48.64
CA LEU C 207 8.57 2.93 49.74
C LEU C 207 9.36 3.01 51.04
N ASP C 208 10.65 2.73 50.95
CA ASP C 208 11.46 2.69 52.15
C ASP C 208 11.59 4.09 52.79
N ARG C 209 11.59 5.14 51.97
CA ARG C 209 11.58 6.50 52.50
C ARG C 209 10.22 6.82 53.12
N GLN C 210 9.16 6.45 52.44
CA GLN C 210 7.81 6.59 52.99
C GLN C 210 7.67 5.92 54.35
N HIS C 211 8.18 4.69 54.48
CA HIS C 211 8.03 3.98 55.74
C HIS C 211 8.77 4.66 56.90
N LYS C 212 9.90 5.29 56.60
CA LYS C 212 10.64 6.04 57.62
C LYS C 212 9.92 7.30 58.08
N LEU C 213 9.04 7.82 57.23
CA LEU C 213 8.29 9.03 57.55
C LEU C 213 6.97 8.71 58.23
N ARG C 214 6.55 7.45 58.20
CA ARG C 214 5.25 7.08 58.74
C ARG C 214 5.26 6.73 60.23
N LEU C 215 4.17 7.05 60.91
CA LEU C 215 4.05 6.71 62.33
C LEU C 215 3.62 5.25 62.54
N PHE C 216 2.94 4.72 61.53
CA PHE C 216 2.34 3.38 61.56
C PHE C 216 1.24 3.20 62.60
N LYS C 217 0.70 4.33 63.07
CA LYS C 217 -0.53 4.30 63.85
C LYS C 217 -1.49 5.30 63.22
N ASP C 218 -2.76 4.89 63.06
CA ASP C 218 -3.82 5.75 62.58
C ASP C 218 -3.55 6.36 61.20
N GLY C 219 -2.67 5.74 60.42
CA GLY C 219 -2.39 6.21 59.08
C GLY C 219 -1.45 7.41 59.03
N LYS C 220 -0.96 7.86 60.19
CA LYS C 220 -0.32 9.17 60.29
C LYS C 220 1.14 9.22 59.88
N LEU C 221 1.60 10.44 59.61
CA LEU C 221 3.02 10.74 59.39
C LEU C 221 3.61 11.10 60.75
N LYS C 222 4.86 10.69 60.98
CA LYS C 222 5.60 11.13 62.16
C LYS C 222 5.70 12.65 62.23
N TYR C 223 5.69 13.16 63.46
CA TYR C 223 5.84 14.58 63.68
C TYR C 223 6.46 14.80 65.06
N GLN C 224 6.90 16.02 65.32
CA GLN C 224 7.37 16.39 66.65
C GLN C 224 6.65 17.68 67.04
N VAL C 225 6.58 17.93 68.33
CA VAL C 225 5.93 19.15 68.82
C VAL C 225 7.00 20.08 69.38
N ILE C 226 7.00 21.32 68.88
CA ILE C 226 7.93 22.32 69.36
C ILE C 226 7.16 23.57 69.76
N GLY C 227 7.29 23.96 71.02
CA GLY C 227 6.57 25.10 71.56
C GLY C 227 5.08 24.99 71.31
N GLY C 228 4.54 23.78 71.48
CA GLY C 228 3.12 23.56 71.28
C GLY C 228 2.66 23.43 69.84
N GLU C 229 3.60 23.52 68.90
CA GLU C 229 3.24 23.48 67.49
C GLU C 229 3.78 22.21 66.81
N VAL C 230 3.00 21.65 65.89
CA VAL C 230 3.41 20.46 65.16
C VAL C 230 4.35 20.79 64.00
N TYR C 231 5.46 20.08 63.94
CA TYR C 231 6.42 20.24 62.86
C TYR C 231 6.84 18.86 62.34
N PRO C 232 7.43 18.82 61.13
CA PRO C 232 7.96 17.55 60.64
C PRO C 232 8.98 17.00 61.60
N PRO C 233 9.20 15.68 61.60
CA PRO C 233 10.17 15.03 62.49
C PRO C 233 11.60 15.35 62.06
N THR C 234 12.57 14.90 62.84
CA THR C 234 13.98 15.12 62.46
C THR C 234 14.59 13.97 61.65
N VAL C 235 15.77 14.25 61.08
CA VAL C 235 16.59 13.22 60.45
C VAL C 235 17.04 12.21 61.52
N LYS C 236 17.39 12.70 62.70
CA LYS C 236 17.78 11.83 63.82
C LYS C 236 16.70 10.79 64.14
N ASP C 237 15.47 11.24 64.22
CA ASP C 237 14.31 10.40 64.54
C ASP C 237 14.02 9.40 63.40
N THR C 238 14.02 9.88 62.15
CA THR C 238 13.53 9.09 61.01
C THR C 238 14.58 8.32 60.23
N GLN C 239 15.85 8.76 60.27
CA GLN C 239 16.91 8.26 59.36
C GLN C 239 16.70 8.61 57.88
N VAL C 240 15.80 9.54 57.60
CA VAL C 240 15.56 9.96 56.22
C VAL C 240 16.70 10.88 55.74
N GLU C 241 17.18 10.64 54.53
CA GLU C 241 18.19 11.50 53.92
C GLU C 241 17.61 12.86 53.54
N MET C 242 18.22 13.91 54.05
CA MET C 242 17.89 15.27 53.65
C MET C 242 19.16 15.96 53.20
N ILE C 243 19.03 17.03 52.43
CA ILE C 243 20.19 17.85 52.10
C ILE C 243 20.27 19.05 53.04
N TYR C 244 21.36 19.13 53.80
CA TYR C 244 21.60 20.22 54.75
C TYR C 244 23.08 20.53 54.76
N PRO C 245 23.43 21.82 54.81
CA PRO C 245 24.84 22.19 54.99
C PRO C 245 25.36 21.67 56.34
N PRO C 246 26.66 21.39 56.45
CA PRO C 246 27.22 20.71 57.61
C PRO C 246 27.02 21.45 58.94
N HIS C 247 26.67 22.73 58.90
CA HIS C 247 26.53 23.50 60.12
C HIS C 247 25.11 23.50 60.71
N ILE C 248 24.18 22.76 60.10
CA ILE C 248 22.83 22.72 60.65
C ILE C 248 22.76 21.75 61.82
N PRO C 249 22.38 22.25 63.00
CA PRO C 249 22.25 21.42 64.21
C PRO C 249 21.25 20.30 63.98
N GLU C 250 21.45 19.16 64.64
CA GLU C 250 20.57 18.00 64.45
C GLU C 250 19.10 18.32 64.72
N ASN C 251 18.82 19.19 65.70
CA ASN C 251 17.44 19.49 66.05
C ASN C 251 16.72 20.32 65.00
N LEU C 252 17.46 20.86 64.02
CA LEU C 252 16.88 21.67 62.95
C LEU C 252 16.94 20.96 61.60
N GLN C 253 17.34 19.71 61.59
CA GLN C 253 17.31 18.93 60.33
C GLN C 253 15.99 18.21 60.18
N PHE C 254 14.98 18.97 59.75
CA PHE C 254 13.64 18.41 59.51
C PHE C 254 13.64 17.41 58.36
N ALA C 255 12.86 16.34 58.52
CA ALA C 255 12.78 15.32 57.49
C ALA C 255 11.43 15.36 56.83
N VAL C 256 11.44 15.52 55.51
CA VAL C 256 10.19 15.55 54.74
C VAL C 256 10.36 14.74 53.47
N GLY C 257 9.28 14.58 52.72
CA GLY C 257 9.31 13.70 51.56
C GLY C 257 10.33 14.13 50.52
N GLN C 258 10.47 15.44 50.31
CA GLN C 258 11.41 15.91 49.29
C GLN C 258 12.73 16.30 49.96
N GLU C 259 13.82 15.67 49.56
CA GLU C 259 15.12 15.85 50.22
C GLU C 259 15.66 17.30 50.25
N VAL C 260 15.20 18.17 49.35
CA VAL C 260 15.74 19.54 49.31
C VAL C 260 14.88 20.57 50.03
N PHE C 261 13.76 20.16 50.62
CA PHE C 261 12.81 21.15 51.16
C PHE C 261 13.27 21.85 52.45
N GLY C 262 14.34 21.35 53.04
CA GLY C 262 14.89 21.97 54.23
C GLY C 262 15.75 23.18 53.93
N LEU C 263 15.94 23.47 52.64
CA LEU C 263 16.91 24.49 52.29
C LEU C 263 16.24 25.88 52.16
N VAL C 264 14.92 25.92 52.27
CA VAL C 264 14.19 27.15 52.17
C VAL C 264 13.03 27.12 53.16
N PRO C 265 12.99 28.06 54.12
CA PRO C 265 11.93 28.08 55.14
C PRO C 265 10.53 28.18 54.52
N GLY C 266 10.41 28.81 53.36
CA GLY C 266 9.13 28.88 52.66
C GLY C 266 8.66 27.51 52.21
N LEU C 267 9.58 26.65 51.81
CA LEU C 267 9.24 25.27 51.46
C LEU C 267 8.88 24.46 52.71
N MET C 268 9.63 24.68 53.79
CA MET C 268 9.34 24.03 55.07
C MET C 268 7.95 24.43 55.61
N MET C 269 7.55 25.67 55.34
CA MET C 269 6.21 26.12 55.73
C MET C 269 5.10 25.28 55.10
N TYR C 270 5.15 25.09 53.78
CA TYR C 270 4.14 24.28 53.11
C TYR C 270 4.30 22.80 53.46
N ALA C 271 5.52 22.34 53.69
CA ALA C 271 5.75 20.95 54.06
C ALA C 271 5.05 20.64 55.39
N THR C 272 5.10 21.62 56.30
CA THR C 272 4.50 21.51 57.61
C THR C 272 2.97 21.53 57.49
N ILE C 273 2.46 22.49 56.72
CA ILE C 273 1.04 22.62 56.50
C ILE C 273 0.43 21.32 55.93
N TRP C 274 1.09 20.76 54.94
CA TRP C 274 0.59 19.56 54.27
C TRP C 274 0.71 18.31 55.15
N LEU C 275 1.76 18.25 55.97
CA LEU C 275 1.91 17.14 56.91
C LEU C 275 0.73 17.22 57.90
N ARG C 276 0.50 18.40 58.46
CA ARG C 276 -0.64 18.63 59.33
C ARG C 276 -1.96 18.23 58.68
N GLU C 277 -2.10 18.54 57.40
CA GLU C 277 -3.32 18.20 56.66
C GLU C 277 -3.50 16.66 56.54
N HIS C 278 -2.42 15.95 56.26
CA HIS C 278 -2.47 14.48 56.20
C HIS C 278 -2.98 13.90 57.51
N ASN C 279 -2.39 14.34 58.62
CA ASN C 279 -2.80 13.83 59.93
C ASN C 279 -4.23 14.24 60.29
N ARG C 280 -4.63 15.43 59.85
CA ARG C 280 -6.00 15.89 60.07
C ARG C 280 -7.00 14.98 59.33
N VAL C 281 -6.67 14.62 58.10
CA VAL C 281 -7.52 13.78 57.28
C VAL C 281 -7.55 12.38 57.87
N CYS C 282 -6.42 11.94 58.42
CA CYS C 282 -6.36 10.66 59.14
C CYS C 282 -7.37 10.58 60.28
N ASP C 283 -7.51 11.68 61.02
CA ASP C 283 -8.40 11.71 62.18
C ASP C 283 -9.84 11.60 61.72
N ILE C 284 -10.16 12.33 60.67
CA ILE C 284 -11.50 12.33 60.08
C ILE C 284 -11.86 10.93 59.57
N LEU C 285 -10.94 10.31 58.86
CA LEU C 285 -11.19 8.96 58.31
C LEU C 285 -11.35 7.91 59.41
N LYS C 286 -10.54 8.00 60.47
CA LYS C 286 -10.64 7.07 61.58
C LYS C 286 -11.99 7.21 62.28
N GLN C 287 -12.47 8.45 62.42
CA GLN C 287 -13.80 8.69 62.96
C GLN C 287 -14.86 8.03 62.07
N GLU C 288 -14.74 8.20 60.76
CA GLU C 288 -15.65 7.57 59.82
C GLU C 288 -15.50 6.05 59.81
N HIS C 289 -14.27 5.57 59.99
CA HIS C 289 -13.95 4.15 59.85
C HIS C 289 -13.16 3.59 61.04
N PRO C 290 -13.82 3.43 62.20
CA PRO C 290 -13.15 2.84 63.36
C PRO C 290 -12.60 1.45 63.05
N GLU C 291 -13.17 0.77 62.06
CA GLU C 291 -12.80 -0.60 61.70
C GLU C 291 -11.55 -0.67 60.80
N TRP C 292 -11.11 0.49 60.28
CA TRP C 292 -9.94 0.52 59.40
C TRP C 292 -8.60 0.43 60.16
N GLY C 293 -7.60 -0.17 59.51
CA GLY C 293 -6.25 -0.23 60.03
C GLY C 293 -5.37 0.92 59.53
N ASP C 294 -4.15 0.98 60.08
CA ASP C 294 -3.17 2.02 59.74
C ASP C 294 -2.89 2.15 58.25
N GLU C 295 -2.65 1.03 57.58
CA GLU C 295 -2.30 1.04 56.15
C GLU C 295 -3.39 1.71 55.30
N GLN C 296 -4.64 1.31 55.51
CA GLN C 296 -5.74 1.88 54.72
C GLN C 296 -5.96 3.36 55.04
N LEU C 297 -5.83 3.74 56.31
CA LEU C 297 -5.98 5.14 56.69
C LEU C 297 -4.89 5.96 56.00
N PHE C 298 -3.65 5.47 56.01
CA PHE C 298 -2.56 6.17 55.31
C PHE C 298 -2.83 6.35 53.81
N GLN C 299 -3.17 5.24 53.15
CA GLN C 299 -3.34 5.25 51.70
C GLN C 299 -4.52 6.11 51.27
N THR C 300 -5.63 6.01 52.00
CA THR C 300 -6.83 6.78 51.65
C THR C 300 -6.59 8.29 51.85
N SER C 301 -5.87 8.63 52.92
CA SER C 301 -5.54 10.03 53.18
C SER C 301 -4.62 10.58 52.11
N ARG C 302 -3.64 9.80 51.68
CA ARG C 302 -2.82 10.20 50.56
C ARG C 302 -3.65 10.47 49.29
N LEU C 303 -4.63 9.61 48.98
CA LEU C 303 -5.46 9.86 47.80
C LEU C 303 -6.26 11.15 47.96
N ILE C 304 -6.76 11.39 49.17
CA ILE C 304 -7.53 12.59 49.44
C ILE C 304 -6.65 13.84 49.21
N LEU C 305 -5.43 13.80 49.73
CA LEU C 305 -4.55 14.97 49.61
C LEU C 305 -4.11 15.23 48.16
N ILE C 306 -3.92 14.17 47.40
CA ILE C 306 -3.71 14.28 45.97
C ILE C 306 -4.88 15.05 45.33
N GLY C 307 -6.11 14.66 45.64
CA GLY C 307 -7.28 15.38 45.19
C GLY C 307 -7.34 16.85 45.61
N GLU C 308 -7.04 17.13 46.88
CA GLU C 308 -7.06 18.50 47.39
C GLU C 308 -6.05 19.34 46.64
N THR C 309 -4.91 18.72 46.36
CA THR C 309 -3.81 19.40 45.70
C THR C 309 -4.25 19.81 44.30
N ILE C 310 -4.84 18.88 43.55
CA ILE C 310 -5.29 19.18 42.19
C ILE C 310 -6.38 20.24 42.24
N LYS C 311 -7.26 20.10 43.23
CA LYS C 311 -8.36 21.06 43.41
C LYS C 311 -7.85 22.48 43.61
N ILE C 312 -6.93 22.62 44.56
CA ILE C 312 -6.34 23.92 44.91
C ILE C 312 -5.52 24.48 43.77
N VAL C 313 -4.70 23.64 43.13
CA VAL C 313 -3.92 24.07 41.99
C VAL C 313 -4.81 24.65 40.89
N ILE C 314 -5.89 23.99 40.54
CA ILE C 314 -6.75 24.53 39.48
C ILE C 314 -7.56 25.77 39.93
N GLU C 315 -8.27 25.66 41.05
CA GLU C 315 -9.26 26.67 41.40
C GLU C 315 -8.70 27.87 42.17
N ASP C 316 -7.50 27.75 42.70
CA ASP C 316 -6.91 28.90 43.38
C ASP C 316 -5.63 29.34 42.71
N TYR C 317 -4.71 28.41 42.51
CA TYR C 317 -3.36 28.74 42.06
C TYR C 317 -3.35 29.14 40.60
N VAL C 318 -3.78 28.24 39.73
CA VAL C 318 -3.88 28.52 38.30
C VAL C 318 -4.95 29.59 38.05
N GLN C 319 -6.04 29.54 38.81
CA GLN C 319 -7.04 30.61 38.74
C GLN C 319 -6.39 32.00 38.91
N HIS C 320 -5.50 32.15 39.89
CA HIS C 320 -4.86 33.44 40.14
C HIS C 320 -3.89 33.87 39.05
N LEU C 321 -3.02 32.96 38.60
CA LEU C 321 -1.99 33.35 37.65
C LEU C 321 -2.55 33.60 36.25
N SER C 322 -3.66 32.94 35.92
CA SER C 322 -4.30 33.11 34.61
C SER C 322 -4.83 34.52 34.46
N GLY C 323 -5.36 35.08 35.55
CA GLY C 323 -5.99 36.40 35.50
C GLY C 323 -7.40 36.37 34.92
N TYR C 324 -7.94 35.17 34.72
CA TYR C 324 -9.25 35.03 34.09
C TYR C 324 -10.34 35.44 35.06
N HIS C 325 -11.41 36.02 34.52
CA HIS C 325 -12.61 36.30 35.30
C HIS C 325 -13.48 35.03 35.41
N PHE C 326 -13.38 34.16 34.41
CA PHE C 326 -14.06 32.87 34.47
C PHE C 326 -13.50 32.02 35.60
N LYS C 327 -14.38 31.42 36.40
CA LYS C 327 -13.93 30.54 37.51
C LYS C 327 -13.62 29.13 37.03
N LEU C 328 -12.34 28.83 36.86
CA LEU C 328 -11.92 27.46 36.53
C LEU C 328 -12.49 26.47 37.53
N LYS C 329 -12.69 25.23 37.09
CA LYS C 329 -13.32 24.20 37.91
C LYS C 329 -12.56 22.87 37.85
N PHE C 330 -12.37 22.23 39.01
CA PHE C 330 -11.83 20.88 39.03
C PHE C 330 -13.01 19.90 39.07
N ASP C 331 -13.27 19.26 37.94
CA ASP C 331 -14.35 18.30 37.86
C ASP C 331 -14.00 17.26 36.79
N PRO C 332 -13.39 16.13 37.21
CA PRO C 332 -13.03 15.04 36.32
C PRO C 332 -14.19 14.54 35.45
N GLU C 333 -15.44 14.66 35.92
CA GLU C 333 -16.58 14.11 35.17
C GLU C 333 -16.75 14.80 33.82
N LEU C 334 -16.21 16.01 33.68
CA LEU C 334 -16.31 16.74 32.43
C LEU C 334 -15.54 16.09 31.27
N LEU C 335 -14.56 15.25 31.59
CA LEU C 335 -13.79 14.55 30.56
C LEU C 335 -14.30 13.14 30.24
N PHE C 336 -15.29 12.65 30.98
CA PHE C 336 -15.73 11.25 30.85
C PHE C 336 -16.32 10.86 29.47
N ASN C 337 -16.94 11.81 28.76
CA ASN C 337 -17.41 11.50 27.41
C ASN C 337 -16.50 12.09 26.34
N GLN C 338 -15.26 12.38 26.73
CA GLN C 338 -14.28 12.99 25.84
C GLN C 338 -13.13 12.03 25.67
N GLN C 339 -12.40 12.17 24.58
CA GLN C 339 -11.15 11.46 24.41
C GLN C 339 -10.07 12.15 25.20
N PHE C 340 -9.41 11.41 26.06
CA PHE C 340 -8.38 11.96 26.92
C PHE C 340 -7.57 10.78 27.46
N GLN C 341 -6.26 10.94 27.52
CA GLN C 341 -5.40 9.89 28.05
C GLN C 341 -5.07 10.18 29.50
N TYR C 342 -5.46 9.28 30.41
CA TYR C 342 -5.10 9.39 31.82
C TYR C 342 -3.68 8.90 32.07
N GLN C 343 -2.73 9.70 31.61
CA GLN C 343 -1.32 9.44 31.86
C GLN C 343 -0.57 10.73 31.60
N ASN C 344 0.68 10.79 32.07
CA ASN C 344 1.50 11.97 31.83
C ASN C 344 2.98 11.64 31.95
N ARG C 345 3.79 12.28 31.12
CA ARG C 345 5.23 12.21 31.25
C ARG C 345 5.70 13.68 31.31
N ILE C 346 6.52 14.01 32.31
CA ILE C 346 6.95 15.40 32.52
C ILE C 346 7.91 15.84 31.40
N ALA C 347 7.59 16.92 30.73
CA ALA C 347 8.44 17.46 29.68
C ALA C 347 9.56 18.35 30.20
N SER C 348 10.72 18.21 29.58
CA SER C 348 11.86 19.02 29.90
C SER C 348 11.51 20.49 29.76
N GLU C 349 10.82 20.84 28.68
CA GLU C 349 10.45 22.23 28.41
C GLU C 349 9.48 22.82 29.46
N PHE C 350 8.64 21.97 30.05
CA PHE C 350 7.76 22.40 31.14
C PHE C 350 8.62 22.81 32.33
N ASN C 351 9.57 21.93 32.68
CA ASN C 351 10.59 22.22 33.70
C ASN C 351 11.29 23.55 33.43
N THR C 352 11.77 23.73 32.19
CA THR C 352 12.54 24.94 31.81
C THR C 352 11.75 26.23 31.97
N LEU C 353 10.53 26.24 31.44
CA LEU C 353 9.70 27.44 31.47
C LEU C 353 9.26 27.77 32.90
N TYR C 354 9.32 26.80 33.80
CA TYR C 354 8.82 26.97 35.16
C TYR C 354 9.87 27.51 36.12
N HIS C 355 11.04 27.88 35.60
CA HIS C 355 12.05 28.53 36.45
C HIS C 355 11.63 29.99 36.71
N TRP C 356 10.69 30.19 37.62
CA TRP C 356 10.12 31.50 37.88
C TRP C 356 10.88 32.29 38.98
N HIS C 357 12.22 32.24 38.95
CA HIS C 357 13.01 32.95 39.94
C HIS C 357 12.82 34.48 40.04
N PRO C 358 12.35 35.15 38.96
CA PRO C 358 12.00 36.57 39.14
C PRO C 358 10.92 36.84 40.19
N LEU C 359 10.11 35.83 40.54
CA LEU C 359 9.13 35.97 41.62
C LEU C 359 9.78 36.41 42.92
N LEU C 360 11.01 35.98 43.12
CA LEU C 360 11.68 36.15 44.41
C LEU C 360 11.96 37.62 44.70
N PRO C 361 11.74 38.04 45.95
CA PRO C 361 11.97 39.43 46.37
C PRO C 361 13.45 39.65 46.70
N ASP C 362 13.82 40.91 46.97
CA ASP C 362 15.17 41.23 47.34
C ASP C 362 15.43 40.80 48.76
N THR C 363 14.39 40.87 49.60
CA THR C 363 14.47 40.39 50.97
C THR C 363 13.18 39.65 51.29
N PHE C 364 13.25 38.74 52.26
CA PHE C 364 12.07 38.02 52.72
C PHE C 364 11.58 38.69 54.00
N ASN C 365 10.33 39.16 53.97
CA ASN C 365 9.82 40.03 55.03
C ASN C 365 8.82 39.35 55.95
N ILE C 366 9.25 39.04 57.16
CA ILE C 366 8.45 38.30 58.09
C ILE C 366 8.29 39.10 59.36
N GLU C 367 7.03 39.37 59.72
CA GLU C 367 6.74 40.25 60.85
C GLU C 367 7.45 41.57 60.64
N ASP C 368 8.43 41.87 61.50
CA ASP C 368 9.19 43.10 61.43
C ASP C 368 10.56 42.96 60.75
N GLN C 369 11.00 41.73 60.48
CA GLN C 369 12.34 41.50 59.95
C GLN C 369 12.35 41.46 58.43
N GLU C 370 13.49 41.80 57.85
CA GLU C 370 13.68 41.68 56.41
C GLU C 370 14.96 40.86 56.18
N TYR C 371 14.79 39.57 55.89
CA TYR C 371 15.92 38.67 55.76
C TYR C 371 16.52 38.67 54.35
N SER C 372 17.84 38.78 54.28
CA SER C 372 18.55 38.63 53.01
C SER C 372 18.50 37.17 52.59
N PHE C 373 18.88 36.91 51.34
CA PHE C 373 18.97 35.55 50.84
C PHE C 373 19.90 34.69 51.70
N LYS C 374 21.06 35.24 52.05
CA LYS C 374 22.03 34.53 52.88
C LYS C 374 21.45 34.19 54.25
N GLN C 375 20.65 35.10 54.81
CA GLN C 375 20.03 34.89 56.11
C GLN C 375 18.92 33.85 56.01
N PHE C 376 18.26 33.82 54.86
CA PHE C 376 17.03 33.06 54.71
C PHE C 376 17.27 31.61 54.35
N LEU C 377 18.15 31.36 53.38
CA LEU C 377 18.43 30.01 52.91
C LEU C 377 18.92 29.09 54.03
N TYR C 378 18.40 27.86 54.05
CA TYR C 378 18.82 26.84 55.02
C TYR C 378 18.47 27.20 56.46
N ASN C 379 17.64 28.21 56.68
CA ASN C 379 17.50 28.70 58.04
C ASN C 379 16.12 28.45 58.61
N ASN C 380 15.90 27.25 59.15
CA ASN C 380 14.61 26.92 59.74
C ASN C 380 14.34 27.47 61.14
N SER C 381 15.36 28.10 61.75
CA SER C 381 15.16 28.78 63.03
C SER C 381 14.18 29.93 62.84
N ILE C 382 14.20 30.51 61.65
CA ILE C 382 13.26 31.55 61.28
C ILE C 382 11.82 31.07 61.36
N LEU C 383 11.57 29.86 60.84
CA LEU C 383 10.24 29.30 60.91
C LEU C 383 9.80 29.10 62.36
N LEU C 384 10.66 28.51 63.18
CA LEU C 384 10.34 28.24 64.58
C LEU C 384 10.15 29.54 65.37
N GLU C 385 11.01 30.52 65.08
CA GLU C 385 10.97 31.80 65.80
C GLU C 385 9.64 32.54 65.58
N HIS C 386 9.25 32.67 64.31
CA HIS C 386 8.04 33.40 63.96
C HIS C 386 6.78 32.55 64.02
N GLY C 387 6.91 31.27 63.64
CA GLY C 387 5.78 30.35 63.65
C GLY C 387 4.98 30.43 62.34
N LEU C 388 4.12 29.44 62.11
CA LEU C 388 3.38 29.35 60.85
C LEU C 388 2.42 30.52 60.65
N THR C 389 1.67 30.86 61.69
CA THR C 389 0.66 31.91 61.60
C THR C 389 1.27 33.21 61.05
N GLN C 390 2.41 33.59 61.62
CA GLN C 390 3.11 34.82 61.23
C GLN C 390 3.69 34.69 59.82
N PHE C 391 4.22 33.51 59.49
CA PHE C 391 4.70 33.22 58.13
C PHE C 391 3.60 33.46 57.09
N VAL C 392 2.46 32.82 57.31
CA VAL C 392 1.31 32.97 56.43
C VAL C 392 0.84 34.44 56.34
N GLU C 393 0.69 35.10 57.48
CA GLU C 393 0.30 36.53 57.48
C GLU C 393 1.29 37.39 56.69
N SER C 394 2.58 37.16 56.90
CA SER C 394 3.61 37.97 56.24
C SER C 394 3.71 37.68 54.75
N PHE C 395 3.70 36.41 54.40
CA PHE C 395 3.88 36.05 52.99
C PHE C 395 2.67 36.42 52.15
N THR C 396 1.50 36.45 52.80
CA THR C 396 0.28 36.83 52.13
C THR C 396 0.36 38.31 51.76
N ARG C 397 1.03 39.09 52.61
CA ARG C 397 1.16 40.54 52.41
C ARG C 397 2.29 40.94 51.47
N GLN C 398 3.29 40.08 51.29
CA GLN C 398 4.48 40.48 50.56
C GLN C 398 4.34 40.18 49.07
N ILE C 399 4.60 41.20 48.25
CA ILE C 399 4.46 41.10 46.80
C ILE C 399 5.64 40.35 46.19
N ALA C 400 5.35 39.54 45.18
CA ALA C 400 6.38 38.81 44.45
C ALA C 400 6.73 39.59 43.15
N GLY C 401 7.83 39.20 42.51
CA GLY C 401 8.29 39.93 41.34
C GLY C 401 7.58 39.50 40.06
N ARG C 402 7.60 40.38 39.06
CA ARG C 402 7.09 40.04 37.74
C ARG C 402 8.04 39.08 37.01
N VAL C 403 7.49 38.13 36.26
CA VAL C 403 8.36 37.12 35.63
C VAL C 403 8.71 37.49 34.18
N ALA C 404 7.71 37.82 33.37
CA ALA C 404 7.99 38.34 32.02
C ALA C 404 8.44 39.81 32.11
N GLY C 405 8.75 40.42 30.98
CA GLY C 405 9.10 41.83 31.01
C GLY C 405 10.58 42.13 31.20
N GLY C 406 11.36 41.11 31.54
CA GLY C 406 12.82 41.25 31.58
C GLY C 406 13.39 41.83 32.85
N ARG C 407 14.70 41.63 33.02
CA ARG C 407 15.51 42.28 34.05
C ARG C 407 14.90 42.19 35.45
N ASN C 408 14.53 41.00 35.89
CA ASN C 408 13.98 40.87 37.21
C ASN C 408 14.41 39.58 37.90
N VAL C 409 15.52 38.97 37.46
CA VAL C 409 16.11 37.84 38.17
C VAL C 409 17.03 38.37 39.27
N PRO C 410 16.77 38.01 40.53
CA PRO C 410 17.63 38.56 41.60
C PRO C 410 19.04 38.01 41.44
N ILE C 411 20.04 38.87 41.65
CA ILE C 411 21.43 38.47 41.46
C ILE C 411 21.83 37.36 42.43
N ALA C 412 21.11 37.21 43.53
CA ALA C 412 21.36 36.10 44.46
C ALA C 412 21.26 34.72 43.79
N VAL C 413 20.41 34.62 42.77
CA VAL C 413 20.26 33.35 42.06
C VAL C 413 20.69 33.44 40.61
N GLN C 414 21.66 34.31 40.34
CA GLN C 414 22.11 34.49 38.97
C GLN C 414 22.74 33.23 38.38
N ALA C 415 23.34 32.41 39.25
CA ALA C 415 23.94 31.16 38.79
C ALA C 415 22.86 30.17 38.32
N VAL C 416 21.67 30.27 38.92
CA VAL C 416 20.55 29.42 38.50
C VAL C 416 20.03 29.83 37.14
N ALA C 417 19.92 31.14 36.91
CA ALA C 417 19.47 31.60 35.60
C ALA C 417 20.50 31.24 34.50
N LYS C 418 21.77 31.37 34.82
CA LYS C 418 22.80 31.01 33.85
C LYS C 418 22.76 29.51 33.50
N ALA C 419 22.58 28.68 34.52
CA ALA C 419 22.47 27.23 34.31
C ALA C 419 21.23 26.86 33.49
N SER C 420 20.16 27.62 33.62
CA SER C 420 18.99 27.36 32.78
C SER C 420 19.31 27.59 31.30
N ILE C 421 20.09 28.64 31.02
CA ILE C 421 20.50 28.92 29.66
C ILE C 421 21.47 27.82 29.18
N ASP C 422 22.48 27.53 29.99
CA ASP C 422 23.53 26.61 29.59
C ASP C 422 22.99 25.18 29.42
N GLN C 423 22.09 24.78 30.31
CA GLN C 423 21.54 23.42 30.25
C GLN C 423 20.52 23.23 29.12
N SER C 424 19.81 24.30 28.77
CA SER C 424 18.94 24.25 27.60
C SER C 424 19.77 23.95 26.37
N ARG C 425 20.92 24.62 26.30
CA ARG C 425 21.85 24.42 25.21
C ARG C 425 22.44 23.03 25.19
N GLU C 426 22.88 22.55 26.36
CA GLU C 426 23.38 21.19 26.49
C GLU C 426 22.35 20.17 26.02
N MET C 427 21.08 20.43 26.34
CA MET C 427 19.98 19.56 25.93
C MET C 427 19.53 19.79 24.48
N LYS C 428 20.30 20.60 23.75
CA LYS C 428 20.03 20.88 22.34
C LYS C 428 18.59 21.32 22.04
N TYR C 429 18.07 22.28 22.81
CA TYR C 429 16.74 22.85 22.55
C TYR C 429 16.69 23.55 21.19
N GLN C 430 15.57 23.37 20.49
CA GLN C 430 15.29 24.17 19.32
C GLN C 430 15.02 25.61 19.74
N SER C 431 14.93 26.52 18.77
CA SER C 431 14.84 27.97 19.05
C SER C 431 13.46 28.37 19.60
N LEU C 432 13.37 29.58 20.13
CA LEU C 432 12.10 30.14 20.59
C LEU C 432 11.01 30.02 19.53
N ASN C 433 11.32 30.42 18.29
CA ASN C 433 10.31 30.42 17.24
C ASN C 433 9.87 28.99 16.82
N GLU C 434 10.77 28.02 16.93
CA GLU C 434 10.36 26.65 16.67
C GLU C 434 9.32 26.20 17.70
N TYR C 435 9.55 26.57 18.96
CA TYR C 435 8.64 26.21 20.02
C TYR C 435 7.33 26.96 19.86
N ARG C 436 7.37 28.19 19.37
CA ARG C 436 6.14 28.95 19.14
C ARG C 436 5.27 28.27 18.07
N LYS C 437 5.88 27.88 16.96
CA LYS C 437 5.16 27.12 15.93
C LYS C 437 4.58 25.81 16.47
N ARG C 438 5.38 25.11 17.27
CA ARG C 438 4.97 23.84 17.84
C ARG C 438 3.69 24.00 18.66
N PHE C 439 3.50 25.17 19.26
CA PHE C 439 2.30 25.43 20.06
C PHE C 439 1.30 26.36 19.39
N SER C 440 1.29 26.35 18.06
CA SER C 440 0.31 27.09 17.26
C SER C 440 0.35 28.60 17.53
N LEU C 441 1.56 29.14 17.73
CA LEU C 441 1.75 30.58 17.91
C LEU C 441 2.48 31.12 16.71
N LYS C 442 2.23 32.38 16.36
CA LYS C 442 2.91 33.05 15.27
C LYS C 442 4.34 33.37 15.68
N PRO C 443 5.33 32.93 14.88
CA PRO C 443 6.74 33.26 15.17
C PRO C 443 6.94 34.76 15.29
N TYR C 444 7.77 35.21 16.24
CA TYR C 444 8.13 36.63 16.32
C TYR C 444 9.01 36.97 15.12
N THR C 445 8.89 38.19 14.61
CA THR C 445 9.65 38.61 13.42
C THR C 445 10.78 39.58 13.73
N SER C 446 10.93 39.94 15.01
CA SER C 446 11.96 40.88 15.42
C SER C 446 12.10 40.83 16.94
N PHE C 447 13.17 41.40 17.48
CA PHE C 447 13.35 41.39 18.93
C PHE C 447 12.44 42.42 19.59
N GLU C 448 12.16 43.50 18.89
CA GLU C 448 11.21 44.50 19.38
C GLU C 448 9.80 43.90 19.52
N GLU C 449 9.40 43.06 18.56
CA GLU C 449 8.09 42.42 18.68
C GLU C 449 8.06 41.50 19.91
N LEU C 450 9.15 40.77 20.13
CA LEU C 450 9.26 39.88 21.29
C LEU C 450 9.15 40.61 22.64
N THR C 451 9.88 41.71 22.81
CA THR C 451 9.96 42.39 24.11
C THR C 451 8.92 43.50 24.28
N GLY C 452 8.44 44.07 23.17
CA GLY C 452 7.50 45.17 23.23
C GLY C 452 8.15 46.50 23.58
N GLU C 453 9.47 46.49 23.64
CA GLU C 453 10.22 47.71 23.88
C GLU C 453 11.47 47.76 22.99
N LYS C 454 12.36 48.71 23.24
CA LYS C 454 13.45 48.98 22.33
C LYS C 454 14.86 48.67 22.88
N GLU C 455 15.07 48.91 24.16
CA GLU C 455 16.40 48.78 24.77
C GLU C 455 16.89 47.32 24.88
N MET C 456 16.09 46.48 25.54
CA MET C 456 16.46 45.08 25.70
C MET C 456 16.51 44.40 24.33
N ALA C 457 15.59 44.80 23.46
CA ALA C 457 15.53 44.26 22.10
C ALA C 457 16.82 44.55 21.31
N ALA C 458 17.34 45.76 21.47
CA ALA C 458 18.58 46.14 20.79
C ALA C 458 19.73 45.29 21.30
N GLU C 459 19.81 45.11 22.61
CA GLU C 459 20.83 44.25 23.20
C GLU C 459 20.74 42.82 22.67
N LEU C 460 19.53 42.28 22.61
CA LEU C 460 19.33 40.92 22.11
C LEU C 460 19.71 40.83 20.63
N LYS C 461 19.32 41.83 19.85
CA LYS C 461 19.68 41.86 18.43
C LYS C 461 21.21 41.86 18.27
N ALA C 462 21.92 42.68 19.05
CA ALA C 462 23.38 42.65 19.00
C ALA C 462 23.96 41.27 19.36
N LEU C 463 23.32 40.57 20.30
CA LEU C 463 23.80 39.28 20.77
C LEU C 463 23.41 38.11 19.83
N TYR C 464 22.15 38.08 19.40
CA TYR C 464 21.66 36.94 18.62
C TYR C 464 21.66 37.14 17.09
N SER C 465 21.67 38.39 16.64
CA SER C 465 21.58 38.76 15.22
C SER C 465 20.23 38.46 14.54
N ASP C 466 19.70 37.25 14.76
CA ASP C 466 18.53 36.76 14.03
C ASP C 466 17.48 36.29 15.05
N ILE C 467 16.26 36.82 14.95
CA ILE C 467 15.18 36.49 15.87
C ILE C 467 14.94 34.96 15.87
N ASP C 468 15.14 34.31 14.73
CA ASP C 468 14.89 32.86 14.61
C ASP C 468 15.92 32.02 15.38
N VAL C 469 16.86 32.69 16.03
CA VAL C 469 17.95 32.04 16.73
C VAL C 469 17.82 32.34 18.24
N MET C 470 16.88 33.22 18.57
CA MET C 470 16.59 33.52 19.96
C MET C 470 16.20 32.25 20.73
N GLU C 471 16.65 32.12 21.97
CA GLU C 471 16.41 30.90 22.76
C GLU C 471 15.14 30.99 23.61
N LEU C 472 14.53 29.84 23.88
CA LEU C 472 13.26 29.76 24.62
C LEU C 472 13.33 30.36 26.04
N TYR C 473 14.26 29.88 26.87
CA TYR C 473 14.29 30.31 28.27
C TYR C 473 14.49 31.82 28.45
N PRO C 474 15.53 32.41 27.82
CA PRO C 474 15.65 33.85 28.07
C PRO C 474 14.47 34.63 27.45
N ALA C 475 13.92 34.14 26.34
CA ALA C 475 12.76 34.77 25.73
C ALA C 475 11.57 34.84 26.68
N LEU C 476 11.27 33.73 27.37
CA LEU C 476 10.15 33.73 28.33
C LEU C 476 10.29 34.85 29.37
N LEU C 477 11.53 35.14 29.76
CA LEU C 477 11.76 36.12 30.81
C LEU C 477 11.79 37.58 30.32
N VAL C 478 12.02 37.79 29.01
CA VAL C 478 12.09 39.14 28.48
C VAL C 478 10.85 39.45 27.68
N GLU C 479 9.98 38.46 27.51
CA GLU C 479 8.81 38.61 26.67
C GLU C 479 7.93 39.74 27.19
N LYS C 480 7.34 40.50 26.26
CA LYS C 480 6.32 41.48 26.59
C LYS C 480 5.18 40.79 27.33
N PRO C 481 4.86 41.27 28.54
CA PRO C 481 3.78 40.64 29.32
C PRO C 481 2.44 41.00 28.71
N ARG C 482 1.42 40.20 28.96
CA ARG C 482 0.04 40.66 28.72
C ARG C 482 -0.20 41.93 29.56
N PRO C 483 -1.22 42.73 29.21
CA PRO C 483 -1.40 44.00 29.93
C PRO C 483 -1.55 43.78 31.44
N ASP C 484 -0.67 44.42 32.21
CA ASP C 484 -0.65 44.28 33.67
C ASP C 484 -0.60 42.83 34.13
N ALA C 485 0.05 41.97 33.36
CA ALA C 485 0.10 40.54 33.65
C ALA C 485 1.50 40.12 34.06
N ILE C 486 1.58 38.95 34.70
CA ILE C 486 2.86 38.45 35.16
C ILE C 486 3.66 37.78 34.05
N PHE C 487 2.97 37.18 33.07
CA PHE C 487 3.61 36.38 32.01
C PHE C 487 3.25 36.91 30.63
N GLY C 488 4.04 36.57 29.61
CA GLY C 488 3.68 36.84 28.24
C GLY C 488 2.97 35.66 27.57
N GLU C 489 2.67 35.82 26.30
CA GLU C 489 1.98 34.78 25.51
C GLU C 489 2.66 33.40 25.52
N THR C 490 3.96 33.36 25.24
CA THR C 490 4.66 32.07 25.12
C THR C 490 4.63 31.24 26.41
N MET C 491 4.75 31.89 27.57
CA MET C 491 4.71 31.20 28.86
C MET C 491 3.36 30.50 29.10
N VAL C 492 2.28 31.25 28.92
CA VAL C 492 0.94 30.72 29.15
C VAL C 492 0.59 29.62 28.16
N GLU C 493 0.87 29.84 26.87
CA GLU C 493 0.47 28.87 25.84
C GLU C 493 1.27 27.56 25.88
N LEU C 494 2.49 27.58 26.40
CA LEU C 494 3.24 26.33 26.57
C LEU C 494 2.91 25.71 27.93
N GLY C 495 2.88 26.56 28.96
CA GLY C 495 2.67 26.11 30.32
C GLY C 495 1.32 25.43 30.51
N ALA C 496 0.27 25.99 29.92
CA ALA C 496 -1.07 25.49 30.16
C ALA C 496 -1.30 24.02 29.73
N PRO C 497 -0.96 23.65 28.49
CA PRO C 497 -1.21 22.25 28.13
C PRO C 497 -0.41 21.25 28.96
N PHE C 498 0.85 21.54 29.29
CA PHE C 498 1.64 20.63 30.14
C PHE C 498 0.96 20.52 31.51
N SER C 499 0.57 21.65 32.06
CA SER C 499 -0.01 21.70 33.39
C SER C 499 -1.31 20.91 33.45
N LEU C 500 -2.15 21.07 32.44
CA LEU C 500 -3.42 20.37 32.36
C LEU C 500 -3.21 18.85 32.39
N LYS C 501 -2.24 18.38 31.63
CA LYS C 501 -1.96 16.93 31.56
C LYS C 501 -1.48 16.38 32.91
N GLY C 502 -0.63 17.12 33.61
CA GLY C 502 -0.11 16.70 34.90
C GLY C 502 -1.22 16.50 35.90
N LEU C 503 -2.26 17.33 35.80
CA LEU C 503 -3.33 17.36 36.78
C LEU C 503 -4.46 16.38 36.40
N MET C 504 -5.06 16.59 35.24
CA MET C 504 -6.20 15.76 34.84
C MET C 504 -5.81 14.34 34.44
N GLY C 505 -4.55 14.17 34.02
CA GLY C 505 -4.00 12.86 33.66
C GLY C 505 -3.76 11.95 34.85
N ASN C 506 -3.81 12.52 36.06
CA ASN C 506 -3.69 11.70 37.27
C ASN C 506 -4.78 10.57 37.31
N PRO C 507 -4.43 9.37 37.81
CA PRO C 507 -5.46 8.30 37.78
C PRO C 507 -6.67 8.59 38.66
N ILE C 508 -6.52 9.40 39.70
CA ILE C 508 -7.70 9.72 40.51
C ILE C 508 -8.80 10.44 39.72
N CYS C 509 -8.44 10.99 38.56
CA CYS C 509 -9.42 11.66 37.71
C CYS C 509 -10.11 10.70 36.74
N SER C 510 -9.57 9.50 36.58
CA SER C 510 -10.21 8.53 35.71
C SER C 510 -11.53 8.04 36.35
N PRO C 511 -12.50 7.64 35.53
CA PRO C 511 -13.82 7.28 36.07
C PRO C 511 -13.81 6.11 37.08
N GLN C 512 -12.92 5.13 36.97
CA GLN C 512 -12.90 4.04 37.97
C GLN C 512 -12.38 4.50 39.32
N TYR C 513 -11.60 5.60 39.32
CA TYR C 513 -11.15 6.19 40.57
C TYR C 513 -12.07 7.30 41.12
N TRP C 514 -12.70 8.05 40.23
CA TRP C 514 -13.39 9.27 40.67
C TRP C 514 -14.77 8.95 41.25
N LYS C 515 -14.79 8.38 42.45
CA LYS C 515 -16.04 8.03 43.12
C LYS C 515 -15.78 8.05 44.61
N PRO C 516 -16.81 8.29 45.43
CA PRO C 516 -16.64 8.46 46.88
C PRO C 516 -15.86 7.32 47.56
N SER C 517 -16.14 6.07 47.20
CA SER C 517 -15.52 4.94 47.91
C SER C 517 -13.99 4.91 47.82
N THR C 518 -13.47 5.43 46.71
CA THR C 518 -12.04 5.58 46.56
C THR C 518 -11.44 6.38 47.72
N PHE C 519 -12.19 7.36 48.20
CA PHE C 519 -11.72 8.29 49.22
C PHE C 519 -12.35 8.05 50.59
N GLY C 520 -12.80 6.82 50.84
CA GLY C 520 -13.35 6.49 52.14
C GLY C 520 -14.80 6.91 52.31
N GLY C 521 -15.45 7.31 51.20
CA GLY C 521 -16.85 7.68 51.28
C GLY C 521 -17.11 9.15 51.02
N GLU C 522 -18.35 9.57 51.22
CA GLU C 522 -18.75 10.93 50.88
C GLU C 522 -18.01 11.96 51.71
N VAL C 523 -17.63 11.60 52.92
CA VAL C 523 -16.88 12.53 53.77
C VAL C 523 -15.48 12.82 53.20
N GLY C 524 -14.79 11.77 52.76
CA GLY C 524 -13.49 11.92 52.13
C GLY C 524 -13.59 12.65 50.80
N PHE C 525 -14.61 12.31 50.03
CA PHE C 525 -14.83 12.91 48.72
C PHE C 525 -15.06 14.39 48.88
N LYS C 526 -15.81 14.77 49.91
CA LYS C 526 -16.16 16.16 50.12
C LYS C 526 -14.93 16.99 50.45
N ILE C 527 -14.00 16.42 51.21
CA ILE C 527 -12.73 17.12 51.51
C ILE C 527 -12.01 17.55 50.22
N ILE C 528 -12.05 16.69 49.20
CA ILE C 528 -11.44 17.05 47.93
C ILE C 528 -12.24 18.16 47.27
N ASN C 529 -13.53 17.93 47.13
CA ASN C 529 -14.37 18.81 46.34
C ASN C 529 -14.66 20.16 47.01
N THR C 530 -14.23 20.34 48.26
CA THR C 530 -14.37 21.63 48.91
C THR C 530 -13.01 22.24 49.27
N ALA C 531 -11.92 21.64 48.81
CA ALA C 531 -10.60 22.13 49.22
C ALA C 531 -10.34 23.52 48.63
N SER C 532 -9.57 24.33 49.36
CA SER C 532 -9.16 25.64 48.86
C SER C 532 -7.88 26.01 49.59
N ILE C 533 -7.10 26.93 49.03
CA ILE C 533 -5.92 27.42 49.73
C ILE C 533 -6.32 28.02 51.08
N GLN C 534 -7.44 28.74 51.14
CA GLN C 534 -7.86 29.32 52.42
C GLN C 534 -8.21 28.26 53.45
N SER C 535 -8.93 27.21 53.04
CA SER C 535 -9.35 26.18 53.99
C SER C 535 -8.13 25.35 54.45
N LEU C 536 -7.19 25.10 53.54
CA LEU C 536 -5.96 24.38 53.89
C LEU C 536 -5.22 25.10 55.03
N ILE C 537 -5.11 26.41 54.89
CA ILE C 537 -4.44 27.22 55.92
C ILE C 537 -5.33 27.30 57.17
N CYS C 538 -6.64 27.47 56.98
CA CYS C 538 -7.56 27.66 58.09
C CYS C 538 -7.60 26.46 59.02
N ASN C 539 -7.61 25.27 58.46
CA ASN C 539 -7.65 24.05 59.24
C ASN C 539 -6.32 23.69 59.93
N ASN C 540 -5.20 24.17 59.40
CA ASN C 540 -3.89 23.67 59.80
C ASN C 540 -2.93 24.70 60.40
N VAL C 541 -3.36 25.95 60.44
CA VAL C 541 -2.50 27.01 60.93
C VAL C 541 -3.21 27.71 62.07
N LYS C 542 -2.53 27.82 63.21
CA LYS C 542 -3.16 28.38 64.41
C LYS C 542 -3.80 29.76 64.17
N GLY C 543 -5.05 29.91 64.59
CA GLY C 543 -5.77 31.17 64.49
C GLY C 543 -6.46 31.38 63.16
N CYS C 544 -6.37 30.40 62.25
CA CYS C 544 -7.02 30.51 60.94
C CYS C 544 -6.80 31.88 60.30
N PRO C 545 -5.55 32.24 59.99
CA PRO C 545 -5.32 33.55 59.36
C PRO C 545 -5.88 33.57 57.95
N PHE C 546 -6.35 34.73 57.51
CA PHE C 546 -6.73 34.91 56.11
C PHE C 546 -5.53 34.63 55.21
N THR C 547 -5.76 33.95 54.10
CA THR C 547 -4.71 33.85 53.10
C THR C 547 -5.28 33.87 51.70
N SER C 548 -4.38 34.08 50.74
CA SER C 548 -4.75 34.28 49.36
C SER C 548 -3.43 34.22 48.58
N PHE C 549 -3.54 34.14 47.26
CA PHE C 549 -2.36 34.16 46.41
C PHE C 549 -2.10 35.57 45.87
N ASN C 550 -2.95 36.51 46.26
CA ASN C 550 -2.89 37.90 45.78
C ASN C 550 -2.71 38.82 46.98
N VAL C 551 -1.85 39.83 46.87
CA VAL C 551 -1.66 40.78 47.98
C VAL C 551 -2.94 41.60 48.24
N ALA D 1 -14.24 -11.10 59.14
CA ALA D 1 -14.80 -10.05 60.00
C ALA D 1 -15.16 -8.81 59.19
N ASN D 2 -14.39 -8.55 58.14
CA ASN D 2 -14.71 -7.47 57.20
C ASN D 2 -16.12 -7.70 56.68
N PRO D 3 -16.99 -6.70 56.83
CA PRO D 3 -18.39 -6.84 56.37
C PRO D 3 -18.50 -6.99 54.85
N CYS D 4 -17.40 -6.78 54.13
CA CYS D 4 -17.40 -6.93 52.66
C CYS D 4 -16.95 -8.33 52.22
N CYS D 5 -16.71 -9.21 53.18
CA CYS D 5 -16.19 -10.55 52.89
C CYS D 5 -17.10 -11.36 51.97
N SER D 6 -18.41 -11.11 52.05
CA SER D 6 -19.37 -11.89 51.27
C SER D 6 -19.51 -11.39 49.84
N ASN D 7 -18.72 -10.38 49.47
CA ASN D 7 -18.84 -9.74 48.16
C ASN D 7 -20.27 -9.27 47.87
N PRO D 8 -20.87 -8.49 48.77
CA PRO D 8 -22.30 -8.21 48.62
C PRO D 8 -22.65 -7.28 47.46
N CYS D 9 -21.72 -6.44 47.02
CA CYS D 9 -22.02 -5.48 45.95
C CYS D 9 -21.99 -6.14 44.58
N GLN D 10 -23.07 -5.96 43.82
CA GLN D 10 -23.20 -6.54 42.49
C GLN D 10 -22.95 -5.51 41.38
N ASN D 11 -22.82 -6.02 40.15
CA ASN D 11 -22.74 -5.19 38.97
C ASN D 11 -21.59 -4.20 38.99
N ARG D 12 -20.47 -4.64 39.59
CA ARG D 12 -19.24 -3.82 39.71
C ARG D 12 -19.33 -2.64 40.71
N GLY D 13 -20.37 -2.61 41.52
CA GLY D 13 -20.41 -1.68 42.63
C GLY D 13 -19.26 -1.98 43.57
N GLU D 14 -18.76 -0.96 44.27
CA GLU D 14 -17.62 -1.16 45.15
C GLU D 14 -18.04 -1.20 46.61
N CYS D 15 -17.54 -2.20 47.32
CA CYS D 15 -17.88 -2.39 48.74
C CYS D 15 -16.93 -1.65 49.66
N MET D 16 -17.48 -1.00 50.67
CA MET D 16 -16.66 -0.31 51.65
C MET D 16 -17.28 -0.52 53.01
N SER D 17 -16.46 -0.87 54.00
CA SER D 17 -16.96 -0.98 55.37
C SER D 17 -17.33 0.40 55.91
N THR D 18 -18.38 0.47 56.72
CA THR D 18 -18.79 1.75 57.33
C THR D 18 -18.84 1.62 58.84
N GLY D 19 -18.22 0.57 59.35
CA GLY D 19 -18.23 0.26 60.76
C GLY D 19 -17.76 -1.17 60.84
N PHE D 20 -17.75 -1.74 62.04
CA PHE D 20 -17.23 -3.09 62.21
C PHE D 20 -18.09 -4.17 61.53
N ASP D 21 -19.40 -3.93 61.38
CA ASP D 21 -20.32 -4.94 60.85
C ASP D 21 -21.28 -4.38 59.80
N GLN D 22 -21.00 -3.18 59.29
CA GLN D 22 -21.83 -2.59 58.24
C GLN D 22 -20.97 -2.30 57.02
N TYR D 23 -21.59 -2.36 55.84
CA TYR D 23 -20.93 -1.97 54.60
C TYR D 23 -21.81 -1.01 53.82
N LYS D 24 -21.21 -0.40 52.81
CA LYS D 24 -21.93 0.47 51.88
C LYS D 24 -21.43 0.14 50.47
N CYS D 25 -22.35 0.01 49.53
CA CYS D 25 -21.98 -0.22 48.14
C CYS D 25 -21.98 1.11 47.37
N ASP D 26 -20.90 1.36 46.64
CA ASP D 26 -20.80 2.54 45.78
C ASP D 26 -21.21 2.15 44.37
N CYS D 27 -22.39 2.59 43.96
CA CYS D 27 -22.99 2.14 42.70
C CYS D 27 -22.73 3.13 41.57
N THR D 28 -21.88 4.11 41.85
CA THR D 28 -21.49 5.12 40.87
C THR D 28 -21.22 4.54 39.48
N ARG D 29 -21.94 5.05 38.49
CA ARG D 29 -21.77 4.68 37.09
C ARG D 29 -21.91 3.19 36.75
N THR D 30 -22.53 2.41 37.62
CA THR D 30 -22.75 0.98 37.34
C THR D 30 -24.00 0.78 36.49
N GLY D 31 -24.90 1.75 36.51
CA GLY D 31 -26.18 1.61 35.82
C GLY D 31 -27.21 0.99 36.73
N PHE D 32 -26.83 0.73 37.98
CA PHE D 32 -27.72 0.15 38.97
C PHE D 32 -27.74 0.99 40.26
N TYR D 33 -28.73 0.76 41.11
CA TYR D 33 -28.74 1.40 42.43
C TYR D 33 -29.30 0.47 43.50
N GLY D 34 -29.44 0.99 44.71
CA GLY D 34 -29.88 0.19 45.84
C GLY D 34 -28.73 -0.31 46.68
N GLU D 35 -29.05 -0.92 47.81
CA GLU D 35 -28.07 -1.35 48.82
C GLU D 35 -26.95 -2.22 48.22
N ASN D 36 -27.29 -3.08 47.28
CA ASN D 36 -26.29 -3.96 46.68
C ASN D 36 -26.09 -3.71 45.19
N CYS D 37 -26.57 -2.55 44.72
CA CYS D 37 -26.49 -2.18 43.29
C CYS D 37 -27.17 -3.19 42.38
N THR D 38 -28.35 -3.66 42.79
CA THR D 38 -29.07 -4.67 42.01
C THR D 38 -30.33 -4.14 41.33
N THR D 39 -30.65 -2.87 41.55
CA THR D 39 -31.82 -2.28 40.91
C THR D 39 -31.41 -1.50 39.67
N PRO D 40 -31.81 -1.99 38.48
CA PRO D 40 -31.40 -1.36 37.22
C PRO D 40 -32.08 -0.03 36.98
N GLU D 41 -31.33 0.95 36.47
CA GLU D 41 -31.93 2.19 36.00
C GLU D 41 -32.65 1.89 34.69
N PHE D 42 -33.50 2.81 34.22
CA PHE D 42 -34.34 2.56 33.05
C PHE D 42 -33.55 2.17 31.81
N LEU D 43 -32.50 2.93 31.51
CA LEU D 43 -31.67 2.66 30.35
C LEU D 43 -30.96 1.30 30.50
N THR D 44 -30.71 0.91 31.74
CA THR D 44 -30.05 -0.36 32.01
C THR D 44 -30.94 -1.53 31.63
N ARG D 45 -32.19 -1.50 32.07
CA ARG D 45 -33.14 -2.56 31.72
C ARG D 45 -33.26 -2.70 30.21
N ILE D 46 -33.18 -1.57 29.50
CA ILE D 46 -33.20 -1.58 28.03
C ILE D 46 -31.95 -2.25 27.45
N LYS D 47 -30.79 -1.82 27.92
CA LYS D 47 -29.51 -2.41 27.49
C LYS D 47 -29.52 -3.91 27.69
N LEU D 48 -29.93 -4.35 28.88
CA LEU D 48 -29.95 -5.76 29.23
C LEU D 48 -30.85 -6.58 28.28
N LEU D 49 -32.02 -6.03 27.95
CA LEU D 49 -32.93 -6.70 27.03
C LEU D 49 -32.32 -6.86 25.64
N LEU D 50 -31.46 -5.92 25.26
CA LEU D 50 -30.96 -5.90 23.88
C LEU D 50 -29.59 -6.57 23.69
N LYS D 51 -28.95 -6.98 24.77
CA LYS D 51 -27.63 -7.60 24.63
C LYS D 51 -27.69 -9.13 24.61
N PRO D 52 -27.09 -9.73 23.57
CA PRO D 52 -27.01 -11.18 23.46
C PRO D 52 -26.01 -11.76 24.46
N THR D 53 -26.11 -13.06 24.71
CA THR D 53 -25.15 -13.75 25.54
C THR D 53 -23.89 -14.03 24.73
N PRO D 54 -22.74 -14.23 25.40
CA PRO D 54 -21.50 -14.55 24.70
C PRO D 54 -21.61 -15.82 23.85
N ASN D 55 -22.36 -16.81 24.34
CA ASN D 55 -22.57 -18.04 23.57
C ASN D 55 -23.31 -17.77 22.26
N THR D 56 -24.32 -16.91 22.32
CA THR D 56 -25.04 -16.49 21.11
C THR D 56 -24.11 -15.81 20.14
N VAL D 57 -23.36 -14.84 20.64
CA VAL D 57 -22.38 -14.13 19.82
C VAL D 57 -21.34 -15.09 19.23
N HIS D 58 -20.90 -16.06 20.05
CA HIS D 58 -19.96 -17.07 19.57
C HIS D 58 -20.56 -17.91 18.43
N TYR D 59 -21.83 -18.29 18.58
CA TYR D 59 -22.52 -19.04 17.52
C TYR D 59 -22.49 -18.26 16.22
N ILE D 60 -22.86 -16.98 16.28
CA ILE D 60 -22.94 -16.14 15.09
C ILE D 60 -21.58 -15.99 14.41
N LEU D 61 -20.53 -15.86 15.20
CA LEU D 61 -19.18 -15.71 14.66
C LEU D 61 -18.61 -17.02 14.07
N THR D 62 -19.15 -18.16 14.51
CA THR D 62 -18.64 -19.47 14.06
C THR D 62 -19.59 -20.17 13.07
N HIS D 63 -20.68 -19.50 12.69
CA HIS D 63 -21.57 -20.03 11.67
C HIS D 63 -21.80 -18.99 10.58
N PHE D 64 -22.69 -19.29 9.65
CA PHE D 64 -22.96 -18.44 8.50
C PHE D 64 -21.66 -18.08 7.79
N LYS D 65 -20.82 -19.09 7.58
CA LYS D 65 -19.53 -18.92 6.93
C LYS D 65 -19.65 -18.21 5.58
N GLY D 66 -20.77 -18.44 4.89
CA GLY D 66 -21.03 -17.82 3.62
C GLY D 66 -21.20 -16.32 3.71
N VAL D 67 -21.90 -15.85 4.75
CA VAL D 67 -22.09 -14.42 4.96
C VAL D 67 -20.77 -13.74 5.31
N TRP D 68 -20.04 -14.35 6.25
CA TRP D 68 -18.75 -13.81 6.69
C TRP D 68 -17.78 -13.71 5.53
N ASN D 69 -17.93 -14.59 4.55
CA ASN D 69 -17.14 -14.51 3.33
C ASN D 69 -17.40 -13.24 2.53
N ILE D 70 -18.68 -12.84 2.46
CA ILE D 70 -19.02 -11.59 1.81
C ILE D 70 -18.40 -10.45 2.59
N VAL D 71 -18.66 -10.44 3.90
CA VAL D 71 -18.17 -9.40 4.79
C VAL D 71 -16.64 -9.28 4.74
N ASN D 72 -15.94 -10.40 4.79
CA ASN D 72 -14.48 -10.38 4.81
C ASN D 72 -13.89 -9.77 3.55
N ASN D 73 -14.67 -9.74 2.47
CA ASN D 73 -14.20 -9.23 1.18
C ASN D 73 -14.70 -7.83 0.82
N ILE D 74 -15.45 -7.20 1.72
CA ILE D 74 -15.82 -5.80 1.55
C ILE D 74 -15.07 -4.99 2.59
N PRO D 75 -13.98 -4.33 2.18
CA PRO D 75 -13.08 -3.61 3.08
C PRO D 75 -13.77 -2.70 4.10
N PHE D 76 -14.67 -1.81 3.66
CA PHE D 76 -15.28 -0.88 4.61
C PHE D 76 -16.15 -1.62 5.63
N LEU D 77 -16.69 -2.74 5.22
CA LEU D 77 -17.59 -3.51 6.06
C LEU D 77 -16.78 -4.25 7.13
N ARG D 78 -15.67 -4.86 6.70
CA ARG D 78 -14.77 -5.54 7.61
C ARG D 78 -14.22 -4.56 8.63
N SER D 79 -13.87 -3.35 8.16
CA SER D 79 -13.35 -2.32 9.05
C SER D 79 -14.42 -1.91 10.04
N LEU D 80 -15.64 -1.75 9.56
CA LEU D 80 -16.73 -1.32 10.42
C LEU D 80 -16.93 -2.35 11.52
N ILE D 81 -16.95 -3.62 11.15
CA ILE D 81 -17.23 -4.68 12.12
C ILE D 81 -16.08 -4.79 13.13
N MET D 82 -14.85 -4.74 12.62
CA MET D 82 -13.70 -4.79 13.52
C MET D 82 -13.72 -3.62 14.50
N LYS D 83 -14.11 -2.44 14.01
CA LYS D 83 -14.20 -1.26 14.86
C LYS D 83 -15.15 -1.51 16.02
N TYR D 84 -16.29 -2.12 15.71
CA TYR D 84 -17.26 -2.45 16.74
C TYR D 84 -16.76 -3.55 17.69
N VAL D 85 -16.07 -4.54 17.14
CA VAL D 85 -15.46 -5.58 17.96
C VAL D 85 -14.50 -4.98 19.00
N LEU D 86 -13.69 -4.01 18.56
CA LEU D 86 -12.72 -3.38 19.45
C LEU D 86 -13.40 -2.66 20.63
N THR D 87 -14.44 -1.89 20.35
CA THR D 87 -15.11 -1.12 21.40
C THR D 87 -15.98 -2.01 22.31
N SER D 88 -16.64 -3.01 21.72
CA SER D 88 -17.49 -3.92 22.47
C SER D 88 -16.67 -4.69 23.50
N ARG D 89 -15.37 -4.76 23.25
CA ARG D 89 -14.45 -5.58 24.05
C ARG D 89 -13.62 -4.76 25.04
N SER D 90 -13.79 -3.43 25.03
CA SER D 90 -12.94 -2.60 25.88
C SER D 90 -13.72 -1.71 26.86
N TYR D 91 -14.43 -2.34 27.79
CA TYR D 91 -15.11 -1.61 28.86
C TYR D 91 -14.98 -2.41 30.16
N LEU D 92 -14.49 -3.64 30.04
CA LEU D 92 -14.40 -4.56 31.18
C LEU D 92 -13.14 -4.37 32.01
N ILE D 93 -12.11 -3.77 31.41
CA ILE D 93 -10.80 -3.71 32.06
C ILE D 93 -10.56 -2.33 32.69
N ASP D 94 -10.16 -2.32 33.96
CA ASP D 94 -9.88 -1.08 34.64
C ASP D 94 -8.58 -0.53 34.06
N SER D 95 -8.64 0.67 33.50
CA SER D 95 -7.44 1.26 32.93
C SER D 95 -7.62 2.76 33.02
N PRO D 96 -6.80 3.45 33.86
CA PRO D 96 -5.71 3.00 34.75
C PRO D 96 -6.12 1.89 35.71
N PRO D 97 -5.17 1.01 36.04
CA PRO D 97 -5.42 -0.16 36.88
C PRO D 97 -5.73 0.19 38.33
N THR D 98 -6.30 -0.77 39.04
CA THR D 98 -6.74 -0.60 40.41
C THR D 98 -6.06 -1.56 41.37
N TYR D 99 -6.66 -2.73 41.60
CA TYR D 99 -6.26 -3.56 42.72
C TYR D 99 -5.02 -4.40 42.46
N ASN D 100 -4.47 -5.00 43.50
CA ASN D 100 -3.40 -6.00 43.34
C ASN D 100 -3.45 -6.99 44.49
N VAL D 101 -2.46 -7.88 44.60
CA VAL D 101 -2.54 -8.95 45.61
C VAL D 101 -2.58 -8.39 47.05
N HIS D 102 -1.98 -7.23 47.27
CA HIS D 102 -1.91 -6.65 48.61
C HIS D 102 -2.94 -5.55 48.87
N TYR D 103 -3.63 -5.09 47.83
CA TYR D 103 -4.62 -4.05 48.01
C TYR D 103 -5.99 -4.37 47.44
N GLY D 104 -6.96 -4.50 48.35
CA GLY D 104 -8.36 -4.77 48.01
C GLY D 104 -9.18 -3.48 47.97
N TYR D 105 -8.49 -2.36 48.13
CA TYR D 105 -9.04 -1.02 47.90
C TYR D 105 -8.04 -0.25 47.04
N LYS D 106 -8.51 0.76 46.32
CA LYS D 106 -7.61 1.56 45.50
C LYS D 106 -6.61 2.32 46.38
N SER D 107 -5.34 2.32 45.97
CA SER D 107 -4.32 3.11 46.67
C SER D 107 -3.25 3.59 45.71
N TRP D 108 -2.49 4.60 46.12
CA TRP D 108 -1.42 5.09 45.27
C TRP D 108 -0.35 4.02 45.14
N GLU D 109 -0.21 3.20 46.17
CA GLU D 109 0.79 2.15 46.13
C GLU D 109 0.43 1.12 45.05
N ALA D 110 -0.85 0.75 44.99
CA ALA D 110 -1.33 -0.26 44.03
C ALA D 110 -1.29 0.33 42.61
N PHE D 111 -1.62 1.61 42.49
CA PHE D 111 -1.51 2.24 41.18
C PHE D 111 -0.05 2.32 40.67
N SER D 112 0.85 2.81 41.52
CA SER D 112 2.19 3.22 41.07
C SER D 112 3.28 2.14 41.04
N ASN D 113 3.11 1.09 41.84
CA ASN D 113 4.15 0.06 41.94
C ASN D 113 4.06 -0.92 40.78
N LEU D 114 4.93 -0.76 39.77
CA LEU D 114 4.88 -1.58 38.57
C LEU D 114 5.37 -3.03 38.78
N SER D 115 5.94 -3.34 39.94
CA SER D 115 6.39 -4.70 40.19
C SER D 115 5.24 -5.68 40.50
N TYR D 116 4.05 -5.17 40.75
CA TYR D 116 2.87 -6.04 40.91
C TYR D 116 2.18 -6.37 39.59
N TYR D 117 1.66 -7.59 39.48
CA TYR D 117 0.59 -7.84 38.53
C TYR D 117 -0.62 -7.11 39.09
N THR D 118 -1.48 -6.58 38.24
CA THR D 118 -2.69 -5.94 38.76
C THR D 118 -3.77 -7.02 38.94
N ARG D 119 -4.91 -6.64 39.46
CA ARG D 119 -5.96 -7.62 39.72
C ARG D 119 -7.31 -7.17 39.19
N ALA D 120 -7.95 -8.02 38.39
CA ALA D 120 -9.30 -7.72 37.87
C ALA D 120 -10.36 -7.74 38.98
N LEU D 121 -10.20 -8.65 39.94
CA LEU D 121 -11.00 -8.60 41.18
C LEU D 121 -10.03 -8.52 42.34
N PRO D 122 -10.37 -7.71 43.35
CA PRO D 122 -9.52 -7.60 44.55
C PRO D 122 -9.41 -8.93 45.30
N PRO D 123 -8.32 -9.12 46.06
CA PRO D 123 -8.19 -10.34 46.90
C PRO D 123 -9.27 -10.40 47.96
N VAL D 124 -9.66 -11.64 48.31
CA VAL D 124 -10.47 -11.88 49.48
C VAL D 124 -9.66 -11.44 50.71
N ALA D 125 -10.26 -10.64 51.58
CA ALA D 125 -9.51 -10.08 52.71
C ALA D 125 -9.00 -11.17 53.66
N ASP D 126 -7.85 -10.90 54.28
CA ASP D 126 -7.21 -11.86 55.19
C ASP D 126 -8.07 -12.29 56.36
N ASP D 127 -8.98 -11.43 56.80
CA ASP D 127 -9.78 -11.77 57.98
C ASP D 127 -11.17 -12.37 57.66
N CYS D 128 -11.39 -12.69 56.39
CA CYS D 128 -12.63 -13.38 56.02
C CYS D 128 -12.59 -14.78 56.58
N PRO D 129 -13.75 -15.29 57.02
CA PRO D 129 -13.83 -16.61 57.67
C PRO D 129 -13.53 -17.80 56.74
N THR D 130 -13.72 -17.62 55.43
CA THR D 130 -13.44 -18.70 54.48
C THR D 130 -12.58 -18.19 53.32
N PRO D 131 -11.83 -19.09 52.66
CA PRO D 131 -11.02 -18.72 51.50
C PRO D 131 -11.77 -17.90 50.44
N MET D 132 -13.04 -18.20 50.19
CA MET D 132 -13.77 -17.45 49.17
C MET D 132 -14.53 -16.26 49.75
N GLY D 133 -14.44 -16.06 51.05
CA GLY D 133 -15.16 -14.96 51.68
C GLY D 133 -15.93 -15.47 52.89
N VAL D 134 -17.17 -15.93 52.67
CA VAL D 134 -17.98 -16.49 53.74
C VAL D 134 -18.51 -17.90 53.38
N LYS D 135 -18.53 -18.24 52.09
CA LYS D 135 -19.04 -19.52 51.64
C LYS D 135 -17.98 -20.62 51.74
N GLY D 136 -18.44 -21.87 51.75
CA GLY D 136 -17.56 -23.04 51.77
C GLY D 136 -17.02 -23.39 53.15
N ASN D 137 -16.06 -24.31 53.18
CA ASN D 137 -15.46 -24.74 54.44
C ASN D 137 -14.29 -23.85 54.83
N LYS D 138 -13.72 -24.13 56.01
CA LYS D 138 -12.56 -23.42 56.51
C LYS D 138 -11.39 -23.49 55.53
N GLU D 139 -11.26 -24.63 54.86
CA GLU D 139 -10.20 -24.79 53.87
C GLU D 139 -10.79 -25.32 52.57
N LEU D 140 -10.16 -24.95 51.46
CA LEU D 140 -10.53 -25.45 50.16
C LEU D 140 -10.10 -26.91 50.04
N PRO D 141 -10.68 -27.65 49.08
CA PRO D 141 -10.29 -29.07 48.94
C PRO D 141 -8.82 -29.21 48.57
N ASP D 142 -8.21 -30.28 49.08
CA ASP D 142 -6.84 -30.67 48.77
C ASP D 142 -6.54 -30.48 47.28
N SER D 143 -5.54 -29.66 46.97
CA SER D 143 -5.22 -29.37 45.58
C SER D 143 -4.71 -30.61 44.84
N LYS D 144 -4.09 -31.55 45.57
CA LYS D 144 -3.64 -32.79 44.96
C LYS D 144 -4.84 -33.60 44.45
N GLU D 145 -5.92 -33.63 45.24
CA GLU D 145 -7.14 -34.35 44.85
C GLU D 145 -7.83 -33.67 43.66
N VAL D 146 -7.91 -32.35 43.65
CA VAL D 146 -8.46 -31.66 42.48
C VAL D 146 -7.64 -31.98 41.22
N LEU D 147 -6.32 -31.83 41.36
CA LEU D 147 -5.40 -32.13 40.28
C LEU D 147 -5.57 -33.55 39.76
N GLU D 148 -5.52 -34.54 40.66
CA GLU D 148 -5.56 -35.92 40.24
C GLU D 148 -6.91 -36.35 39.68
N LYS D 149 -7.99 -35.80 40.23
CA LYS D 149 -9.33 -36.25 39.85
C LYS D 149 -9.84 -35.66 38.52
N VAL D 150 -9.61 -34.36 38.31
CA VAL D 150 -10.19 -33.74 37.11
C VAL D 150 -9.21 -33.04 36.16
N LEU D 151 -7.94 -32.91 36.55
CA LEU D 151 -6.99 -32.20 35.67
C LEU D 151 -6.01 -33.12 34.92
N LEU D 152 -5.51 -34.17 35.57
CA LEU D 152 -4.44 -34.97 34.98
C LEU D 152 -4.89 -35.79 33.77
N ARG D 153 -4.06 -35.81 32.75
CA ARG D 153 -4.35 -36.54 31.53
C ARG D 153 -4.29 -38.05 31.77
N ARG D 154 -5.32 -38.76 31.32
CA ARG D 154 -5.26 -40.22 31.26
C ARG D 154 -4.74 -40.50 29.85
N GLU D 155 -5.62 -40.36 28.88
CA GLU D 155 -5.26 -40.47 27.46
C GLU D 155 -5.18 -39.07 26.83
N PHE D 156 -4.24 -38.88 25.90
CA PHE D 156 -4.09 -37.57 25.25
C PHE D 156 -5.39 -37.20 24.54
N ILE D 157 -5.91 -36.02 24.82
CA ILE D 157 -7.10 -35.51 24.13
C ILE D 157 -6.71 -34.43 23.10
N PRO D 158 -6.83 -34.74 21.82
CA PRO D 158 -6.40 -33.75 20.82
C PRO D 158 -7.35 -32.54 20.75
N ASP D 159 -6.81 -31.38 20.42
CA ASP D 159 -7.64 -30.21 20.17
C ASP D 159 -8.47 -30.40 18.90
N PRO D 160 -9.79 -30.29 19.01
CA PRO D 160 -10.66 -30.42 17.83
C PRO D 160 -10.53 -29.23 16.86
N GLN D 161 -10.00 -28.09 17.32
CA GLN D 161 -9.76 -26.97 16.41
C GLN D 161 -8.47 -27.16 15.62
N GLY D 162 -7.75 -28.23 15.92
CA GLY D 162 -6.60 -28.59 15.13
C GLY D 162 -5.35 -27.77 15.46
N SER D 163 -5.29 -27.12 16.62
CA SER D 163 -4.07 -26.43 17.01
C SER D 163 -2.85 -27.35 16.93
N ASN D 164 -1.72 -26.79 16.54
CA ASN D 164 -0.50 -27.59 16.42
C ASN D 164 0.59 -27.12 17.39
N MET D 165 1.79 -27.66 17.27
CA MET D 165 2.87 -27.28 18.16
C MET D 165 3.46 -25.91 17.78
N MET D 166 3.26 -25.46 16.53
CA MET D 166 3.59 -24.08 16.19
C MET D 166 2.73 -23.12 17.00
N PHE D 167 1.44 -23.45 17.14
CA PHE D 167 0.55 -22.64 17.96
C PHE D 167 0.97 -22.69 19.45
N ALA D 168 1.22 -23.89 19.95
CA ALA D 168 1.50 -24.04 21.38
C ALA D 168 2.79 -23.30 21.77
N PHE D 169 3.85 -23.44 20.98
CA PHE D 169 5.09 -22.76 21.31
C PHE D 169 5.08 -21.27 21.02
N PHE D 170 4.26 -20.85 20.06
CA PHE D 170 4.10 -19.41 19.82
C PHE D 170 3.44 -18.80 21.05
N ALA D 171 2.42 -19.47 21.55
CA ALA D 171 1.69 -19.00 22.72
C ALA D 171 2.65 -18.86 23.90
N GLN D 172 3.47 -19.89 24.14
CA GLN D 172 4.43 -19.85 25.25
C GLN D 172 5.46 -18.73 25.07
N HIS D 173 6.01 -18.62 23.85
CA HIS D 173 7.05 -17.64 23.54
C HIS D 173 6.52 -16.20 23.66
N PHE D 174 5.39 -15.95 23.00
CA PHE D 174 4.79 -14.63 22.98
C PHE D 174 4.42 -14.15 24.40
N THR D 175 3.70 -14.99 25.16
CA THR D 175 3.22 -14.56 26.47
C THR D 175 4.34 -14.43 27.51
N HIS D 176 5.44 -15.13 27.31
CA HIS D 176 6.51 -15.12 28.31
C HIS D 176 7.36 -13.86 28.26
N GLN D 177 6.94 -12.90 27.43
CA GLN D 177 7.53 -11.57 27.55
C GLN D 177 6.80 -10.75 28.59
N PHE D 178 5.55 -11.09 28.87
CA PHE D 178 4.82 -10.34 29.88
C PHE D 178 4.34 -11.13 31.12
N PHE D 179 4.39 -12.47 31.05
CA PHE D 179 4.17 -13.28 32.25
C PHE D 179 5.54 -13.70 32.66
N LYS D 180 6.09 -13.03 33.65
CA LYS D 180 7.45 -13.28 34.09
C LYS D 180 7.46 -13.11 35.61
N THR D 181 6.89 -14.09 36.30
CA THR D 181 6.69 -13.97 37.74
C THR D 181 8.01 -13.86 38.49
N ASP D 182 8.08 -12.88 39.38
CA ASP D 182 9.26 -12.68 40.22
C ASP D 182 9.14 -13.56 41.46
N HIS D 183 9.63 -14.78 41.35
CA HIS D 183 9.49 -15.77 42.43
C HIS D 183 10.21 -15.37 43.71
N LYS D 184 11.19 -14.48 43.59
CA LYS D 184 11.83 -13.91 44.77
C LYS D 184 10.80 -13.19 45.62
N ARG D 185 9.95 -12.39 44.97
CA ARG D 185 8.95 -11.57 45.67
C ARG D 185 7.66 -12.35 45.96
N GLY D 186 7.17 -13.11 44.98
CA GLY D 186 5.98 -13.92 45.16
C GLY D 186 5.12 -13.95 43.90
N PRO D 187 4.06 -14.78 43.92
CA PRO D 187 3.25 -15.05 42.72
C PRO D 187 2.51 -13.83 42.19
N GLY D 188 2.24 -12.86 43.06
CA GLY D 188 1.59 -11.65 42.60
C GLY D 188 2.54 -10.56 42.09
N PHE D 189 3.81 -10.91 41.89
CA PHE D 189 4.82 -9.94 41.37
C PHE D 189 5.41 -10.35 40.02
N THR D 190 5.70 -9.35 39.19
CA THR D 190 6.26 -9.56 37.87
C THR D 190 7.63 -8.90 37.69
N ARG D 191 8.45 -9.47 36.79
CA ARG D 191 9.73 -8.90 36.39
C ARG D 191 9.55 -8.14 35.07
N GLY D 192 8.33 -8.16 34.51
CA GLY D 192 8.07 -7.59 33.21
C GLY D 192 7.49 -6.18 33.36
N LEU D 193 8.36 -5.21 33.60
CA LEU D 193 7.87 -3.87 34.02
C LEU D 193 7.27 -3.09 32.83
N GLY D 194 7.48 -3.59 31.62
CA GLY D 194 6.84 -3.01 30.44
C GLY D 194 5.34 -3.35 30.40
N HIS D 195 4.97 -4.36 31.18
CA HIS D 195 3.57 -4.79 31.24
C HIS D 195 2.90 -5.00 29.87
N GLY D 196 3.60 -5.66 28.96
CA GLY D 196 3.01 -5.89 27.66
C GLY D 196 3.97 -6.32 26.58
N VAL D 197 3.63 -5.93 25.35
CA VAL D 197 4.37 -6.34 24.18
C VAL D 197 5.52 -5.38 23.88
N ASP D 198 6.59 -5.49 24.65
CA ASP D 198 7.73 -4.63 24.39
C ASP D 198 8.88 -5.38 23.75
N LEU D 199 8.68 -6.70 23.56
CA LEU D 199 9.70 -7.61 22.99
C LEU D 199 10.96 -7.74 23.84
N ASN D 200 10.81 -7.63 25.16
CA ASN D 200 11.95 -7.85 26.06
C ASN D 200 12.48 -9.28 25.97
N HIS D 201 11.67 -10.18 25.44
CA HIS D 201 12.03 -11.60 25.40
C HIS D 201 13.00 -11.86 24.26
N ILE D 202 13.17 -10.85 23.41
CA ILE D 202 14.18 -10.87 22.37
C ILE D 202 15.32 -9.89 22.74
N TYR D 203 14.96 -8.71 23.27
CA TYR D 203 15.94 -7.63 23.48
C TYR D 203 16.46 -7.49 24.90
N GLY D 204 15.82 -8.13 25.87
CA GLY D 204 16.24 -7.98 27.24
C GLY D 204 15.37 -6.96 27.96
N GLU D 205 15.10 -7.25 29.23
CA GLU D 205 14.30 -6.37 30.07
C GLU D 205 15.06 -5.07 30.40
N THR D 206 16.37 -5.17 30.61
CA THR D 206 17.20 -4.03 30.98
C THR D 206 18.18 -3.63 29.85
N LEU D 207 18.60 -2.38 29.92
CA LEU D 207 19.50 -1.82 28.92
C LEU D 207 20.82 -2.55 28.87
N ASP D 208 21.35 -2.91 30.04
CA ASP D 208 22.59 -3.64 30.15
C ASP D 208 22.53 -4.98 29.41
N ARG D 209 21.46 -5.73 29.61
CA ARG D 209 21.27 -6.98 28.91
C ARG D 209 21.15 -6.74 27.41
N GLN D 210 20.39 -5.70 27.02
CA GLN D 210 20.21 -5.40 25.61
C GLN D 210 21.53 -5.09 24.92
N HIS D 211 22.38 -4.31 25.59
CA HIS D 211 23.67 -3.94 25.03
C HIS D 211 24.62 -5.14 24.91
N LYS D 212 24.54 -6.09 25.84
CA LYS D 212 25.30 -7.33 25.70
C LYS D 212 24.85 -8.20 24.54
N LEU D 213 23.57 -8.15 24.19
CA LEU D 213 23.02 -8.93 23.06
C LEU D 213 23.23 -8.25 21.68
N ARG D 214 23.61 -6.98 21.68
CA ARG D 214 23.67 -6.21 20.42
C ARG D 214 25.04 -6.27 19.76
N LEU D 215 25.03 -6.24 18.44
CA LEU D 215 26.28 -6.27 17.68
C LEU D 215 26.93 -4.88 17.64
N PHE D 216 26.09 -3.84 17.78
CA PHE D 216 26.52 -2.45 17.63
C PHE D 216 27.11 -2.12 16.26
N LYS D 217 26.73 -2.93 15.27
CA LYS D 217 26.95 -2.59 13.88
C LYS D 217 25.66 -2.85 13.13
N ASP D 218 25.25 -1.90 12.28
CA ASP D 218 24.04 -2.03 11.48
C ASP D 218 22.72 -2.25 12.21
N GLY D 219 22.66 -1.93 13.51
CA GLY D 219 21.43 -2.09 14.28
C GLY D 219 21.22 -3.52 14.76
N LYS D 220 22.13 -4.42 14.40
CA LYS D 220 21.94 -5.87 14.57
C LYS D 220 22.14 -6.44 15.97
N LEU D 221 21.52 -7.59 16.18
CA LEU D 221 21.75 -8.38 17.38
C LEU D 221 22.87 -9.37 17.07
N LYS D 222 23.70 -9.68 18.08
CA LYS D 222 24.77 -10.67 17.93
C LYS D 222 24.20 -12.03 17.51
N TYR D 223 25.03 -12.82 16.83
CA TYR D 223 24.58 -14.13 16.40
C TYR D 223 25.80 -14.96 16.06
N GLN D 224 25.61 -16.26 15.89
CA GLN D 224 26.68 -17.10 15.39
C GLN D 224 26.14 -17.91 14.22
N VAL D 225 27.05 -18.48 13.43
CA VAL D 225 26.69 -19.30 12.28
C VAL D 225 27.18 -20.72 12.53
N ILE D 226 26.26 -21.67 12.54
CA ILE D 226 26.61 -23.07 12.81
C ILE D 226 26.07 -23.92 11.66
N GLY D 227 26.97 -24.56 10.93
CA GLY D 227 26.61 -25.33 9.75
C GLY D 227 25.90 -24.48 8.72
N GLY D 228 26.32 -23.22 8.57
CA GLY D 228 25.72 -22.32 7.60
C GLY D 228 24.39 -21.74 8.05
N GLU D 229 24.03 -21.98 9.30
CA GLU D 229 22.73 -21.53 9.80
C GLU D 229 22.89 -20.54 10.92
N VAL D 230 22.03 -19.51 10.96
CA VAL D 230 22.12 -18.47 12.00
C VAL D 230 21.42 -18.85 13.31
N TYR D 231 22.15 -18.74 14.41
CA TYR D 231 21.63 -19.06 15.74
C TYR D 231 22.00 -17.96 16.74
N PRO D 232 21.39 -17.97 17.93
CA PRO D 232 21.79 -16.96 18.92
C PRO D 232 23.23 -17.17 19.40
N PRO D 233 23.84 -16.12 19.98
CA PRO D 233 25.21 -16.28 20.48
C PRO D 233 25.15 -17.05 21.79
N THR D 234 26.29 -17.33 22.40
CA THR D 234 26.32 -18.09 23.64
C THR D 234 26.46 -17.20 24.87
N VAL D 235 26.18 -17.78 26.03
CA VAL D 235 26.40 -17.13 27.30
C VAL D 235 27.86 -16.73 27.42
N LYS D 236 28.75 -17.66 27.07
CA LYS D 236 30.18 -17.40 27.21
C LYS D 236 30.61 -16.17 26.42
N ASP D 237 30.07 -16.03 25.21
CA ASP D 237 30.50 -14.95 24.33
C ASP D 237 29.93 -13.60 24.69
N THR D 238 28.78 -13.58 25.35
CA THR D 238 28.06 -12.34 25.61
C THR D 238 27.99 -11.90 27.07
N GLN D 239 28.24 -12.82 28.00
CA GLN D 239 28.02 -12.62 29.44
C GLN D 239 26.54 -12.36 29.78
N VAL D 240 25.65 -12.75 28.88
CA VAL D 240 24.23 -12.63 29.15
C VAL D 240 23.79 -13.84 29.98
N GLU D 241 23.23 -13.61 31.16
CA GLU D 241 22.80 -14.72 32.00
C GLU D 241 21.56 -15.46 31.46
N MET D 242 21.65 -16.79 31.48
CA MET D 242 20.55 -17.67 31.09
C MET D 242 20.41 -18.79 32.12
N ILE D 243 19.20 -19.30 32.28
CA ILE D 243 18.97 -20.48 33.11
C ILE D 243 19.26 -21.76 32.31
N TYR D 244 20.23 -22.52 32.78
CA TYR D 244 20.63 -23.79 32.18
C TYR D 244 21.14 -24.69 33.29
N PRO D 245 20.78 -25.98 33.25
CA PRO D 245 21.33 -26.94 34.21
C PRO D 245 22.83 -27.12 33.96
N PRO D 246 23.59 -27.49 35.00
CA PRO D 246 25.06 -27.54 34.93
C PRO D 246 25.59 -28.39 33.79
N HIS D 247 24.84 -29.40 33.38
CA HIS D 247 25.33 -30.36 32.39
C HIS D 247 25.25 -29.86 30.94
N ILE D 248 24.73 -28.66 30.72
CA ILE D 248 24.67 -28.14 29.35
C ILE D 248 26.03 -27.57 28.94
N PRO D 249 26.62 -28.11 27.87
CA PRO D 249 27.92 -27.67 27.35
C PRO D 249 27.86 -26.20 26.94
N GLU D 250 28.99 -25.51 27.03
CA GLU D 250 29.03 -24.07 26.74
C GLU D 250 28.51 -23.72 25.34
N ASN D 251 28.86 -24.55 24.35
CA ASN D 251 28.48 -24.25 22.97
C ASN D 251 26.98 -24.39 22.71
N LEU D 252 26.23 -24.86 23.70
CA LEU D 252 24.78 -24.99 23.56
C LEU D 252 24.01 -24.08 24.51
N GLN D 253 24.73 -23.28 25.29
CA GLN D 253 24.06 -22.31 26.16
C GLN D 253 23.73 -21.03 25.38
N PHE D 254 22.69 -21.10 24.54
CA PHE D 254 22.34 -19.96 23.68
C PHE D 254 21.82 -18.80 24.54
N ALA D 255 22.18 -17.57 24.19
CA ALA D 255 21.78 -16.40 24.97
C ALA D 255 20.75 -15.56 24.18
N VAL D 256 19.60 -15.32 24.80
CA VAL D 256 18.50 -14.58 24.17
C VAL D 256 17.86 -13.66 25.20
N GLY D 257 16.88 -12.86 24.77
CA GLY D 257 16.42 -11.77 25.63
C GLY D 257 15.81 -12.29 26.94
N GLN D 258 15.07 -13.38 26.85
CA GLN D 258 14.38 -13.94 27.99
C GLN D 258 15.23 -15.08 28.59
N GLU D 259 15.58 -14.97 29.87
CA GLU D 259 16.53 -15.91 30.47
C GLU D 259 16.03 -17.37 30.56
N VAL D 260 14.72 -17.58 30.44
CA VAL D 260 14.19 -18.94 30.55
C VAL D 260 14.04 -19.67 29.22
N PHE D 261 14.32 -18.99 28.11
CA PHE D 261 14.04 -19.58 26.79
C PHE D 261 14.96 -20.77 26.36
N GLY D 262 15.99 -21.06 27.15
CA GLY D 262 16.72 -22.30 26.99
C GLY D 262 15.95 -23.53 27.48
N LEU D 263 14.81 -23.31 28.13
CA LEU D 263 14.00 -24.37 28.72
C LEU D 263 13.59 -25.47 27.73
N VAL D 264 13.13 -25.07 26.55
CA VAL D 264 12.65 -26.01 25.53
C VAL D 264 13.02 -25.50 24.16
N PRO D 265 13.45 -26.41 23.29
CA PRO D 265 13.87 -26.09 21.92
C PRO D 265 12.76 -25.35 21.15
N GLY D 266 11.51 -25.60 21.52
CA GLY D 266 10.40 -24.90 20.87
C GLY D 266 10.47 -23.40 21.13
N LEU D 267 10.87 -23.03 22.33
CA LEU D 267 11.12 -21.61 22.61
C LEU D 267 12.34 -21.10 21.86
N MET D 268 13.41 -21.89 21.87
CA MET D 268 14.65 -21.47 21.23
C MET D 268 14.47 -21.35 19.72
N MET D 269 13.60 -22.21 19.16
CA MET D 269 13.17 -22.09 17.77
C MET D 269 12.63 -20.69 17.46
N TYR D 270 11.64 -20.25 18.24
CA TYR D 270 11.06 -18.94 17.99
C TYR D 270 12.05 -17.81 18.30
N ALA D 271 12.89 -18.01 19.33
CA ALA D 271 13.91 -17.00 19.66
C ALA D 271 14.81 -16.79 18.45
N THR D 272 15.16 -17.88 17.78
CA THR D 272 16.04 -17.82 16.62
C THR D 272 15.37 -17.16 15.40
N ILE D 273 14.12 -17.50 15.16
CA ILE D 273 13.36 -16.92 14.06
C ILE D 273 13.28 -15.41 14.22
N TRP D 274 12.91 -14.96 15.43
CA TRP D 274 12.76 -13.53 15.70
C TRP D 274 14.10 -12.79 15.72
N LEU D 275 15.15 -13.44 16.19
CA LEU D 275 16.52 -12.89 16.05
C LEU D 275 16.88 -12.64 14.55
N ARG D 276 16.64 -13.64 13.73
CA ARG D 276 16.86 -13.52 12.28
C ARG D 276 16.01 -12.41 11.67
N GLU D 277 14.75 -12.32 12.09
CA GLU D 277 13.85 -11.30 11.59
C GLU D 277 14.35 -9.89 11.93
N HIS D 278 14.82 -9.67 13.15
CA HIS D 278 15.40 -8.36 13.53
C HIS D 278 16.53 -7.98 12.59
N ASN D 279 17.46 -8.92 12.36
CA ASN D 279 18.62 -8.62 11.53
C ASN D 279 18.23 -8.45 10.06
N ARG D 280 17.21 -9.17 9.63
CA ARG D 280 16.66 -9.00 8.30
C ARG D 280 16.15 -7.57 8.11
N VAL D 281 15.35 -7.10 9.08
CA VAL D 281 14.78 -5.75 9.05
C VAL D 281 15.88 -4.68 9.11
N CYS D 282 16.94 -4.94 9.90
CA CYS D 282 18.12 -4.05 9.86
C CYS D 282 18.69 -3.91 8.45
N ASP D 283 18.80 -5.04 7.75
CA ASP D 283 19.29 -5.02 6.38
C ASP D 283 18.40 -4.16 5.49
N ILE D 284 17.09 -4.29 5.67
CA ILE D 284 16.12 -3.55 4.88
C ILE D 284 16.22 -2.03 5.14
N LEU D 285 16.23 -1.66 6.41
CA LEU D 285 16.31 -0.26 6.81
C LEU D 285 17.65 0.35 6.39
N LYS D 286 18.71 -0.45 6.41
CA LYS D 286 20.04 0.07 6.01
C LYS D 286 20.08 0.39 4.51
N GLN D 287 19.44 -0.45 3.72
CA GLN D 287 19.28 -0.22 2.30
C GLN D 287 18.51 1.09 2.08
N GLU D 288 17.42 1.27 2.82
CA GLU D 288 16.62 2.48 2.69
C GLU D 288 17.32 3.71 3.27
N HIS D 289 18.17 3.50 4.27
CA HIS D 289 18.78 4.61 5.01
C HIS D 289 20.27 4.42 5.19
N PRO D 290 21.06 4.61 4.12
CA PRO D 290 22.51 4.44 4.30
C PRO D 290 23.06 5.49 5.26
N GLU D 291 22.34 6.60 5.46
CA GLU D 291 22.77 7.68 6.34
C GLU D 291 22.52 7.40 7.83
N TRP D 292 21.78 6.35 8.15
CA TRP D 292 21.46 6.08 9.56
C TRP D 292 22.59 5.33 10.26
N GLY D 293 22.74 5.58 11.55
CA GLY D 293 23.68 4.83 12.37
C GLY D 293 23.06 3.60 13.04
N ASP D 294 23.89 2.86 13.76
CA ASP D 294 23.51 1.62 14.40
C ASP D 294 22.36 1.79 15.40
N GLU D 295 22.41 2.85 16.21
CA GLU D 295 21.38 3.04 17.22
C GLU D 295 19.98 3.22 16.61
N GLN D 296 19.89 4.03 15.56
CA GLN D 296 18.59 4.26 14.94
C GLN D 296 18.11 3.01 14.19
N LEU D 297 19.03 2.27 13.60
CA LEU D 297 18.68 1.04 12.91
C LEU D 297 18.11 0.02 13.89
N PHE D 298 18.71 -0.06 15.07
CA PHE D 298 18.28 -1.01 16.07
C PHE D 298 16.91 -0.65 16.59
N GLN D 299 16.75 0.62 16.99
CA GLN D 299 15.52 1.09 17.63
C GLN D 299 14.36 0.98 16.66
N THR D 300 14.59 1.37 15.41
CA THR D 300 13.51 1.37 14.43
C THR D 300 13.10 -0.08 14.13
N SER D 301 14.08 -0.97 14.05
CA SER D 301 13.80 -2.39 13.79
C SER D 301 12.97 -2.98 14.92
N ARG D 302 13.30 -2.59 16.15
CA ARG D 302 12.58 -3.08 17.29
C ARG D 302 11.11 -2.63 17.23
N LEU D 303 10.89 -1.37 16.84
CA LEU D 303 9.53 -0.84 16.69
C LEU D 303 8.78 -1.63 15.61
N ILE D 304 9.49 -1.94 14.53
CA ILE D 304 8.88 -2.69 13.44
C ILE D 304 8.47 -4.10 13.92
N LEU D 305 9.35 -4.74 14.69
CA LEU D 305 9.07 -6.10 15.16
C LEU D 305 7.94 -6.14 16.19
N ILE D 306 7.81 -5.10 17.00
CA ILE D 306 6.67 -4.96 17.87
C ILE D 306 5.40 -4.91 17.04
N GLY D 307 5.41 -4.07 15.99
CA GLY D 307 4.31 -4.01 15.05
C GLY D 307 3.99 -5.39 14.42
N GLU D 308 5.01 -6.09 13.94
CA GLU D 308 4.79 -7.42 13.35
C GLU D 308 4.21 -8.35 14.39
N THR D 309 4.73 -8.28 15.61
CA THR D 309 4.21 -9.15 16.67
C THR D 309 2.70 -8.96 16.86
N ILE D 310 2.28 -7.71 17.01
CA ILE D 310 0.89 -7.39 17.25
C ILE D 310 0.05 -7.85 16.05
N LYS D 311 0.55 -7.58 14.85
CA LYS D 311 -0.13 -7.97 13.61
C LYS D 311 -0.37 -9.48 13.54
N ILE D 312 0.65 -10.25 13.87
CA ILE D 312 0.55 -11.69 13.76
C ILE D 312 -0.30 -12.27 14.89
N VAL D 313 -0.13 -11.72 16.10
CA VAL D 313 -0.95 -12.16 17.21
C VAL D 313 -2.42 -12.01 16.90
N ILE D 314 -2.79 -10.87 16.34
CA ILE D 314 -4.21 -10.65 16.06
C ILE D 314 -4.73 -11.49 14.85
N GLU D 315 -4.05 -11.36 13.71
CA GLU D 315 -4.62 -11.88 12.46
C GLU D 315 -4.35 -13.35 12.17
N ASP D 316 -3.39 -13.94 12.87
CA ASP D 316 -3.09 -15.37 12.73
C ASP D 316 -3.36 -16.14 14.00
N TYR D 317 -2.79 -15.63 15.09
CA TYR D 317 -2.77 -16.38 16.32
C TYR D 317 -4.14 -16.35 16.99
N VAL D 318 -4.63 -15.17 17.38
CA VAL D 318 -5.97 -15.02 17.91
C VAL D 318 -7.02 -15.47 16.91
N GLN D 319 -6.78 -15.18 15.63
CA GLN D 319 -7.72 -15.57 14.60
C GLN D 319 -7.96 -17.08 14.65
N HIS D 320 -6.88 -17.83 14.78
CA HIS D 320 -7.01 -19.28 14.84
C HIS D 320 -7.72 -19.74 16.10
N LEU D 321 -7.28 -19.25 17.26
CA LEU D 321 -7.82 -19.81 18.49
C LEU D 321 -9.30 -19.43 18.69
N SER D 322 -9.69 -18.28 18.14
CA SER D 322 -11.08 -17.80 18.24
C SER D 322 -12.05 -18.70 17.53
N GLY D 323 -11.60 -19.34 16.44
CA GLY D 323 -12.48 -20.13 15.60
C GLY D 323 -13.45 -19.27 14.77
N TYR D 324 -13.27 -17.95 14.80
CA TYR D 324 -14.22 -17.07 14.09
C TYR D 324 -14.04 -17.17 12.56
N HIS D 325 -15.14 -17.07 11.81
CA HIS D 325 -15.07 -16.95 10.36
C HIS D 325 -14.76 -15.52 9.93
N PHE D 326 -15.17 -14.56 10.75
CA PHE D 326 -14.81 -13.17 10.53
C PHE D 326 -13.29 -12.98 10.60
N LYS D 327 -12.73 -12.28 9.63
CA LYS D 327 -11.29 -12.04 9.56
C LYS D 327 -10.89 -10.82 10.42
N LEU D 328 -10.36 -11.08 11.61
CA LEU D 328 -9.89 -10.03 12.50
C LEU D 328 -8.82 -9.19 11.82
N LYS D 329 -8.74 -7.94 12.24
CA LYS D 329 -7.87 -6.98 11.55
C LYS D 329 -7.08 -6.17 12.56
N PHE D 330 -5.77 -6.08 12.38
CA PHE D 330 -4.97 -5.12 13.14
C PHE D 330 -4.99 -3.77 12.44
N ASP D 331 -5.74 -2.83 13.00
CA ASP D 331 -5.79 -1.48 12.45
C ASP D 331 -6.04 -0.44 13.55
N PRO D 332 -4.95 0.11 14.11
CA PRO D 332 -4.96 1.12 15.19
C PRO D 332 -5.88 2.28 14.84
N GLU D 333 -5.92 2.59 13.55
CA GLU D 333 -6.70 3.72 13.07
C GLU D 333 -8.18 3.61 13.44
N LEU D 334 -8.66 2.38 13.63
CA LEU D 334 -10.06 2.17 13.98
C LEU D 334 -10.45 2.72 15.36
N LEU D 335 -9.45 2.97 16.21
CA LEU D 335 -9.72 3.46 17.57
C LEU D 335 -9.57 4.97 17.69
N PHE D 336 -9.08 5.62 16.64
CA PHE D 336 -8.68 7.04 16.72
C PHE D 336 -9.84 7.98 17.09
N ASN D 337 -11.06 7.61 16.78
CA ASN D 337 -12.19 8.46 17.15
C ASN D 337 -13.05 7.80 18.23
N GLN D 338 -12.45 6.88 18.98
CA GLN D 338 -13.11 6.22 20.09
C GLN D 338 -12.37 6.56 21.38
N GLN D 339 -13.07 6.44 22.51
CA GLN D 339 -12.41 6.53 23.81
C GLN D 339 -11.66 5.24 24.04
N PHE D 340 -10.38 5.36 24.36
CA PHE D 340 -9.55 4.19 24.59
C PHE D 340 -8.26 4.69 25.24
N GLN D 341 -7.75 3.93 26.21
CA GLN D 341 -6.54 4.32 26.95
C GLN D 341 -5.36 3.52 26.43
N TYR D 342 -4.37 4.24 25.89
CA TYR D 342 -3.15 3.61 25.38
C TYR D 342 -2.22 3.30 26.56
N GLN D 343 -2.59 2.29 27.33
CA GLN D 343 -1.76 1.83 28.42
C GLN D 343 -2.26 0.46 28.85
N ASN D 344 -1.44 -0.27 29.58
CA ASN D 344 -1.84 -1.58 30.04
C ASN D 344 -1.04 -1.95 31.24
N ARG D 345 -1.67 -2.66 32.15
CA ARG D 345 -0.98 -3.25 33.28
C ARG D 345 -1.41 -4.74 33.27
N ILE D 346 -0.46 -5.66 33.31
CA ILE D 346 -0.76 -7.08 33.18
C ILE D 346 -1.48 -7.61 34.42
N ALA D 347 -2.67 -8.18 34.20
CA ALA D 347 -3.45 -8.81 35.28
C ALA D 347 -2.95 -10.19 35.73
N SER D 348 -2.93 -10.40 37.05
CA SER D 348 -2.60 -11.72 37.58
C SER D 348 -3.53 -12.81 37.01
N GLU D 349 -4.81 -12.47 36.84
CA GLU D 349 -5.80 -13.44 36.37
C GLU D 349 -5.56 -13.81 34.90
N PHE D 350 -5.03 -12.86 34.12
CA PHE D 350 -4.65 -13.12 32.73
C PHE D 350 -3.54 -14.17 32.71
N ASN D 351 -2.55 -13.98 33.58
CA ASN D 351 -1.46 -14.94 33.73
C ASN D 351 -2.03 -16.32 34.08
N THR D 352 -2.89 -16.37 35.09
CA THR D 352 -3.44 -17.63 35.56
C THR D 352 -4.17 -18.42 34.48
N LEU D 353 -5.05 -17.71 33.77
CA LEU D 353 -5.89 -18.36 32.75
C LEU D 353 -5.05 -18.88 31.56
N TYR D 354 -3.88 -18.30 31.38
CA TYR D 354 -3.04 -18.59 30.21
C TYR D 354 -2.12 -19.76 30.46
N HIS D 355 -2.30 -20.45 31.60
CA HIS D 355 -1.56 -21.69 31.84
C HIS D 355 -2.14 -22.80 30.96
N TRP D 356 -1.75 -22.81 29.69
CA TRP D 356 -2.33 -23.73 28.72
C TRP D 356 -1.50 -25.00 28.53
N HIS D 357 -1.01 -25.55 29.63
CA HIS D 357 -0.23 -26.79 29.58
C HIS D 357 -0.94 -28.02 28.97
N PRO D 358 -2.30 -28.10 29.02
CA PRO D 358 -2.89 -29.24 28.31
C PRO D 358 -2.55 -29.26 26.80
N LEU D 359 -2.07 -28.14 26.26
CA LEU D 359 -1.70 -28.08 24.86
C LEU D 359 -0.58 -29.09 24.54
N LEU D 360 0.26 -29.35 25.52
CA LEU D 360 1.48 -30.12 25.28
C LEU D 360 1.14 -31.58 25.03
N PRO D 361 1.87 -32.22 24.10
CA PRO D 361 1.69 -33.64 23.78
C PRO D 361 2.45 -34.49 24.79
N ASP D 362 2.30 -35.80 24.71
CA ASP D 362 3.03 -36.70 25.58
C ASP D 362 4.49 -36.83 25.14
N THR D 363 4.72 -36.69 23.84
CA THR D 363 6.08 -36.66 23.32
C THR D 363 6.17 -35.61 22.20
N PHE D 364 7.38 -35.15 21.91
CA PHE D 364 7.56 -34.11 20.89
C PHE D 364 8.17 -34.74 19.66
N ASN D 365 7.40 -34.75 18.58
CA ASN D 365 7.79 -35.50 17.38
C ASN D 365 8.49 -34.60 16.36
N ILE D 366 9.80 -34.82 16.16
CA ILE D 366 10.58 -34.06 15.20
C ILE D 366 11.16 -35.03 14.19
N GLU D 367 10.87 -34.79 12.92
CA GLU D 367 11.29 -35.68 11.85
C GLU D 367 10.80 -37.09 12.21
N ASP D 368 11.72 -38.05 12.32
CA ASP D 368 11.33 -39.43 12.65
C ASP D 368 11.56 -39.78 14.12
N GLN D 369 11.89 -38.78 14.93
CA GLN D 369 12.15 -38.99 16.36
C GLN D 369 10.97 -38.58 17.22
N GLU D 370 10.83 -39.23 18.37
CA GLU D 370 9.83 -38.87 19.36
C GLU D 370 10.54 -38.63 20.67
N TYR D 371 10.63 -37.37 21.09
CA TYR D 371 11.36 -37.08 22.32
C TYR D 371 10.43 -37.03 23.52
N SER D 372 10.85 -37.68 24.60
CA SER D 372 10.16 -37.56 25.88
C SER D 372 10.37 -36.15 26.44
N PHE D 373 9.60 -35.78 27.45
CA PHE D 373 9.84 -34.51 28.13
C PHE D 373 11.25 -34.44 28.67
N LYS D 374 11.74 -35.56 29.21
CA LYS D 374 13.08 -35.56 29.76
C LYS D 374 14.15 -35.35 28.68
N GLN D 375 13.91 -35.87 27.49
CA GLN D 375 14.85 -35.73 26.39
C GLN D 375 14.76 -34.35 25.78
N PHE D 376 13.58 -33.74 25.86
CA PHE D 376 13.31 -32.47 25.19
C PHE D 376 13.73 -31.24 25.98
N LEU D 377 13.54 -31.27 27.31
CA LEU D 377 13.81 -30.09 28.13
C LEU D 377 15.30 -29.73 28.18
N TYR D 378 15.59 -28.43 28.03
CA TYR D 378 16.96 -27.93 28.05
C TYR D 378 17.87 -28.61 27.04
N ASN D 379 17.31 -29.03 25.92
CA ASN D 379 18.11 -29.76 24.95
C ASN D 379 18.17 -29.06 23.61
N ASN D 380 19.03 -28.05 23.53
CA ASN D 380 19.20 -27.29 22.29
C ASN D 380 19.91 -28.13 21.21
N SER D 381 20.56 -29.22 21.61
CA SER D 381 21.24 -30.06 20.61
C SER D 381 20.20 -30.60 19.63
N ILE D 382 18.97 -30.78 20.10
CA ILE D 382 17.88 -31.24 19.25
C ILE D 382 17.59 -30.24 18.12
N LEU D 383 17.64 -28.96 18.46
CA LEU D 383 17.41 -27.90 17.50
C LEU D 383 18.54 -27.85 16.46
N LEU D 384 19.79 -27.96 16.92
CA LEU D 384 20.94 -27.96 16.01
C LEU D 384 20.91 -29.19 15.09
N GLU D 385 20.58 -30.34 15.66
CA GLU D 385 20.57 -31.59 14.92
C GLU D 385 19.58 -31.58 13.75
N HIS D 386 18.37 -31.12 13.98
CA HIS D 386 17.33 -31.18 12.96
C HIS D 386 17.24 -29.89 12.16
N GLY D 387 17.53 -28.76 12.80
CA GLY D 387 17.49 -27.48 12.12
C GLY D 387 16.10 -26.85 12.22
N LEU D 388 16.04 -25.54 11.95
CA LEU D 388 14.81 -24.77 12.02
C LEU D 388 13.76 -25.23 11.00
N THR D 389 14.20 -25.52 9.77
CA THR D 389 13.25 -25.91 8.72
C THR D 389 12.46 -27.15 9.16
N GLN D 390 13.18 -28.14 9.67
CA GLN D 390 12.55 -29.41 10.07
C GLN D 390 11.69 -29.22 11.32
N PHE D 391 12.15 -28.38 12.25
CA PHE D 391 11.33 -27.98 13.39
C PHE D 391 10.00 -27.40 12.95
N VAL D 392 10.03 -26.43 12.04
CA VAL D 392 8.80 -25.84 11.55
C VAL D 392 7.90 -26.89 10.89
N GLU D 393 8.48 -27.68 10.01
CA GLU D 393 7.69 -28.69 9.32
C GLU D 393 7.05 -29.66 10.30
N SER D 394 7.82 -30.07 11.32
CA SER D 394 7.34 -31.08 12.28
C SER D 394 6.29 -30.52 13.25
N PHE D 395 6.58 -29.35 13.82
CA PHE D 395 5.64 -28.66 14.70
C PHE D 395 4.33 -28.33 14.01
N THR D 396 4.42 -28.04 12.71
CA THR D 396 3.22 -27.70 11.93
C THR D 396 2.32 -28.93 11.78
N ARG D 397 2.93 -30.11 11.77
CA ARG D 397 2.21 -31.38 11.62
C ARG D 397 1.70 -31.98 12.93
N GLN D 398 2.27 -31.58 14.07
CA GLN D 398 1.89 -32.27 15.33
C GLN D 398 0.77 -31.55 16.05
N ILE D 399 -0.33 -32.28 16.24
CA ILE D 399 -1.52 -31.77 16.94
C ILE D 399 -1.22 -31.50 18.43
N ALA D 400 -1.80 -30.42 18.94
CA ALA D 400 -1.70 -30.08 20.35
C ALA D 400 -2.96 -30.58 21.06
N GLY D 401 -2.95 -30.55 22.40
CA GLY D 401 -4.09 -31.04 23.15
C GLY D 401 -5.18 -30.00 23.41
N ARG D 402 -6.38 -30.48 23.67
CA ARG D 402 -7.49 -29.61 24.04
CA ARG D 402 -7.49 -29.62 24.04
C ARG D 402 -7.29 -29.06 25.46
N VAL D 403 -7.62 -27.80 25.68
CA VAL D 403 -7.35 -27.14 26.95
C VAL D 403 -8.53 -27.26 27.91
N ALA D 404 -9.72 -26.89 27.45
CA ALA D 404 -10.88 -27.07 28.31
C ALA D 404 -11.38 -28.52 28.20
N GLY D 405 -12.43 -28.89 28.92
CA GLY D 405 -12.97 -30.25 28.80
C GLY D 405 -12.42 -31.26 29.79
N GLY D 406 -11.44 -30.86 30.60
CA GLY D 406 -10.95 -31.67 31.69
C GLY D 406 -9.93 -32.74 31.35
N ARG D 407 -9.18 -33.16 32.37
CA ARG D 407 -8.32 -34.35 32.31
C ARG D 407 -7.34 -34.38 31.15
N ASN D 408 -6.66 -33.26 30.93
CA ASN D 408 -5.72 -33.23 29.82
C ASN D 408 -4.40 -32.54 30.13
N VAL D 409 -4.09 -32.37 31.42
CA VAL D 409 -2.80 -31.85 31.82
C VAL D 409 -1.77 -32.98 31.78
N PRO D 410 -0.69 -32.82 31.00
CA PRO D 410 0.35 -33.83 30.92
C PRO D 410 0.93 -34.10 32.31
N ILE D 411 1.11 -35.37 32.65
CA ILE D 411 1.62 -35.72 33.98
C ILE D 411 3.05 -35.20 34.20
N ALA D 412 3.82 -35.05 33.12
CA ALA D 412 5.17 -34.49 33.23
C ALA D 412 5.17 -33.08 33.88
N VAL D 413 4.08 -32.34 33.75
CA VAL D 413 4.00 -31.02 34.37
C VAL D 413 2.93 -30.93 35.45
N GLN D 414 2.65 -32.05 36.10
CA GLN D 414 1.62 -32.07 37.14
C GLN D 414 1.91 -31.06 38.27
N ALA D 415 3.19 -30.88 38.60
CA ALA D 415 3.57 -29.96 39.67
C ALA D 415 3.29 -28.51 39.29
N VAL D 416 3.31 -28.21 38.00
CA VAL D 416 3.01 -26.86 37.52
C VAL D 416 1.53 -26.58 37.73
N ALA D 417 0.69 -27.55 37.38
CA ALA D 417 -0.74 -27.41 37.54
C ALA D 417 -1.14 -27.30 39.00
N LYS D 418 -0.51 -28.09 39.86
CA LYS D 418 -0.80 -27.99 41.28
C LYS D 418 -0.42 -26.59 41.83
N ALA D 419 0.72 -26.08 41.39
CA ALA D 419 1.19 -24.75 41.81
C ALA D 419 0.24 -23.64 41.36
N SER D 420 -0.30 -23.76 40.16
CA SER D 420 -1.33 -22.82 39.70
C SER D 420 -2.50 -22.78 40.67
N ILE D 421 -2.97 -23.96 41.11
CA ILE D 421 -4.04 -24.01 42.12
C ILE D 421 -3.57 -23.37 43.44
N ASP D 422 -2.41 -23.81 43.91
CA ASP D 422 -1.90 -23.38 45.21
C ASP D 422 -1.61 -21.88 45.24
N GLN D 423 -1.02 -21.37 44.15
CA GLN D 423 -0.67 -19.94 44.11
C GLN D 423 -1.88 -19.02 43.93
N SER D 424 -2.90 -19.46 43.19
CA SER D 424 -4.16 -18.70 43.12
C SER D 424 -4.75 -18.54 44.53
N ARG D 425 -4.70 -19.61 45.30
CA ARG D 425 -5.18 -19.57 46.69
C ARG D 425 -4.31 -18.63 47.54
N GLU D 426 -3.01 -18.73 47.34
CA GLU D 426 -2.07 -17.88 48.07
C GLU D 426 -2.38 -16.40 47.80
N MET D 427 -2.81 -16.12 46.58
CA MET D 427 -3.11 -14.76 46.14
C MET D 427 -4.54 -14.37 46.44
N LYS D 428 -5.23 -15.25 47.17
CA LYS D 428 -6.59 -14.99 47.67
C LYS D 428 -7.59 -14.67 46.54
N TYR D 429 -7.54 -15.42 45.45
CA TYR D 429 -8.48 -15.25 44.36
C TYR D 429 -9.92 -15.47 44.84
N GLN D 430 -10.84 -14.67 44.30
CA GLN D 430 -12.27 -14.89 44.51
C GLN D 430 -12.70 -16.09 43.66
N SER D 431 -13.96 -16.51 43.81
CA SER D 431 -14.43 -17.77 43.22
C SER D 431 -14.61 -17.65 41.71
N LEU D 432 -14.75 -18.80 41.04
CA LEU D 432 -15.09 -18.82 39.62
C LEU D 432 -16.31 -17.96 39.33
N ASN D 433 -17.36 -18.12 40.11
CA ASN D 433 -18.59 -17.38 39.85
C ASN D 433 -18.46 -15.88 40.08
N GLU D 434 -17.58 -15.47 40.98
CA GLU D 434 -17.36 -14.03 41.19
C GLU D 434 -16.68 -13.48 39.93
N TYR D 435 -15.75 -14.26 39.36
CA TYR D 435 -15.06 -13.83 38.14
C TYR D 435 -16.01 -13.82 36.93
N ARG D 436 -16.91 -14.79 36.86
CA ARG D 436 -17.93 -14.79 35.81
C ARG D 436 -18.80 -13.52 35.86
N LYS D 437 -19.30 -13.19 37.05
CA LYS D 437 -20.10 -11.96 37.17
C LYS D 437 -19.29 -10.72 36.82
N ARG D 438 -18.04 -10.70 37.25
CA ARG D 438 -17.14 -9.57 36.95
C ARG D 438 -16.98 -9.35 35.44
N PHE D 439 -17.10 -10.43 34.67
CA PHE D 439 -17.00 -10.35 33.21
C PHE D 439 -18.34 -10.51 32.49
N SER D 440 -19.41 -10.18 33.20
CA SER D 440 -20.79 -10.14 32.66
C SER D 440 -21.27 -11.49 32.20
N LEU D 441 -20.85 -12.55 32.89
CA LEU D 441 -21.32 -13.90 32.59
C LEU D 441 -22.24 -14.40 33.70
N LYS D 442 -23.16 -15.29 33.34
CA LYS D 442 -24.11 -15.84 34.28
C LYS D 442 -23.39 -16.84 35.16
N PRO D 443 -23.54 -16.72 36.49
CA PRO D 443 -23.01 -17.71 37.44
C PRO D 443 -23.46 -19.14 37.09
N TYR D 444 -22.58 -20.12 37.22
CA TYR D 444 -22.99 -21.52 37.04
C TYR D 444 -23.79 -21.93 38.24
N THR D 445 -24.85 -22.70 38.01
CA THR D 445 -25.78 -23.08 39.07
C THR D 445 -25.53 -24.52 39.54
N SER D 446 -24.60 -25.22 38.90
CA SER D 446 -24.23 -26.56 39.33
C SER D 446 -22.91 -26.97 38.67
N PHE D 447 -22.30 -28.01 39.21
CA PHE D 447 -21.06 -28.53 38.64
C PHE D 447 -21.31 -29.20 37.28
N GLU D 448 -22.49 -29.78 37.09
CA GLU D 448 -22.81 -30.38 35.79
C GLU D 448 -22.95 -29.29 34.71
N GLU D 449 -23.47 -28.12 35.07
CA GLU D 449 -23.58 -27.04 34.10
C GLU D 449 -22.18 -26.53 33.69
N LEU D 450 -21.25 -26.50 34.65
CA LEU D 450 -19.89 -26.07 34.38
C LEU D 450 -19.19 -27.02 33.39
N THR D 451 -19.30 -28.33 33.61
CA THR D 451 -18.54 -29.29 32.81
C THR D 451 -19.31 -29.80 31.59
N GLY D 452 -20.64 -29.70 31.61
CA GLY D 452 -21.46 -30.29 30.55
C GLY D 452 -21.49 -31.81 30.59
N GLU D 453 -20.97 -32.41 31.67
CA GLU D 453 -21.04 -33.86 31.86
C GLU D 453 -21.35 -34.23 33.32
N LYS D 454 -21.26 -35.52 33.65
CA LYS D 454 -21.67 -35.97 34.98
C LYS D 454 -20.50 -36.46 35.85
N GLU D 455 -19.55 -37.16 35.25
CA GLU D 455 -18.50 -37.81 36.03
C GLU D 455 -17.53 -36.84 36.73
N MET D 456 -16.93 -35.92 35.99
CA MET D 456 -16.06 -34.94 36.62
C MET D 456 -16.85 -34.02 37.55
N ALA D 457 -18.06 -33.67 37.13
CA ALA D 457 -18.96 -32.87 37.95
C ALA D 457 -19.18 -33.49 39.32
N ALA D 458 -19.39 -34.81 39.36
CA ALA D 458 -19.60 -35.48 40.63
C ALA D 458 -18.35 -35.43 41.49
N GLU D 459 -17.17 -35.57 40.87
CA GLU D 459 -15.90 -35.48 41.60
C GLU D 459 -15.80 -34.12 42.26
N LEU D 460 -16.11 -33.09 41.49
CA LEU D 460 -15.98 -31.71 41.94
C LEU D 460 -16.99 -31.41 43.05
N LYS D 461 -18.22 -31.87 42.87
CA LYS D 461 -19.28 -31.66 43.85
C LYS D 461 -18.87 -32.24 45.21
N ALA D 462 -18.30 -33.45 45.19
CA ALA D 462 -17.83 -34.09 46.43
C ALA D 462 -16.70 -33.30 47.09
N LEU D 463 -15.86 -32.69 46.26
CA LEU D 463 -14.72 -31.90 46.75
C LEU D 463 -15.12 -30.52 47.27
N TYR D 464 -15.93 -29.80 46.50
CA TYR D 464 -16.25 -28.39 46.77
C TYR D 464 -17.62 -28.15 47.41
N SER D 465 -18.53 -29.11 47.25
CA SER D 465 -19.93 -29.04 47.74
C SER D 465 -20.79 -27.94 47.11
N ASP D 466 -20.27 -26.72 47.06
CA ASP D 466 -21.04 -25.58 46.58
C ASP D 466 -20.37 -25.08 45.31
N ILE D 467 -21.16 -24.91 44.24
CA ILE D 467 -20.64 -24.38 42.97
C ILE D 467 -20.04 -22.97 43.15
N ASP D 468 -20.55 -22.25 44.15
CA ASP D 468 -20.09 -20.89 44.42
C ASP D 468 -18.70 -20.85 45.08
N VAL D 469 -18.16 -22.02 45.40
CA VAL D 469 -16.85 -22.12 46.04
C VAL D 469 -15.81 -22.63 45.03
N MET D 470 -16.28 -23.08 43.87
CA MET D 470 -15.41 -23.56 42.80
C MET D 470 -14.39 -22.48 42.40
N GLU D 471 -13.15 -22.89 42.17
CA GLU D 471 -12.07 -21.95 41.87
C GLU D 471 -11.89 -21.73 40.37
N LEU D 472 -11.34 -20.56 40.04
CA LEU D 472 -11.22 -20.15 38.64
C LEU D 472 -10.31 -21.08 37.80
N TYR D 473 -9.10 -21.32 38.29
CA TYR D 473 -8.12 -22.01 37.47
C TYR D 473 -8.54 -23.46 37.10
N PRO D 474 -8.94 -24.29 38.08
CA PRO D 474 -9.38 -25.63 37.66
C PRO D 474 -10.65 -25.61 36.81
N ALA D 475 -11.52 -24.64 37.07
CA ALA D 475 -12.77 -24.52 36.33
C ALA D 475 -12.51 -24.28 34.85
N LEU D 476 -11.49 -23.48 34.55
CA LEU D 476 -11.12 -23.17 33.18
C LEU D 476 -10.70 -24.43 32.43
N LEU D 477 -10.04 -25.34 33.12
CA LEU D 477 -9.53 -26.54 32.48
C LEU D 477 -10.55 -27.68 32.43
N VAL D 478 -11.64 -27.58 33.20
CA VAL D 478 -12.68 -28.63 33.12
C VAL D 478 -13.94 -28.10 32.47
N GLU D 479 -13.96 -26.81 32.14
CA GLU D 479 -15.18 -26.21 31.61
C GLU D 479 -15.63 -26.90 30.31
N LYS D 480 -16.94 -26.99 30.11
CA LYS D 480 -17.51 -27.47 28.87
C LYS D 480 -16.97 -26.63 27.72
N PRO D 481 -16.27 -27.28 26.80
CA PRO D 481 -15.79 -26.49 25.65
C PRO D 481 -16.98 -26.02 24.81
N ARG D 482 -16.78 -24.96 24.05
CA ARG D 482 -17.69 -24.62 22.98
C ARG D 482 -17.64 -25.77 21.98
N PRO D 483 -18.68 -25.90 21.14
CA PRO D 483 -18.74 -27.07 20.25
C PRO D 483 -17.50 -27.23 19.36
N ASP D 484 -16.83 -28.39 19.48
CA ASP D 484 -15.58 -28.65 18.77
C ASP D 484 -14.52 -27.55 18.97
N ALA D 485 -14.52 -26.92 20.13
CA ALA D 485 -13.59 -25.83 20.41
C ALA D 485 -12.55 -26.22 21.46
N ILE D 486 -11.46 -25.48 21.50
CA ILE D 486 -10.38 -25.75 22.44
C ILE D 486 -10.66 -25.16 23.84
N PHE D 487 -11.48 -24.09 23.91
CA PHE D 487 -11.76 -23.42 25.18
C PHE D 487 -13.24 -23.38 25.47
N GLY D 488 -13.59 -23.12 26.72
CA GLY D 488 -14.96 -22.84 27.10
C GLY D 488 -15.23 -21.35 27.24
N GLU D 489 -16.45 -21.02 27.62
CA GLU D 489 -16.90 -19.62 27.68
C GLU D 489 -16.05 -18.73 28.60
N THR D 490 -15.74 -19.21 29.79
CA THR D 490 -15.06 -18.39 30.78
C THR D 490 -13.66 -17.99 30.28
N MET D 491 -12.96 -18.94 29.67
CA MET D 491 -11.61 -18.72 29.17
C MET D 491 -11.57 -17.59 28.13
N VAL D 492 -12.45 -17.71 27.14
CA VAL D 492 -12.55 -16.70 26.09
C VAL D 492 -12.98 -15.33 26.61
N GLU D 493 -14.01 -15.30 27.45
CA GLU D 493 -14.60 -14.03 27.86
C GLU D 493 -13.70 -13.24 28.82
N LEU D 494 -12.81 -13.93 29.53
CA LEU D 494 -11.82 -13.22 30.36
C LEU D 494 -10.56 -12.93 29.56
N GLY D 495 -10.11 -13.90 28.77
CA GLY D 495 -8.88 -13.76 28.01
C GLY D 495 -8.93 -12.62 27.00
N ALA D 496 -10.04 -12.53 26.29
CA ALA D 496 -10.18 -11.58 25.20
C ALA D 496 -9.94 -10.09 25.58
N PRO D 497 -10.65 -9.58 26.62
CA PRO D 497 -10.40 -8.16 26.95
C PRO D 497 -8.99 -7.87 27.52
N PHE D 498 -8.40 -8.81 28.25
CA PHE D 498 -7.04 -8.64 28.75
C PHE D 498 -6.09 -8.58 27.55
N SER D 499 -6.30 -9.49 26.61
CA SER D 499 -5.44 -9.62 25.43
C SER D 499 -5.52 -8.36 24.57
N LEU D 500 -6.74 -7.93 24.26
CA LEU D 500 -6.96 -6.69 23.49
C LEU D 500 -6.17 -5.52 24.09
N LYS D 501 -6.30 -5.33 25.39
CA LYS D 501 -5.61 -4.22 26.04
C LYS D 501 -4.08 -4.30 25.90
N GLY D 502 -3.50 -5.49 26.01
CA GLY D 502 -2.05 -5.64 25.89
C GLY D 502 -1.56 -5.35 24.47
N LEU D 503 -2.43 -5.59 23.48
CA LEU D 503 -2.06 -5.40 22.07
C LEU D 503 -2.35 -3.96 21.61
N MET D 504 -3.61 -3.55 21.73
CA MET D 504 -3.99 -2.22 21.23
C MET D 504 -3.53 -1.08 22.16
N GLY D 505 -3.24 -1.40 23.42
CA GLY D 505 -2.80 -0.41 24.39
C GLY D 505 -1.34 -0.01 24.18
N ASN D 506 -0.63 -0.71 23.32
CA ASN D 506 0.78 -0.42 23.04
C ASN D 506 0.90 0.99 22.42
N PRO D 507 1.93 1.77 22.82
CA PRO D 507 2.02 3.13 22.28
C PRO D 507 2.14 3.18 20.76
N ILE D 508 2.66 2.15 20.11
CA ILE D 508 2.83 2.23 18.65
C ILE D 508 1.50 2.34 17.94
N CYS D 509 0.41 1.98 18.64
CA CYS D 509 -0.96 2.06 18.13
C CYS D 509 -1.60 3.43 18.36
N SER D 510 -0.94 4.29 19.14
CA SER D 510 -1.46 5.64 19.40
C SER D 510 -1.23 6.51 18.16
N PRO D 511 -2.07 7.55 17.99
CA PRO D 511 -2.05 8.40 16.78
C PRO D 511 -0.69 9.00 16.44
N GLN D 512 0.09 9.38 17.45
CA GLN D 512 1.36 10.03 17.16
C GLN D 512 2.45 9.04 16.76
N TYR D 513 2.26 7.75 17.07
CA TYR D 513 3.23 6.72 16.70
C TYR D 513 2.83 6.05 15.38
N TRP D 514 1.52 5.88 15.14
CA TRP D 514 1.07 5.06 14.01
C TRP D 514 1.12 5.85 12.70
N LYS D 515 2.33 6.05 12.19
CA LYS D 515 2.56 6.74 10.91
C LYS D 515 3.87 6.19 10.33
N PRO D 516 4.07 6.31 9.02
CA PRO D 516 5.25 5.70 8.39
C PRO D 516 6.59 6.10 9.01
N SER D 517 6.75 7.37 9.33
CA SER D 517 8.05 7.87 9.80
C SER D 517 8.54 7.21 11.09
N THR D 518 7.61 6.74 11.91
CA THR D 518 7.98 6.02 13.14
C THR D 518 8.78 4.77 12.80
N PHE D 519 8.48 4.19 11.65
CA PHE D 519 9.02 2.89 11.28
C PHE D 519 10.03 3.01 10.11
N GLY D 520 10.53 4.22 9.88
CA GLY D 520 11.52 4.44 8.86
C GLY D 520 10.96 4.66 7.47
N GLY D 521 9.68 5.00 7.37
CA GLY D 521 9.06 5.29 6.10
C GLY D 521 8.13 4.17 5.67
N GLU D 522 7.57 4.29 4.46
CA GLU D 522 6.61 3.32 3.92
C GLU D 522 7.11 1.88 3.86
N VAL D 523 8.40 1.68 3.58
CA VAL D 523 8.93 0.32 3.48
C VAL D 523 8.87 -0.35 4.84
N GLY D 524 9.29 0.36 5.89
CA GLY D 524 9.23 -0.16 7.24
C GLY D 524 7.80 -0.36 7.71
N PHE D 525 6.96 0.64 7.41
CA PHE D 525 5.53 0.53 7.75
C PHE D 525 4.86 -0.68 7.07
N LYS D 526 5.25 -0.96 5.83
CA LYS D 526 4.66 -2.07 5.09
C LYS D 526 5.01 -3.43 5.70
N ILE D 527 6.20 -3.53 6.29
CA ILE D 527 6.64 -4.74 6.98
C ILE D 527 5.64 -5.12 8.08
N ILE D 528 5.22 -4.14 8.88
CA ILE D 528 4.23 -4.39 9.90
C ILE D 528 2.91 -4.79 9.26
N ASN D 529 2.45 -3.97 8.32
CA ASN D 529 1.11 -4.13 7.77
C ASN D 529 0.90 -5.35 6.87
N THR D 530 1.99 -6.05 6.54
CA THR D 530 1.86 -7.28 5.76
C THR D 530 2.37 -8.50 6.49
N ALA D 531 2.73 -8.35 7.76
CA ALA D 531 3.28 -9.47 8.53
C ALA D 531 2.25 -10.59 8.70
N SER D 532 2.75 -11.82 8.77
CA SER D 532 1.91 -13.00 9.02
C SER D 532 2.82 -14.07 9.58
N ILE D 533 2.24 -15.10 10.19
CA ILE D 533 3.07 -16.19 10.68
C ILE D 533 3.80 -16.85 9.52
N GLN D 534 3.14 -17.04 8.38
CA GLN D 534 3.78 -17.64 7.22
C GLN D 534 4.97 -16.80 6.70
N SER D 535 4.80 -15.48 6.62
CA SER D 535 5.86 -14.65 6.04
C SER D 535 7.06 -14.55 7.00
N LEU D 536 6.80 -14.58 8.30
CA LEU D 536 7.86 -14.62 9.29
C LEU D 536 8.72 -15.87 9.07
N ILE D 537 8.07 -17.02 8.86
CA ILE D 537 8.79 -18.26 8.60
C ILE D 537 9.46 -18.24 7.24
N CYS D 538 8.75 -17.70 6.25
CA CYS D 538 9.21 -17.74 4.88
C CYS D 538 10.49 -16.90 4.72
N ASN D 539 10.52 -15.76 5.41
CA ASN D 539 11.64 -14.83 5.28
C ASN D 539 12.89 -15.26 6.06
N ASN D 540 12.72 -16.14 7.04
CA ASN D 540 13.81 -16.41 7.97
C ASN D 540 14.19 -17.87 8.12
N VAL D 541 13.45 -18.75 7.47
CA VAL D 541 13.70 -20.18 7.59
C VAL D 541 13.99 -20.73 6.21
N LYS D 542 15.11 -21.42 6.09
CA LYS D 542 15.59 -21.94 4.81
C LYS D 542 14.52 -22.77 4.13
N GLY D 543 14.28 -22.48 2.85
CA GLY D 543 13.34 -23.26 2.05
C GLY D 543 11.89 -22.77 2.13
N CYS D 544 11.63 -21.75 2.94
CA CYS D 544 10.28 -21.21 3.13
C CYS D 544 9.25 -22.33 3.33
N PRO D 545 9.41 -23.13 4.42
CA PRO D 545 8.49 -24.26 4.60
C PRO D 545 7.10 -23.74 4.91
N PHE D 546 6.08 -24.45 4.46
CA PHE D 546 4.72 -24.09 4.80
C PHE D 546 4.55 -24.13 6.32
N THR D 547 3.80 -23.16 6.86
CA THR D 547 3.44 -23.24 8.26
C THR D 547 2.07 -22.61 8.55
N SER D 548 1.54 -22.91 9.72
CA SER D 548 0.18 -22.54 10.08
C SER D 548 0.05 -22.84 11.56
N PHE D 549 -0.98 -22.32 12.21
CA PHE D 549 -1.24 -22.65 13.59
C PHE D 549 -2.16 -23.86 13.71
N ASN D 550 -2.62 -24.39 12.58
CA ASN D 550 -3.44 -25.60 12.61
C ASN D 550 -2.89 -26.72 11.76
N VAL D 551 -3.18 -27.96 12.15
CA VAL D 551 -2.72 -29.09 11.37
C VAL D 551 -3.47 -29.10 10.03
N GLN D 552 -2.81 -29.62 9.00
CA GLN D 552 -3.36 -29.58 7.64
C GLN D 552 -4.16 -30.84 7.30
#